data_3BJ9
# 
_entry.id   3BJ9 
# 
_audit_conform.dict_name       mmcif_pdbx.dic 
_audit_conform.dict_version    5.398 
_audit_conform.dict_location   http://mmcif.pdb.org/dictionaries/ascii/mmcif_pdbx.dic 
# 
loop_
_database_2.database_id 
_database_2.database_code 
_database_2.pdbx_database_accession 
_database_2.pdbx_DOI 
PDB   3BJ9         pdb_00003bj9 10.2210/pdb3bj9/pdb 
RCSB  RCSB045588   ?            ?                   
WWPDB D_1000045588 ?            ?                   
# 
loop_
_pdbx_audit_revision_history.ordinal 
_pdbx_audit_revision_history.data_content_type 
_pdbx_audit_revision_history.major_revision 
_pdbx_audit_revision_history.minor_revision 
_pdbx_audit_revision_history.revision_date 
1 'Structure model' 1 0 2008-03-04 
2 'Structure model' 1 1 2011-07-13 
3 'Structure model' 1 2 2018-04-04 
4 'Structure model' 1 3 2019-09-04 
5 'Structure model' 1 4 2024-11-13 
# 
_pdbx_audit_revision_details.ordinal             1 
_pdbx_audit_revision_details.revision_ordinal    1 
_pdbx_audit_revision_details.data_content_type   'Structure model' 
_pdbx_audit_revision_details.provider            repository 
_pdbx_audit_revision_details.type                'Initial release' 
_pdbx_audit_revision_details.description         ? 
_pdbx_audit_revision_details.details             ? 
# 
loop_
_pdbx_audit_revision_group.ordinal 
_pdbx_audit_revision_group.revision_ordinal 
_pdbx_audit_revision_group.data_content_type 
_pdbx_audit_revision_group.group 
1  2 'Structure model' 'Version format compliance' 
2  3 'Structure model' Advisory                    
3  3 'Structure model' 'Data collection'           
4  4 'Structure model' 'Data collection'           
5  4 'Structure model' 'Derived calculations'      
6  5 'Structure model' Advisory                    
7  5 'Structure model' 'Data collection'           
8  5 'Structure model' 'Database references'       
9  5 'Structure model' 'Derived calculations'      
10 5 'Structure model' 'Structure summary'         
# 
loop_
_pdbx_audit_revision_category.ordinal 
_pdbx_audit_revision_category.revision_ordinal 
_pdbx_audit_revision_category.data_content_type 
_pdbx_audit_revision_category.category 
1  3 'Structure model' diffrn_source                
2  3 'Structure model' pdbx_unobs_or_zero_occ_atoms 
3  4 'Structure model' pdbx_struct_special_symmetry 
4  4 'Structure model' reflns                       
5  4 'Structure model' reflns_shell                 
6  5 'Structure model' chem_comp_atom               
7  5 'Structure model' chem_comp_bond               
8  5 'Structure model' database_2                   
9  5 'Structure model' pdbx_entry_details           
10 5 'Structure model' pdbx_modification_feature    
11 5 'Structure model' pdbx_unobs_or_zero_occ_atoms 
12 5 'Structure model' struct_ref_seq_dif           
13 5 'Structure model' struct_site                  
# 
loop_
_pdbx_audit_revision_item.ordinal 
_pdbx_audit_revision_item.revision_ordinal 
_pdbx_audit_revision_item.data_content_type 
_pdbx_audit_revision_item.item 
1  3 'Structure model' '_diffrn_source.type'                          
2  4 'Structure model' '_reflns.pdbx_Rsym_value'                      
3  4 'Structure model' '_reflns_shell.pdbx_Rsym_value'                
4  5 'Structure model' '_database_2.pdbx_DOI'                         
5  5 'Structure model' '_database_2.pdbx_database_accession'          
6  5 'Structure model' '_pdbx_entry_details.has_protein_modification' 
7  5 'Structure model' '_struct_ref_seq_dif.details'                  
8  5 'Structure model' '_struct_site.pdbx_auth_asym_id'               
9  5 'Structure model' '_struct_site.pdbx_auth_comp_id'               
10 5 'Structure model' '_struct_site.pdbx_auth_seq_id'                
# 
_pdbx_database_status.entry_id                        3BJ9 
_pdbx_database_status.deposit_site                    RCSB 
_pdbx_database_status.process_site                    RCSB 
_pdbx_database_status.recvd_initial_deposition_date   2007-12-03 
_pdbx_database_status.status_code                     REL 
_pdbx_database_status.status_code_sf                  REL 
_pdbx_database_status.status_code_mr                  ? 
_pdbx_database_status.SG_entry                        ? 
_pdbx_database_status.pdb_format_compatible           Y 
_pdbx_database_status.status_code_cs                  ? 
_pdbx_database_status.methods_development_category    ? 
_pdbx_database_status.status_code_nmr_data            ? 
# 
loop_
_audit_author.name 
_audit_author.pdbx_ordinal 
'Morstadt, L.M.' 1 
'Bohm, A.A.'     2 
'Stollar, B.D.'  3 
'Baleja, J.D.'   4 
# 
_citation.id                        primary 
_citation.title                     'Engineering and characterization of a single chain surrogate light chain variable domain.' 
_citation.journal_abbrev            'Protein Sci.' 
_citation.journal_volume            17 
_citation.page_first                458 
_citation.page_last                 465 
_citation.year                      2008 
_citation.journal_id_ASTM           PRCIEI 
_citation.country                   US 
_citation.journal_id_ISSN           0961-8368 
_citation.journal_id_CSD            0795 
_citation.book_publisher            ? 
_citation.pdbx_database_id_PubMed   18287279 
_citation.pdbx_database_id_DOI      10.1110/ps.073269808 
# 
loop_
_citation_author.citation_id 
_citation_author.name 
_citation_author.ordinal 
_citation_author.identifier_ORCID 
primary 'Morstadt, L.'  1 ? 
primary 'Bohm, A.'      2 ? 
primary 'Yuksel, D.'    3 ? 
primary 'Kumar, K.'     4 ? 
primary 'Stollar, B.D.' 5 ? 
primary 'Baleja, J.D.'  6 ? 
# 
loop_
_entity.id 
_entity.type 
_entity.src_method 
_entity.pdbx_description 
_entity.formula_weight 
_entity.pdbx_number_of_molecules 
_entity.pdbx_ec 
_entity.pdbx_mutation 
_entity.pdbx_fragment 
_entity.details 
1 polymer     man 'Immunoglobulin iota chain, Immunoglobulin lambda-like polypeptide 1' 12937.543 1   ? 
'Ig domain of VpreB fused to J-segment of 14.1' 
'Fusion protein consists of Ig domain of VPREB protein and J-fragment of Ig lambda-5' ? 
2 non-polymer syn 1,2-ETHANEDIOL                                                        62.068    3   ? ? ? ? 
3 water       nat water                                                                 18.015    111 ? ? ? ? 
# 
_entity_name_com.entity_id   1 
_entity_name_com.name        
;Vpre, B protein, VpreB protein, CD179a antigen, Immunoglobulin-related protein 14.1, Immunoglobulin omega polypeptide, Ig lambda-5, CD179b antigen
;
# 
_entity_poly.entity_id                      1 
_entity_poly.type                           'polypeptide(L)' 
_entity_poly.nstd_linkage                   no 
_entity_poly.nstd_monomer                   no 
_entity_poly.pdbx_seq_one_letter_code       
;VLHQPPAMSSALGTTIRLTCTLRNDHDIGVYSVYWYQQRPGHPPRFLLRYFSQSDKSQGPQVPPRFSGSKDVARNRGYLS
ISELQPEDEAMYYCAMGARSTHVFGSGTQLTVLSAA
;
_entity_poly.pdbx_seq_one_letter_code_can   
;VLHQPPAMSSALGTTIRLTCTLRNDHDIGVYSVYWYQQRPGHPPRFLLRYFSQSDKSQGPQVPPRFSGSKDVARNRGYLS
ISELQPEDEAMYYCAMGARSTHVFGSGTQLTVLSAA
;
_entity_poly.pdbx_strand_id                 1 
_entity_poly.pdbx_target_identifier         ? 
# 
loop_
_pdbx_entity_nonpoly.entity_id 
_pdbx_entity_nonpoly.name 
_pdbx_entity_nonpoly.comp_id 
2 1,2-ETHANEDIOL EDO 
3 water          HOH 
# 
loop_
_entity_poly_seq.entity_id 
_entity_poly_seq.num 
_entity_poly_seq.mon_id 
_entity_poly_seq.hetero 
1 1   VAL n 
1 2   LEU n 
1 3   HIS n 
1 4   GLN n 
1 5   PRO n 
1 6   PRO n 
1 7   ALA n 
1 8   MET n 
1 9   SER n 
1 10  SER n 
1 11  ALA n 
1 12  LEU n 
1 13  GLY n 
1 14  THR n 
1 15  THR n 
1 16  ILE n 
1 17  ARG n 
1 18  LEU n 
1 19  THR n 
1 20  CYS n 
1 21  THR n 
1 22  LEU n 
1 23  ARG n 
1 24  ASN n 
1 25  ASP n 
1 26  HIS n 
1 27  ASP n 
1 28  ILE n 
1 29  GLY n 
1 30  VAL n 
1 31  TYR n 
1 32  SER n 
1 33  VAL n 
1 34  TYR n 
1 35  TRP n 
1 36  TYR n 
1 37  GLN n 
1 38  GLN n 
1 39  ARG n 
1 40  PRO n 
1 41  GLY n 
1 42  HIS n 
1 43  PRO n 
1 44  PRO n 
1 45  ARG n 
1 46  PHE n 
1 47  LEU n 
1 48  LEU n 
1 49  ARG n 
1 50  TYR n 
1 51  PHE n 
1 52  SER n 
1 53  GLN n 
1 54  SER n 
1 55  ASP n 
1 56  LYS n 
1 57  SER n 
1 58  GLN n 
1 59  GLY n 
1 60  PRO n 
1 61  GLN n 
1 62  VAL n 
1 63  PRO n 
1 64  PRO n 
1 65  ARG n 
1 66  PHE n 
1 67  SER n 
1 68  GLY n 
1 69  SER n 
1 70  LYS n 
1 71  ASP n 
1 72  VAL n 
1 73  ALA n 
1 74  ARG n 
1 75  ASN n 
1 76  ARG n 
1 77  GLY n 
1 78  TYR n 
1 79  LEU n 
1 80  SER n 
1 81  ILE n 
1 82  SER n 
1 83  GLU n 
1 84  LEU n 
1 85  GLN n 
1 86  PRO n 
1 87  GLU n 
1 88  ASP n 
1 89  GLU n 
1 90  ALA n 
1 91  MET n 
1 92  TYR n 
1 93  TYR n 
1 94  CYS n 
1 95  ALA n 
1 96  MET n 
1 97  GLY n 
1 98  ALA n 
1 99  ARG n 
1 100 SER n 
1 101 THR n 
1 102 HIS n 
1 103 VAL n 
1 104 PHE n 
1 105 GLY n 
1 106 SER n 
1 107 GLY n 
1 108 THR n 
1 109 GLN n 
1 110 LEU n 
1 111 THR n 
1 112 VAL n 
1 113 LEU n 
1 114 SER n 
1 115 ALA n 
1 116 ALA n 
# 
_entity_src_gen.entity_id                          1 
_entity_src_gen.pdbx_src_id                        1 
_entity_src_gen.pdbx_alt_source_flag               sample 
_entity_src_gen.pdbx_seq_type                      ? 
_entity_src_gen.pdbx_beg_seq_num                   ? 
_entity_src_gen.pdbx_end_seq_num                   ? 
_entity_src_gen.gene_src_common_name               human 
_entity_src_gen.gene_src_genus                     Homo 
_entity_src_gen.pdbx_gene_src_gene                 'VPREB1, VPREB' 
_entity_src_gen.gene_src_species                   ? 
_entity_src_gen.gene_src_strain                    ? 
_entity_src_gen.gene_src_tissue                    ? 
_entity_src_gen.gene_src_tissue_fraction           ? 
_entity_src_gen.gene_src_details                   ? 
_entity_src_gen.pdbx_gene_src_fragment             ? 
_entity_src_gen.pdbx_gene_src_scientific_name      'Homo sapiens' 
_entity_src_gen.pdbx_gene_src_ncbi_taxonomy_id     9606 
_entity_src_gen.pdbx_gene_src_variant              ? 
_entity_src_gen.pdbx_gene_src_cell_line            ? 
_entity_src_gen.pdbx_gene_src_atcc                 ? 
_entity_src_gen.pdbx_gene_src_organ                ? 
_entity_src_gen.pdbx_gene_src_organelle            ? 
_entity_src_gen.pdbx_gene_src_cell                 ? 
_entity_src_gen.pdbx_gene_src_cellular_location    ? 
_entity_src_gen.host_org_common_name               ? 
_entity_src_gen.pdbx_host_org_scientific_name      'Escherichia coli' 
_entity_src_gen.pdbx_host_org_ncbi_taxonomy_id     562 
_entity_src_gen.host_org_genus                     Escherichia 
_entity_src_gen.pdbx_host_org_gene                 ? 
_entity_src_gen.pdbx_host_org_organ                ? 
_entity_src_gen.host_org_species                   ? 
_entity_src_gen.pdbx_host_org_tissue               ? 
_entity_src_gen.pdbx_host_org_tissue_fraction      ? 
_entity_src_gen.pdbx_host_org_strain               'BL21(DE)pLysE' 
_entity_src_gen.pdbx_host_org_variant              ? 
_entity_src_gen.pdbx_host_org_cell_line            ? 
_entity_src_gen.pdbx_host_org_atcc                 ? 
_entity_src_gen.pdbx_host_org_culture_collection   ? 
_entity_src_gen.pdbx_host_org_cell                 ? 
_entity_src_gen.pdbx_host_org_organelle            ? 
_entity_src_gen.pdbx_host_org_cellular_location    ? 
_entity_src_gen.pdbx_host_org_vector_type          plasmid 
_entity_src_gen.pdbx_host_org_vector               ? 
_entity_src_gen.host_org_details                   ? 
_entity_src_gen.expression_system_id               ? 
_entity_src_gen.plasmid_name                       pIg203 
_entity_src_gen.plasmid_details                    ? 
_entity_src_gen.pdbx_description                   ? 
# 
loop_
_chem_comp.id 
_chem_comp.type 
_chem_comp.mon_nstd_flag 
_chem_comp.name 
_chem_comp.pdbx_synonyms 
_chem_comp.formula 
_chem_comp.formula_weight 
ALA 'L-peptide linking' y ALANINE         ?                 'C3 H7 N O2'     89.093  
ARG 'L-peptide linking' y ARGININE        ?                 'C6 H15 N4 O2 1' 175.209 
ASN 'L-peptide linking' y ASPARAGINE      ?                 'C4 H8 N2 O3'    132.118 
ASP 'L-peptide linking' y 'ASPARTIC ACID' ?                 'C4 H7 N O4'     133.103 
CYS 'L-peptide linking' y CYSTEINE        ?                 'C3 H7 N O2 S'   121.158 
EDO non-polymer         . 1,2-ETHANEDIOL  'ETHYLENE GLYCOL' 'C2 H6 O2'       62.068  
GLN 'L-peptide linking' y GLUTAMINE       ?                 'C5 H10 N2 O3'   146.144 
GLU 'L-peptide linking' y 'GLUTAMIC ACID' ?                 'C5 H9 N O4'     147.129 
GLY 'peptide linking'   y GLYCINE         ?                 'C2 H5 N O2'     75.067  
HIS 'L-peptide linking' y HISTIDINE       ?                 'C6 H10 N3 O2 1' 156.162 
HOH non-polymer         . WATER           ?                 'H2 O'           18.015  
ILE 'L-peptide linking' y ISOLEUCINE      ?                 'C6 H13 N O2'    131.173 
LEU 'L-peptide linking' y LEUCINE         ?                 'C6 H13 N O2'    131.173 
LYS 'L-peptide linking' y LYSINE          ?                 'C6 H15 N2 O2 1' 147.195 
MET 'L-peptide linking' y METHIONINE      ?                 'C5 H11 N O2 S'  149.211 
PHE 'L-peptide linking' y PHENYLALANINE   ?                 'C9 H11 N O2'    165.189 
PRO 'L-peptide linking' y PROLINE         ?                 'C5 H9 N O2'     115.130 
SER 'L-peptide linking' y SERINE          ?                 'C3 H7 N O3'     105.093 
THR 'L-peptide linking' y THREONINE       ?                 'C4 H9 N O3'     119.119 
TRP 'L-peptide linking' y TRYPTOPHAN      ?                 'C11 H12 N2 O2'  204.225 
TYR 'L-peptide linking' y TYROSINE        ?                 'C9 H11 N O3'    181.189 
VAL 'L-peptide linking' y VALINE          ?                 'C5 H11 N O2'    117.146 
# 
loop_
_pdbx_poly_seq_scheme.asym_id 
_pdbx_poly_seq_scheme.entity_id 
_pdbx_poly_seq_scheme.seq_id 
_pdbx_poly_seq_scheme.mon_id 
_pdbx_poly_seq_scheme.ndb_seq_num 
_pdbx_poly_seq_scheme.pdb_seq_num 
_pdbx_poly_seq_scheme.auth_seq_num 
_pdbx_poly_seq_scheme.pdb_mon_id 
_pdbx_poly_seq_scheme.auth_mon_id 
_pdbx_poly_seq_scheme.pdb_strand_id 
_pdbx_poly_seq_scheme.pdb_ins_code 
_pdbx_poly_seq_scheme.hetero 
A 1 1   VAL 1   3   3   VAL VAL 1 . n 
A 1 2   LEU 2   4   4   LEU LEU 1 . n 
A 1 3   HIS 3   5   5   HIS HIS 1 . n 
A 1 4   GLN 4   6   6   GLN GLN 1 . n 
A 1 5   PRO 5   7   7   PRO PRO 1 . n 
A 1 6   PRO 6   8   8   PRO PRO 1 . n 
A 1 7   ALA 7   9   9   ALA ALA 1 . n 
A 1 8   MET 8   10  10  MET MET 1 . n 
A 1 9   SER 9   11  11  SER SER 1 . n 
A 1 10  SER 10  12  12  SER SER 1 . n 
A 1 11  ALA 11  13  13  ALA ALA 1 . n 
A 1 12  LEU 12  14  14  LEU LEU 1 . n 
A 1 13  GLY 13  15  15  GLY GLY 1 . n 
A 1 14  THR 14  16  16  THR THR 1 . n 
A 1 15  THR 15  17  17  THR THR 1 . n 
A 1 16  ILE 16  18  18  ILE ILE 1 . n 
A 1 17  ARG 17  19  19  ARG ARG 1 . n 
A 1 18  LEU 18  20  20  LEU LEU 1 . n 
A 1 19  THR 19  21  21  THR THR 1 . n 
A 1 20  CYS 20  22  22  CYS CYS 1 . n 
A 1 21  THR 21  23  23  THR THR 1 . n 
A 1 22  LEU 22  24  24  LEU LEU 1 . n 
A 1 23  ARG 23  25  25  ARG ARG 1 . n 
A 1 24  ASN 24  26  26  ASN ASN 1 . n 
A 1 25  ASP 25  27  27  ASP ASP 1 . n 
A 1 26  HIS 26  28  28  HIS HIS 1 . n 
A 1 27  ASP 27  29  29  ASP ASP 1 . n 
A 1 28  ILE 28  30  30  ILE ILE 1 . n 
A 1 29  GLY 29  31  31  GLY GLY 1 . n 
A 1 30  VAL 30  32  32  VAL VAL 1 . n 
A 1 31  TYR 31  33  33  TYR TYR 1 . n 
A 1 32  SER 32  34  34  SER SER 1 . n 
A 1 33  VAL 33  35  35  VAL VAL 1 . n 
A 1 34  TYR 34  36  36  TYR TYR 1 . n 
A 1 35  TRP 35  37  37  TRP TRP 1 . n 
A 1 36  TYR 36  38  38  TYR TYR 1 . n 
A 1 37  GLN 37  39  39  GLN GLN 1 . n 
A 1 38  GLN 38  40  40  GLN GLN 1 . n 
A 1 39  ARG 39  41  41  ARG ARG 1 . n 
A 1 40  PRO 40  42  42  PRO PRO 1 . n 
A 1 41  GLY 41  43  43  GLY GLY 1 . n 
A 1 42  HIS 42  44  44  HIS HIS 1 . n 
A 1 43  PRO 43  45  45  PRO PRO 1 . n 
A 1 44  PRO 44  46  46  PRO PRO 1 . n 
A 1 45  ARG 45  47  47  ARG ARG 1 . n 
A 1 46  PHE 46  48  48  PHE PHE 1 . n 
A 1 47  LEU 47  49  49  LEU LEU 1 . n 
A 1 48  LEU 48  50  50  LEU LEU 1 . n 
A 1 49  ARG 49  51  51  ARG ARG 1 . n 
A 1 50  TYR 50  52  52  TYR TYR 1 . n 
A 1 51  PHE 51  53  53  PHE PHE 1 . n 
A 1 52  SER 52  54  54  SER SER 1 . n 
A 1 53  GLN 53  55  55  GLN GLN 1 . n 
A 1 54  SER 54  56  56  SER SER 1 . n 
A 1 55  ASP 55  57  57  ASP ASP 1 . n 
A 1 56  LYS 56  58  58  LYS LYS 1 . n 
A 1 57  SER 57  59  59  SER SER 1 . n 
A 1 58  GLN 58  60  60  GLN GLN 1 . n 
A 1 59  GLY 59  61  61  GLY GLY 1 . n 
A 1 60  PRO 60  62  62  PRO PRO 1 . n 
A 1 61  GLN 61  63  63  GLN GLN 1 . n 
A 1 62  VAL 62  64  64  VAL VAL 1 . n 
A 1 63  PRO 63  65  65  PRO PRO 1 . n 
A 1 64  PRO 64  66  66  PRO PRO 1 . n 
A 1 65  ARG 65  67  67  ARG ARG 1 . n 
A 1 66  PHE 66  68  68  PHE PHE 1 . n 
A 1 67  SER 67  69  69  SER SER 1 . n 
A 1 68  GLY 68  70  70  GLY GLY 1 . n 
A 1 69  SER 69  71  71  SER SER 1 . n 
A 1 70  LYS 70  72  72  LYS LYS 1 . n 
A 1 71  ASP 71  73  73  ASP ASP 1 . n 
A 1 72  VAL 72  74  74  VAL VAL 1 . n 
A 1 73  ALA 73  75  75  ALA ALA 1 . n 
A 1 74  ARG 74  76  76  ARG ARG 1 . n 
A 1 75  ASN 75  77  77  ASN ASN 1 . n 
A 1 76  ARG 76  78  78  ARG ARG 1 . n 
A 1 77  GLY 77  79  79  GLY GLY 1 . n 
A 1 78  TYR 78  80  80  TYR TYR 1 . n 
A 1 79  LEU 79  81  81  LEU LEU 1 . n 
A 1 80  SER 80  82  82  SER SER 1 . n 
A 1 81  ILE 81  83  83  ILE ILE 1 . n 
A 1 82  SER 82  84  84  SER SER 1 . n 
A 1 83  GLU 83  85  85  GLU GLU 1 . n 
A 1 84  LEU 84  86  86  LEU LEU 1 . n 
A 1 85  GLN 85  87  87  GLN GLN 1 . n 
A 1 86  PRO 86  88  88  PRO PRO 1 . n 
A 1 87  GLU 87  89  89  GLU GLU 1 . n 
A 1 88  ASP 88  90  90  ASP ASP 1 . n 
A 1 89  GLU 89  91  91  GLU GLU 1 . n 
A 1 90  ALA 90  92  92  ALA ALA 1 . n 
A 1 91  MET 91  93  93  MET MET 1 . n 
A 1 92  TYR 92  94  94  TYR TYR 1 . n 
A 1 93  TYR 93  95  95  TYR TYR 1 . n 
A 1 94  CYS 94  96  96  CYS CYS 1 . n 
A 1 95  ALA 95  97  97  ALA ALA 1 . n 
A 1 96  MET 96  98  98  MET MET 1 . n 
A 1 97  GLY 97  99  99  GLY GLY 1 . n 
A 1 98  ALA 98  100 100 ALA ALA 1 . n 
A 1 99  ARG 99  101 101 ARG ARG 1 . n 
A 1 100 SER 100 102 102 SER SER 1 . n 
A 1 101 THR 101 103 103 THR THR 1 . n 
A 1 102 HIS 102 104 104 HIS HIS 1 . n 
A 1 103 VAL 103 105 105 VAL VAL 1 . n 
A 1 104 PHE 104 106 106 PHE PHE 1 . n 
A 1 105 GLY 105 107 107 GLY GLY 1 . n 
A 1 106 SER 106 108 108 SER SER 1 . n 
A 1 107 GLY 107 109 109 GLY GLY 1 . n 
A 1 108 THR 108 110 110 THR THR 1 . n 
A 1 109 GLN 109 111 111 GLN GLN 1 . n 
A 1 110 LEU 110 112 112 LEU LEU 1 . n 
A 1 111 THR 111 113 113 THR THR 1 . n 
A 1 112 VAL 112 114 114 VAL VAL 1 . n 
A 1 113 LEU 113 115 115 LEU LEU 1 . n 
A 1 114 SER 114 116 116 SER SER 1 . n 
A 1 115 ALA 115 117 117 ALA ALA 1 . n 
A 1 116 ALA 116 118 118 ALA ALA 1 . n 
# 
loop_
_pdbx_nonpoly_scheme.asym_id 
_pdbx_nonpoly_scheme.entity_id 
_pdbx_nonpoly_scheme.mon_id 
_pdbx_nonpoly_scheme.ndb_seq_num 
_pdbx_nonpoly_scheme.pdb_seq_num 
_pdbx_nonpoly_scheme.auth_seq_num 
_pdbx_nonpoly_scheme.pdb_mon_id 
_pdbx_nonpoly_scheme.auth_mon_id 
_pdbx_nonpoly_scheme.pdb_strand_id 
_pdbx_nonpoly_scheme.pdb_ins_code 
B 2 EDO 1   1   1  EDO EDO 1 . 
C 2 EDO 1   119 1  EDO EDO 1 . 
D 2 EDO 1   120 1  EDO EDO 1 . 
E 3 HOH 1   121 4  HOH HOH 1 . 
E 3 HOH 2   122 6  HOH HOH 1 . 
E 3 HOH 3   123 7  HOH HOH 1 . 
E 3 HOH 4   124 9  HOH HOH 1 . 
E 3 HOH 5   125 11 HOH HOH 1 . 
E 3 HOH 6   126 16 HOH HOH 1 . 
E 3 HOH 7   127 17 HOH HOH 1 . 
E 3 HOH 8   128 18 HOH HOH 1 . 
E 3 HOH 9   129 19 HOH HOH 1 . 
E 3 HOH 10  130 20 HOH HOH 1 . 
E 3 HOH 11  131 21 HOH HOH 1 . 
E 3 HOH 12  132 22 HOH HOH 1 . 
E 3 HOH 13  133 23 HOH HOH 1 . 
E 3 HOH 14  134 24 HOH HOH 1 . 
E 3 HOH 15  135 25 HOH HOH 1 . 
E 3 HOH 16  136 26 HOH HOH 1 . 
E 3 HOH 17  137 27 HOH HOH 1 . 
E 3 HOH 18  138 28 HOH HOH 1 . 
E 3 HOH 19  139 29 HOH HOH 1 . 
E 3 HOH 20  140 30 HOH HOH 1 . 
E 3 HOH 21  141 31 HOH HOH 1 . 
E 3 HOH 22  142 32 HOH HOH 1 . 
E 3 HOH 23  143 35 HOH HOH 1 . 
E 3 HOH 24  144 37 HOH HOH 1 . 
E 3 HOH 25  145 38 HOH HOH 1 . 
E 3 HOH 26  146 42 HOH HOH 1 . 
E 3 HOH 27  147 43 HOH HOH 1 . 
E 3 HOH 28  148 44 HOH HOH 1 . 
E 3 HOH 29  149 46 HOH HOH 1 . 
E 3 HOH 30  150 47 HOH HOH 1 . 
E 3 HOH 31  151 50 HOH HOH 1 . 
E 3 HOH 32  152 51 HOH HOH 1 . 
E 3 HOH 33  153 52 HOH HOH 1 . 
E 3 HOH 34  154 53 HOH HOH 1 . 
E 3 HOH 35  155 54 HOH HOH 1 . 
E 3 HOH 36  156 55 HOH HOH 1 . 
E 3 HOH 37  157 56 HOH HOH 1 . 
E 3 HOH 38  158 58 HOH HOH 1 . 
E 3 HOH 39  159 60 HOH HOH 1 . 
E 3 HOH 40  160 61 HOH HOH 1 . 
E 3 HOH 41  161 63 HOH HOH 1 . 
E 3 HOH 42  162 64 HOH HOH 1 . 
E 3 HOH 43  163 65 HOH HOH 1 . 
E 3 HOH 44  164 68 HOH HOH 1 . 
E 3 HOH 45  165 69 HOH HOH 1 . 
E 3 HOH 46  166 70 HOH HOH 1 . 
E 3 HOH 47  167 71 HOH HOH 1 . 
E 3 HOH 48  168 72 HOH HOH 1 . 
E 3 HOH 49  169 74 HOH HOH 1 . 
E 3 HOH 50  170 75 HOH HOH 1 . 
E 3 HOH 51  171 77 HOH HOH 1 . 
E 3 HOH 52  172 78 HOH HOH 1 . 
E 3 HOH 53  173 79 HOH HOH 1 . 
E 3 HOH 54  174 80 HOH HOH 1 . 
E 3 HOH 55  175 82 HOH HOH 1 . 
E 3 HOH 56  176 83 HOH HOH 1 . 
E 3 HOH 57  177 84 HOH HOH 1 . 
E 3 HOH 58  178 85 HOH HOH 1 . 
E 3 HOH 59  179 86 HOH HOH 1 . 
E 3 HOH 60  180 87 HOH HOH 1 . 
E 3 HOH 61  181 88 HOH HOH 1 . 
E 3 HOH 62  182 90 HOH HOH 1 . 
E 3 HOH 63  183 92 HOH HOH 1 . 
E 3 HOH 64  184 93 HOH HOH 1 . 
E 3 HOH 65  185 94 HOH HOH 1 . 
E 3 HOH 66  186 95 HOH HOH 1 . 
E 3 HOH 67  187 96 HOH HOH 1 . 
E 3 HOH 68  188 2  HOH HOH 1 . 
E 3 HOH 69  189 3  HOH HOH 1 . 
E 3 HOH 70  190 4  HOH HOH 1 . 
E 3 HOH 71  191 7  HOH HOH 1 . 
E 3 HOH 72  192 8  HOH HOH 1 . 
E 3 HOH 73  193 10 HOH HOH 1 . 
E 3 HOH 74  194 3  HOH HOH 1 . 
E 3 HOH 75  195 4  HOH HOH 1 . 
E 3 HOH 76  196 6  HOH HOH 1 . 
E 3 HOH 77  197 7  HOH HOH 1 . 
E 3 HOH 78  198 8  HOH HOH 1 . 
E 3 HOH 79  199 9  HOH HOH 1 . 
E 3 HOH 80  200 11 HOH HOH 1 . 
E 3 HOH 81  201 13 HOH HOH 1 . 
E 3 HOH 82  202 14 HOH HOH 1 . 
E 3 HOH 83  203 15 HOH HOH 1 . 
E 3 HOH 84  204 16 HOH HOH 1 . 
E 3 HOH 85  205 19 HOH HOH 1 . 
E 3 HOH 86  206 20 HOH HOH 1 . 
E 3 HOH 87  207 22 HOH HOH 1 . 
E 3 HOH 88  208 23 HOH HOH 1 . 
E 3 HOH 89  209 26 HOH HOH 1 . 
E 3 HOH 90  210 27 HOH HOH 1 . 
E 3 HOH 91  211 36 HOH HOH 1 . 
E 3 HOH 92  212 39 HOH HOH 1 . 
E 3 HOH 93  213 45 HOH HOH 1 . 
E 3 HOH 94  214 53 HOH HOH 1 . 
E 3 HOH 95  215 59 HOH HOH 1 . 
E 3 HOH 96  216 60 HOH HOH 1 . 
E 3 HOH 97  217 62 HOH HOH 1 . 
E 3 HOH 98  218 64 HOH HOH 1 . 
E 3 HOH 99  219 65 HOH HOH 1 . 
E 3 HOH 100 220 67 HOH HOH 1 . 
E 3 HOH 101 221 3  HOH HOH 1 . 
E 3 HOH 102 222 4  HOH HOH 1 . 
E 3 HOH 103 223 5  HOH HOH 1 . 
E 3 HOH 104 224 6  HOH HOH 1 . 
E 3 HOH 105 225 11 HOH HOH 1 . 
E 3 HOH 106 226 18 HOH HOH 1 . 
E 3 HOH 107 227 1  HOH HOH 1 . 
E 3 HOH 108 228 1  HOH HOH 1 . 
E 3 HOH 109 229 2  HOH HOH 1 . 
E 3 HOH 110 230 3  HOH HOH 1 . 
E 3 HOH 111 231 6  HOH HOH 1 . 
# 
_pdbx_unobs_or_zero_occ_atoms.id               1 
_pdbx_unobs_or_zero_occ_atoms.PDB_model_num    1 
_pdbx_unobs_or_zero_occ_atoms.polymer_flag     Y 
_pdbx_unobs_or_zero_occ_atoms.occupancy_flag   0 
_pdbx_unobs_or_zero_occ_atoms.auth_asym_id     1 
_pdbx_unobs_or_zero_occ_atoms.auth_comp_id     ARG 
_pdbx_unobs_or_zero_occ_atoms.auth_seq_id      101 
_pdbx_unobs_or_zero_occ_atoms.PDB_ins_code     ? 
_pdbx_unobs_or_zero_occ_atoms.auth_atom_id     NH2 
_pdbx_unobs_or_zero_occ_atoms.label_alt_id     A 
_pdbx_unobs_or_zero_occ_atoms.label_asym_id    A 
_pdbx_unobs_or_zero_occ_atoms.label_comp_id    ARG 
_pdbx_unobs_or_zero_occ_atoms.label_seq_id     99 
_pdbx_unobs_or_zero_occ_atoms.label_atom_id    NH2 
# 
loop_
_software.name 
_software.version 
_software.date 
_software.type 
_software.contact_author 
_software.contact_author_email 
_software.classification 
_software.location 
_software.language 
_software.citation_id 
_software.pdbx_ordinal 
MOSFLM      .        ?                    package 'A.G.W. Leslie'   andrew@mrc-lmb.cam.ac.uk 'data reduction'  
http://www.mrc-lmb.cam.ac.uk/harry/mosflm/  ?          ? 1 
MOLREP      .        ?                    other   'A. Vagin'        alexei@ysbl.york.ac.uk   phasing           
http://www.ccp4.ac.uk/dist/html/molrep.html Fortran_77 ? 2 
REFMAC      5.2.0003 ?                    program 'Murshudov, G.N.' ccp4@dl.ac.uk            refinement        
http://www.ccp4.ac.uk/main.html             Fortran_77 ? 3 
PDB_EXTRACT 3.004    'September 10, 2007' package PDB               sw-help@rcsb.rutgers.edu 'data extraction' 
http://pdb.rutgers.edu/software/            C++        ? 4 
SCALA       .        ?                    ?       ?                 ?                        'data scaling'    ? ?          ? 5 
# 
_cell.entry_id           3BJ9 
_cell.length_a           43.811 
_cell.length_b           67.176 
_cell.length_c           99.830 
_cell.angle_alpha        90.00 
_cell.angle_beta         90.00 
_cell.angle_gamma        90.00 
_cell.Z_PDB              8 
_cell.pdbx_unique_axis   ? 
_cell.length_a_esd       ? 
_cell.length_b_esd       ? 
_cell.length_c_esd       ? 
_cell.angle_alpha_esd    ? 
_cell.angle_beta_esd     ? 
_cell.angle_gamma_esd    ? 
# 
_symmetry.entry_id                         3BJ9 
_symmetry.space_group_name_H-M             'I 2 2 2' 
_symmetry.pdbx_full_space_group_name_H-M   ? 
_symmetry.cell_setting                     ? 
_symmetry.Int_Tables_number                23 
_symmetry.space_group_name_Hall            ? 
# 
_exptl.entry_id          3BJ9 
_exptl.method            'X-RAY DIFFRACTION' 
_exptl.crystals_number   1 
# 
_exptl_crystal.id                    1 
_exptl_crystal.density_meas          ? 
_exptl_crystal.density_Matthews      2.84 
_exptl_crystal.density_percent_sol   56.62 
_exptl_crystal.description           ? 
_exptl_crystal.F_000                 ? 
_exptl_crystal.preparation           ? 
# 
_exptl_crystal_grow.crystal_id      1 
_exptl_crystal_grow.method          'VAPOR DIFFUSION, HANGING DROP' 
_exptl_crystal_grow.temp            277 
_exptl_crystal_grow.temp_details    ? 
_exptl_crystal_grow.pH              6.5 
_exptl_crystal_grow.pdbx_details    
;0.1M Imidazole, 
1M Sodium acetate, pH 6.5, VAPOR DIFFUSION, HANGING DROP, temperature 277K
;
_exptl_crystal_grow.pdbx_pH_range   . 
# 
_diffrn.id                     1 
_diffrn.ambient_temp           100 
_diffrn.ambient_temp_details   ? 
_diffrn.crystal_id             1 
# 
_diffrn_detector.diffrn_id              1 
_diffrn_detector.detector               CCD 
_diffrn_detector.type                   OXFORD 
_diffrn_detector.pdbx_collection_date   2006-11-30 
_diffrn_detector.details                mirrors 
# 
_diffrn_radiation.diffrn_id                        1 
_diffrn_radiation.wavelength_id                    1 
_diffrn_radiation.pdbx_monochromatic_or_laue_m_l   M 
_diffrn_radiation.monochromator                    . 
_diffrn_radiation.pdbx_diffrn_protocol             'SINGLE WAVELENGTH' 
_diffrn_radiation.pdbx_scattering_type             x-ray 
# 
_diffrn_radiation_wavelength.id           1 
_diffrn_radiation_wavelength.wavelength   1.5418 
_diffrn_radiation_wavelength.wt           1.0 
# 
_diffrn_source.diffrn_id                   1 
_diffrn_source.source                      'SEALED TUBE' 
_diffrn_source.type                        'OXFORD DIFFRACTION ENHANCE ULTRA' 
_diffrn_source.pdbx_synchrotron_site       ? 
_diffrn_source.pdbx_synchrotron_beamline   ? 
_diffrn_source.pdbx_wavelength             1.5418 
_diffrn_source.pdbx_wavelength_list        ? 
# 
_reflns.entry_id                     3BJ9 
_reflns.observed_criterion_sigma_I   0 
_reflns.observed_criterion_sigma_F   0 
_reflns.d_resolution_low             55.73 
_reflns.d_resolution_high            2 
_reflns.number_obs                   9712 
_reflns.number_all                   9774 
_reflns.percent_possible_obs         99.36 
_reflns.pdbx_Rmerge_I_obs            0.09 
_reflns.pdbx_Rsym_value              ? 
_reflns.pdbx_netI_over_sigmaI        17.5 
_reflns.B_iso_Wilson_estimate        ? 
_reflns.pdbx_redundancy              7.7 
_reflns.R_free_details               ? 
_reflns.limit_h_max                  ? 
_reflns.limit_h_min                  ? 
_reflns.limit_k_max                  ? 
_reflns.limit_k_min                  ? 
_reflns.limit_l_max                  ? 
_reflns.limit_l_min                  ? 
_reflns.observed_criterion_F_max     ? 
_reflns.observed_criterion_F_min     ? 
_reflns.pdbx_chi_squared             ? 
_reflns.pdbx_scaling_rejects         ? 
_reflns.pdbx_diffrn_id               1 
_reflns.pdbx_ordinal                 1 
_reflns.pdbx_CC_half                 ? 
_reflns.pdbx_Rpim_I_all              ? 
_reflns.pdbx_Rrim_I_all              ? 
# 
_reflns_shell.d_res_high             2.000 
_reflns_shell.d_res_low              2.050 
_reflns_shell.percent_possible_all   92.38 
_reflns_shell.Rmerge_I_obs           0.235 
_reflns_shell.pdbx_Rsym_value        ? 
_reflns_shell.meanI_over_sigI_obs    7.3 
_reflns_shell.pdbx_redundancy        5.6 
_reflns_shell.percent_possible_obs   ? 
_reflns_shell.number_unique_all      ? 
_reflns_shell.number_measured_all    ? 
_reflns_shell.number_measured_obs    ? 
_reflns_shell.number_unique_obs      ? 
_reflns_shell.pdbx_chi_squared       ? 
_reflns_shell.pdbx_diffrn_id         ? 
_reflns_shell.pdbx_ordinal           1 
_reflns_shell.pdbx_CC_half           ? 
_reflns_shell.pdbx_Rpim_I_all        ? 
_reflns_shell.pdbx_Rrim_I_all        ? 
# 
_refine.entry_id                                 3BJ9 
_refine.ls_number_reflns_obs                     9712 
_refine.ls_number_reflns_all                     9774 
_refine.pdbx_ls_sigma_I                          ? 
_refine.pdbx_ls_sigma_F                          ? 
_refine.pdbx_data_cutoff_high_absF               ? 
_refine.pdbx_data_cutoff_low_absF                ? 
_refine.pdbx_data_cutoff_high_rms_absF           ? 
_refine.ls_d_res_low                             15.97 
_refine.ls_d_res_high                            2.00 
_refine.ls_percent_reflns_obs                    99.36 
_refine.ls_R_factor_obs                          0.18338 
_refine.ls_R_factor_all                          ? 
_refine.ls_R_factor_R_work                       0.18096 
_refine.ls_R_factor_R_free                       0.23015 
_refine.ls_R_factor_R_free_error                 ? 
_refine.ls_R_factor_R_free_error_details         ? 
_refine.ls_percent_reflns_R_free                 5.1 
_refine.ls_number_reflns_R_free                  519 
_refine.ls_number_parameters                     ? 
_refine.ls_number_restraints                     ? 
_refine.occupancy_min                            ? 
_refine.occupancy_max                            ? 
_refine.correlation_coeff_Fo_to_Fc               0.939 
_refine.correlation_coeff_Fo_to_Fc_free          0.895 
_refine.B_iso_mean                               14.819 
_refine.aniso_B[1][1]                            -0.05 
_refine.aniso_B[2][2]                            0.08 
_refine.aniso_B[3][3]                            -0.03 
_refine.aniso_B[1][2]                            0.00 
_refine.aniso_B[1][3]                            0.00 
_refine.aniso_B[2][3]                            0.00 
_refine.solvent_model_details                    MASK 
_refine.solvent_model_param_ksol                 ? 
_refine.solvent_model_param_bsol                 ? 
_refine.pdbx_solvent_vdw_probe_radii             1.20 
_refine.pdbx_solvent_ion_probe_radii             0.80 
_refine.pdbx_solvent_shrinkage_radii             0.80 
_refine.pdbx_ls_cross_valid_method               THROUGHOUT 
_refine.details                                  'HYDROGENS HAVE BEEN ADDED IN THE RIDING POSITIONS' 
_refine.pdbx_starting_model                      ? 
_refine.pdbx_method_to_determine_struct          'MOLECULAR REPLACEMENT' 
_refine.pdbx_isotropic_thermal_model             ? 
_refine.pdbx_stereochemistry_target_values       'MAXIMUM LIKELIHOOD' 
_refine.pdbx_stereochem_target_val_spec_case     ? 
_refine.pdbx_R_Free_selection_details            RANDOM 
_refine.pdbx_overall_ESU_R                       0.165 
_refine.pdbx_overall_ESU_R_Free                  0.157 
_refine.overall_SU_ML                            0.094 
_refine.overall_SU_B                             3.250 
_refine.ls_redundancy_reflns_obs                 ? 
_refine.B_iso_min                                ? 
_refine.B_iso_max                                ? 
_refine.overall_SU_R_Cruickshank_DPI             ? 
_refine.overall_SU_R_free                        ? 
_refine.ls_wR_factor_R_free                      ? 
_refine.ls_wR_factor_R_work                      ? 
_refine.overall_FOM_free_R_set                   ? 
_refine.overall_FOM_work_R_set                   ? 
_refine.pdbx_overall_phase_error                 ? 
_refine.pdbx_refine_id                           'X-RAY DIFFRACTION' 
_refine.pdbx_diffrn_id                           1 
_refine.pdbx_TLS_residual_ADP_flag               ? 
_refine.pdbx_overall_SU_R_free_Cruickshank_DPI   ? 
_refine.pdbx_overall_SU_R_Blow_DPI               ? 
_refine.pdbx_overall_SU_R_free_Blow_DPI          ? 
# 
_refine_hist.pdbx_refine_id                   'X-RAY DIFFRACTION' 
_refine_hist.cycle_id                         LAST 
_refine_hist.pdbx_number_atoms_protein        960 
_refine_hist.pdbx_number_atoms_nucleic_acid   0 
_refine_hist.pdbx_number_atoms_ligand         12 
_refine_hist.number_atoms_solvent             111 
_refine_hist.number_atoms_total               1083 
_refine_hist.d_res_high                       2.00 
_refine_hist.d_res_low                        15.97 
# 
loop_
_refine_ls_restr.type 
_refine_ls_restr.dev_ideal 
_refine_ls_restr.dev_ideal_target 
_refine_ls_restr.weight 
_refine_ls_restr.number 
_refine_ls_restr.pdbx_refine_id 
_refine_ls_restr.pdbx_restraint_function 
r_bond_refined_d             0.011  0.021  ? 1000 'X-RAY DIFFRACTION' ? 
r_bond_other_d               ?      ?      ? ?    'X-RAY DIFFRACTION' ? 
r_angle_refined_deg          1.622  1.941  ? 1361 'X-RAY DIFFRACTION' ? 
r_angle_other_deg            ?      ?      ? ?    'X-RAY DIFFRACTION' ? 
r_dihedral_angle_1_deg       15.567 5.000  ? 129  'X-RAY DIFFRACTION' ? 
r_dihedral_angle_2_deg       31.453 22.500 ? 48   'X-RAY DIFFRACTION' ? 
r_dihedral_angle_3_deg       14.724 15.000 ? 158  'X-RAY DIFFRACTION' ? 
r_dihedral_angle_4_deg       12.762 15.000 ? 11   'X-RAY DIFFRACTION' ? 
r_chiral_restr               0.134  0.200  ? 141  'X-RAY DIFFRACTION' ? 
r_gen_planes_refined         0.005  0.020  ? 792  'X-RAY DIFFRACTION' ? 
r_gen_planes_other           ?      ?      ? ?    'X-RAY DIFFRACTION' ? 
r_nbd_refined                0.221  0.200  ? 438  'X-RAY DIFFRACTION' ? 
r_nbd_other                  ?      ?      ? ?    'X-RAY DIFFRACTION' ? 
r_nbtor_refined              0.307  0.200  ? 655  'X-RAY DIFFRACTION' ? 
r_nbtor_other                ?      ?      ? ?    'X-RAY DIFFRACTION' ? 
r_xyhbond_nbd_refined        0.197  0.200  ? 110  'X-RAY DIFFRACTION' ? 
r_xyhbond_nbd_other          ?      ?      ? ?    'X-RAY DIFFRACTION' ? 
r_metal_ion_refined          ?      ?      ? ?    'X-RAY DIFFRACTION' ? 
r_metal_ion_other            ?      ?      ? ?    'X-RAY DIFFRACTION' ? 
r_symmetry_vdw_refined       0.281  0.200  ? 50   'X-RAY DIFFRACTION' ? 
r_symmetry_vdw_other         ?      ?      ? ?    'X-RAY DIFFRACTION' ? 
r_symmetry_hbond_refined     0.179  0.200  ? 18   'X-RAY DIFFRACTION' ? 
r_symmetry_hbond_other       ?      ?      ? ?    'X-RAY DIFFRACTION' ? 
r_symmetry_metal_ion_refined ?      ?      ? ?    'X-RAY DIFFRACTION' ? 
r_symmetry_metal_ion_other   ?      ?      ? ?    'X-RAY DIFFRACTION' ? 
r_mcbond_it                  0.831  1.500  ? 632  'X-RAY DIFFRACTION' ? 
r_mcbond_other               ?      ?      ? ?    'X-RAY DIFFRACTION' ? 
r_mcangle_it                 1.344  2.000  ? 989  'X-RAY DIFFRACTION' ? 
r_scbond_it                  1.754  3.000  ? 425  'X-RAY DIFFRACTION' ? 
r_scangle_it                 2.544  4.500  ? 368  'X-RAY DIFFRACTION' ? 
r_rigid_bond_restr           ?      ?      ? ?    'X-RAY DIFFRACTION' ? 
r_sphericity_free            ?      ?      ? ?    'X-RAY DIFFRACTION' ? 
r_sphericity_bonded          ?      ?      ? ?    'X-RAY DIFFRACTION' ? 
# 
_refine_ls_shell.pdbx_total_number_of_bins_used   20 
_refine_ls_shell.d_res_high                       2.000 
_refine_ls_shell.d_res_low                        2.050 
_refine_ls_shell.number_reflns_R_work             635 
_refine_ls_shell.R_factor_R_work                  0.183 
_refine_ls_shell.percent_reflns_obs               92.38 
_refine_ls_shell.R_factor_R_free                  0.237 
_refine_ls_shell.R_factor_R_free_error            ? 
_refine_ls_shell.percent_reflns_R_free            ? 
_refine_ls_shell.number_reflns_R_free             44 
_refine_ls_shell.number_reflns_all                ? 
_refine_ls_shell.R_factor_all                     ? 
_refine_ls_shell.redundancy_reflns_obs            ? 
_refine_ls_shell.number_reflns_obs                ? 
_refine_ls_shell.pdbx_refine_id                   'X-RAY DIFFRACTION' 
_refine_ls_shell.R_factor_obs                     ? 
# 
_struct.entry_id                  3BJ9 
_struct.title                     'Crystal structure of the Surrogate Light Chain Variable Domain VpreBJ' 
_struct.pdbx_model_details        ? 
_struct.pdbx_CASP_flag            ? 
_struct.pdbx_model_type_details   ? 
# 
_struct_keywords.entry_id        3BJ9 
_struct_keywords.pdbx_keywords   'IMMUNE SYSTEM' 
_struct_keywords.text            'immunoglobulin domain, beta sheet, Polymorphism, IMMUNE SYSTEM' 
# 
loop_
_struct_asym.id 
_struct_asym.pdbx_blank_PDB_chainid_flag 
_struct_asym.pdbx_modified 
_struct_asym.entity_id 
_struct_asym.details 
A N N 1 ? 
B N N 2 ? 
C N N 2 ? 
D N N 2 ? 
E N N 3 ? 
# 
_struct_ref.id                         1 
_struct_ref.db_name                    UNP 
_struct_ref.db_code                    VPREB_HUMAN 
_struct_ref.pdbx_db_accession          P12018 
_struct_ref.entity_id                  1 
_struct_ref.pdbx_seq_one_letter_code   
;VLHQPPAMSSALGTTIRLTCTLRNDHDIGVYSVYWYQQRPGHPPRFLLRYFSQSDKSQGPQVPPRFSGSKDVARNRGYLS
ISELQPEDEAMYYCAMGARSS
;
_struct_ref.pdbx_align_begin           22 
_struct_ref.pdbx_db_isoform            ? 
# 
_struct_ref_seq.align_id                      1 
_struct_ref_seq.ref_id                        1 
_struct_ref_seq.pdbx_PDB_id_code              3BJ9 
_struct_ref_seq.pdbx_strand_id                1 
_struct_ref_seq.seq_align_beg                 1 
_struct_ref_seq.pdbx_seq_align_beg_ins_code   ? 
_struct_ref_seq.seq_align_end                 100 
_struct_ref_seq.pdbx_seq_align_end_ins_code   ? 
_struct_ref_seq.pdbx_db_accession             P12018 
_struct_ref_seq.db_align_beg                  22 
_struct_ref_seq.pdbx_db_align_beg_ins_code    ? 
_struct_ref_seq.db_align_end                  121 
_struct_ref_seq.pdbx_db_align_end_ins_code    ? 
_struct_ref_seq.pdbx_auth_seq_align_beg       3 
_struct_ref_seq.pdbx_auth_seq_align_end       102 
# 
loop_
_struct_ref_seq_dif.align_id 
_struct_ref_seq_dif.pdbx_pdb_id_code 
_struct_ref_seq_dif.mon_id 
_struct_ref_seq_dif.pdbx_pdb_strand_id 
_struct_ref_seq_dif.seq_num 
_struct_ref_seq_dif.pdbx_pdb_ins_code 
_struct_ref_seq_dif.pdbx_seq_db_name 
_struct_ref_seq_dif.pdbx_seq_db_accession_code 
_struct_ref_seq_dif.db_mon_id 
_struct_ref_seq_dif.pdbx_seq_db_seq_num 
_struct_ref_seq_dif.details 
_struct_ref_seq_dif.pdbx_auth_seq_num 
_struct_ref_seq_dif.pdbx_ordinal 
1 3BJ9 THR 1 101 ? UNP P12018 ? ? 'SEE REMARK 999' 103 1  
1 3BJ9 HIS 1 102 ? UNP P12018 ? ? 'SEE REMARK 999' 104 2  
1 3BJ9 VAL 1 103 ? UNP P12018 ? ? 'SEE REMARK 999' 105 3  
1 3BJ9 PHE 1 104 ? UNP P12018 ? ? 'SEE REMARK 999' 106 4  
1 3BJ9 GLY 1 105 ? UNP P12018 ? ? 'SEE REMARK 999' 107 5  
1 3BJ9 GLY 1 107 ? UNP P12018 ? ? 'SEE REMARK 999' 109 6  
1 3BJ9 THR 1 108 ? UNP P12018 ? ? 'SEE REMARK 999' 110 7  
1 3BJ9 GLN 1 109 ? UNP P12018 ? ? 'SEE REMARK 999' 111 8  
1 3BJ9 LEU 1 110 ? UNP P12018 ? ? 'SEE REMARK 999' 112 9  
1 3BJ9 THR 1 111 ? UNP P12018 ? ? 'SEE REMARK 999' 113 10 
1 3BJ9 VAL 1 112 ? UNP P12018 ? ? 'SEE REMARK 999' 114 11 
1 3BJ9 LEU 1 113 ? UNP P12018 ? ? 'SEE REMARK 999' 115 12 
1 3BJ9 SER 1 114 ? UNP P12018 ? ? 'SEE REMARK 999' 116 13 
1 3BJ9 ALA 1 115 ? UNP P12018 ? ? 'expression tag' 117 14 
1 3BJ9 ALA 1 116 ? UNP P12018 ? ? 'expression tag' 118 15 
# 
_pdbx_struct_assembly.id                   1 
_pdbx_struct_assembly.details              software_defined_assembly 
_pdbx_struct_assembly.method_details       PISA 
_pdbx_struct_assembly.oligomeric_details   monomeric 
_pdbx_struct_assembly.oligomeric_count     1 
# 
_pdbx_struct_assembly_gen.assembly_id       1 
_pdbx_struct_assembly_gen.oper_expression   1 
_pdbx_struct_assembly_gen.asym_id_list      A,B,C,D,E 
# 
_pdbx_struct_oper_list.id                   1 
_pdbx_struct_oper_list.type                 'identity operation' 
_pdbx_struct_oper_list.name                 1_555 
_pdbx_struct_oper_list.symmetry_operation   x,y,z 
_pdbx_struct_oper_list.matrix[1][1]         1.0000000000 
_pdbx_struct_oper_list.matrix[1][2]         0.0000000000 
_pdbx_struct_oper_list.matrix[1][3]         0.0000000000 
_pdbx_struct_oper_list.vector[1]            0.0000000000 
_pdbx_struct_oper_list.matrix[2][1]         0.0000000000 
_pdbx_struct_oper_list.matrix[2][2]         1.0000000000 
_pdbx_struct_oper_list.matrix[2][3]         0.0000000000 
_pdbx_struct_oper_list.vector[2]            0.0000000000 
_pdbx_struct_oper_list.matrix[3][1]         0.0000000000 
_pdbx_struct_oper_list.matrix[3][2]         0.0000000000 
_pdbx_struct_oper_list.matrix[3][3]         1.0000000000 
_pdbx_struct_oper_list.vector[3]            0.0000000000 
# 
loop_
_struct_conf.conf_type_id 
_struct_conf.id 
_struct_conf.pdbx_PDB_helix_id 
_struct_conf.beg_label_comp_id 
_struct_conf.beg_label_asym_id 
_struct_conf.beg_label_seq_id 
_struct_conf.pdbx_beg_PDB_ins_code 
_struct_conf.end_label_comp_id 
_struct_conf.end_label_asym_id 
_struct_conf.end_label_seq_id 
_struct_conf.pdbx_end_PDB_ins_code 
_struct_conf.beg_auth_comp_id 
_struct_conf.beg_auth_asym_id 
_struct_conf.beg_auth_seq_id 
_struct_conf.end_auth_comp_id 
_struct_conf.end_auth_asym_id 
_struct_conf.end_auth_seq_id 
_struct_conf.pdbx_PDB_helix_class 
_struct_conf.details 
_struct_conf.pdbx_PDB_helix_length 
HELX_P HELX_P1 1 ASP A 27 ? TYR A 31 ? ASP 1 29 TYR 1 33 5 ? 5 
HELX_P HELX_P2 2 VAL A 72 ? ARG A 74 ? VAL 1 74 ARG 1 76 5 ? 3 
HELX_P HELX_P3 3 GLN A 85 ? GLU A 89 ? GLN 1 87 GLU 1 91 5 ? 5 
# 
_struct_conf_type.id          HELX_P 
_struct_conf_type.criteria    ? 
_struct_conf_type.reference   ? 
# 
_struct_conn.id                            disulf1 
_struct_conn.conn_type_id                  disulf 
_struct_conn.pdbx_leaving_atom_flag        ? 
_struct_conn.pdbx_PDB_id                   ? 
_struct_conn.ptnr1_label_asym_id           A 
_struct_conn.ptnr1_label_comp_id           CYS 
_struct_conn.ptnr1_label_seq_id            20 
_struct_conn.ptnr1_label_atom_id           SG 
_struct_conn.pdbx_ptnr1_label_alt_id       ? 
_struct_conn.pdbx_ptnr1_PDB_ins_code       ? 
_struct_conn.pdbx_ptnr1_standard_comp_id   ? 
_struct_conn.ptnr1_symmetry                1_555 
_struct_conn.ptnr2_label_asym_id           A 
_struct_conn.ptnr2_label_comp_id           CYS 
_struct_conn.ptnr2_label_seq_id            94 
_struct_conn.ptnr2_label_atom_id           SG 
_struct_conn.pdbx_ptnr2_label_alt_id       ? 
_struct_conn.pdbx_ptnr2_PDB_ins_code       ? 
_struct_conn.ptnr1_auth_asym_id            1 
_struct_conn.ptnr1_auth_comp_id            CYS 
_struct_conn.ptnr1_auth_seq_id             22 
_struct_conn.ptnr2_auth_asym_id            1 
_struct_conn.ptnr2_auth_comp_id            CYS 
_struct_conn.ptnr2_auth_seq_id             96 
_struct_conn.ptnr2_symmetry                1_555 
_struct_conn.pdbx_ptnr3_label_atom_id      ? 
_struct_conn.pdbx_ptnr3_label_seq_id       ? 
_struct_conn.pdbx_ptnr3_label_comp_id      ? 
_struct_conn.pdbx_ptnr3_label_asym_id      ? 
_struct_conn.pdbx_ptnr3_label_alt_id       ? 
_struct_conn.pdbx_ptnr3_PDB_ins_code       ? 
_struct_conn.details                       ? 
_struct_conn.pdbx_dist_value               2.017 
_struct_conn.pdbx_value_order              ? 
_struct_conn.pdbx_role                     ? 
# 
_struct_conn_type.id          disulf 
_struct_conn_type.criteria    ? 
_struct_conn_type.reference   ? 
# 
_pdbx_modification_feature.ordinal                            1 
_pdbx_modification_feature.label_comp_id                      CYS 
_pdbx_modification_feature.label_asym_id                      A 
_pdbx_modification_feature.label_seq_id                       20 
_pdbx_modification_feature.label_alt_id                       ? 
_pdbx_modification_feature.modified_residue_label_comp_id     CYS 
_pdbx_modification_feature.modified_residue_label_asym_id     A 
_pdbx_modification_feature.modified_residue_label_seq_id      94 
_pdbx_modification_feature.modified_residue_label_alt_id      ? 
_pdbx_modification_feature.auth_comp_id                       CYS 
_pdbx_modification_feature.auth_asym_id                       1 
_pdbx_modification_feature.auth_seq_id                        22 
_pdbx_modification_feature.PDB_ins_code                       ? 
_pdbx_modification_feature.symmetry                           1_555 
_pdbx_modification_feature.modified_residue_auth_comp_id      CYS 
_pdbx_modification_feature.modified_residue_auth_asym_id      1 
_pdbx_modification_feature.modified_residue_auth_seq_id       96 
_pdbx_modification_feature.modified_residue_PDB_ins_code      ? 
_pdbx_modification_feature.modified_residue_symmetry          1_555 
_pdbx_modification_feature.comp_id_linking_atom               SG 
_pdbx_modification_feature.modified_residue_id_linking_atom   SG 
_pdbx_modification_feature.modified_residue_id                . 
_pdbx_modification_feature.ref_pcm_id                         . 
_pdbx_modification_feature.ref_comp_id                        . 
_pdbx_modification_feature.type                               None 
_pdbx_modification_feature.category                           'Disulfide bridge' 
# 
loop_
_struct_mon_prot_cis.pdbx_id 
_struct_mon_prot_cis.label_comp_id 
_struct_mon_prot_cis.label_seq_id 
_struct_mon_prot_cis.label_asym_id 
_struct_mon_prot_cis.label_alt_id 
_struct_mon_prot_cis.pdbx_PDB_ins_code 
_struct_mon_prot_cis.auth_comp_id 
_struct_mon_prot_cis.auth_seq_id 
_struct_mon_prot_cis.auth_asym_id 
_struct_mon_prot_cis.pdbx_label_comp_id_2 
_struct_mon_prot_cis.pdbx_label_seq_id_2 
_struct_mon_prot_cis.pdbx_label_asym_id_2 
_struct_mon_prot_cis.pdbx_PDB_ins_code_2 
_struct_mon_prot_cis.pdbx_auth_comp_id_2 
_struct_mon_prot_cis.pdbx_auth_seq_id_2 
_struct_mon_prot_cis.pdbx_auth_asym_id_2 
_struct_mon_prot_cis.pdbx_PDB_model_num 
_struct_mon_prot_cis.pdbx_omega_angle 
1 ARG 23 A . ? ARG 25  1 ASN 24  A ? ASN 26  1 1 -17.32 
2 ARG 99 A . ? ARG 101 1 SER 100 A ? SER 102 1 1 -23.23 
# 
loop_
_struct_sheet.id 
_struct_sheet.type 
_struct_sheet.number_strands 
_struct_sheet.details 
A ? 4 ? 
B ? 6 ? 
C ? 4 ? 
# 
loop_
_struct_sheet_order.sheet_id 
_struct_sheet_order.range_id_1 
_struct_sheet_order.range_id_2 
_struct_sheet_order.offset 
_struct_sheet_order.sense 
A 1 2 ? anti-parallel 
A 2 3 ? anti-parallel 
A 3 4 ? anti-parallel 
B 1 2 ? parallel      
B 2 3 ? anti-parallel 
B 3 4 ? anti-parallel 
B 4 5 ? anti-parallel 
B 5 6 ? anti-parallel 
C 1 2 ? parallel      
C 2 3 ? anti-parallel 
C 3 4 ? anti-parallel 
# 
loop_
_struct_sheet_range.sheet_id 
_struct_sheet_range.id 
_struct_sheet_range.beg_label_comp_id 
_struct_sheet_range.beg_label_asym_id 
_struct_sheet_range.beg_label_seq_id 
_struct_sheet_range.pdbx_beg_PDB_ins_code 
_struct_sheet_range.end_label_comp_id 
_struct_sheet_range.end_label_asym_id 
_struct_sheet_range.end_label_seq_id 
_struct_sheet_range.pdbx_end_PDB_ins_code 
_struct_sheet_range.beg_auth_comp_id 
_struct_sheet_range.beg_auth_asym_id 
_struct_sheet_range.beg_auth_seq_id 
_struct_sheet_range.end_auth_comp_id 
_struct_sheet_range.end_auth_asym_id 
_struct_sheet_range.end_auth_seq_id 
A 1 LEU A 2   ? HIS A 3   ? LEU 1 4   HIS 1 5   
A 2 ILE A 16  ? LEU A 22  ? ILE 1 18  LEU 1 24  
A 3 ARG A 76  ? ILE A 81  ? ARG 1 78  ILE 1 83  
A 4 PHE A 66  ? ASP A 71  ? PHE 1 68  ASP 1 73  
B 1 ALA A 7   ? ALA A 11  ? ALA 1 9   ALA 1 13  
B 2 THR A 108 ? LEU A 113 ? THR 1 110 LEU 1 115 
B 3 ALA A 90  ? MET A 96  ? ALA 1 92  MET 1 98  
B 4 VAL A 33  ? GLN A 38  ? VAL 1 35  GLN 1 40  
B 5 ARG A 45  ? SER A 52  ? ARG 1 47  SER 1 54  
B 6 ASP A 55  ? GLN A 58  ? ASP 1 57  GLN 1 60  
C 1 ALA A 7   ? ALA A 11  ? ALA 1 9   ALA 1 13  
C 2 THR A 108 ? LEU A 113 ? THR 1 110 LEU 1 115 
C 3 ALA A 90  ? MET A 96  ? ALA 1 92  MET 1 98  
C 4 VAL A 103 ? PHE A 104 ? VAL 1 105 PHE 1 106 
# 
loop_
_pdbx_struct_sheet_hbond.sheet_id 
_pdbx_struct_sheet_hbond.range_id_1 
_pdbx_struct_sheet_hbond.range_id_2 
_pdbx_struct_sheet_hbond.range_1_label_atom_id 
_pdbx_struct_sheet_hbond.range_1_label_comp_id 
_pdbx_struct_sheet_hbond.range_1_label_asym_id 
_pdbx_struct_sheet_hbond.range_1_label_seq_id 
_pdbx_struct_sheet_hbond.range_1_PDB_ins_code 
_pdbx_struct_sheet_hbond.range_1_auth_atom_id 
_pdbx_struct_sheet_hbond.range_1_auth_comp_id 
_pdbx_struct_sheet_hbond.range_1_auth_asym_id 
_pdbx_struct_sheet_hbond.range_1_auth_seq_id 
_pdbx_struct_sheet_hbond.range_2_label_atom_id 
_pdbx_struct_sheet_hbond.range_2_label_comp_id 
_pdbx_struct_sheet_hbond.range_2_label_asym_id 
_pdbx_struct_sheet_hbond.range_2_label_seq_id 
_pdbx_struct_sheet_hbond.range_2_PDB_ins_code 
_pdbx_struct_sheet_hbond.range_2_auth_atom_id 
_pdbx_struct_sheet_hbond.range_2_auth_comp_id 
_pdbx_struct_sheet_hbond.range_2_auth_asym_id 
_pdbx_struct_sheet_hbond.range_2_auth_seq_id 
A 1 2 N HIS A 3   ? N HIS 1 5   O THR A 21  ? O THR 1 23  
A 2 3 N LEU A 18  ? N LEU 1 20  O LEU A 79  ? O LEU 1 81  
A 3 4 O SER A 80  ? O SER 1 82  N SER A 67  ? N SER 1 69  
B 1 2 N SER A 10  ? N SER 1 12  O LEU A 113 ? O LEU 1 115 
B 2 3 O LEU A 110 ? O LEU 1 112 N ALA A 90  ? N ALA 1 92  
B 3 4 O ALA A 95  ? O ALA 1 97  N TYR A 34  ? N TYR 1 36  
B 4 5 N VAL A 33  ? N VAL 1 35  O TYR A 50  ? O TYR 1 52  
B 5 6 N ARG A 49  ? N ARG 1 51  O SER A 57  ? O SER 1 59  
C 1 2 N SER A 10  ? N SER 1 12  O LEU A 113 ? O LEU 1 115 
C 2 3 O LEU A 110 ? O LEU 1 112 N ALA A 90  ? N ALA 1 92  
C 3 4 N MET A 96  ? N MET 1 98  O VAL A 103 ? O VAL 1 105 
# 
loop_
_struct_site.id 
_struct_site.pdbx_evidence_code 
_struct_site.pdbx_auth_asym_id 
_struct_site.pdbx_auth_comp_id 
_struct_site.pdbx_auth_seq_id 
_struct_site.pdbx_auth_ins_code 
_struct_site.pdbx_num_residues 
_struct_site.details 
AC1 Software 1 EDO 1   ? 4 'BINDING SITE FOR RESIDUE EDO 1 1'   
AC2 Software 1 EDO 119 ? 6 'BINDING SITE FOR RESIDUE EDO 1 119' 
AC3 Software 1 EDO 120 ? 5 'BINDING SITE FOR RESIDUE EDO 1 120' 
# 
loop_
_struct_site_gen.id 
_struct_site_gen.site_id 
_struct_site_gen.pdbx_num_res 
_struct_site_gen.label_comp_id 
_struct_site_gen.label_asym_id 
_struct_site_gen.label_seq_id 
_struct_site_gen.pdbx_auth_ins_code 
_struct_site_gen.auth_comp_id 
_struct_site_gen.auth_asym_id 
_struct_site_gen.auth_seq_id 
_struct_site_gen.label_atom_id 
_struct_site_gen.label_alt_id 
_struct_site_gen.symmetry 
_struct_site_gen.details 
1  AC1 4 GLN A 58  ? GLN 1 60  . ? 1_555 ? 
2  AC1 4 GLY A 59  ? GLY 1 61  . ? 1_555 ? 
3  AC1 4 HOH E .   ? HOH 1 180 . ? 1_555 ? 
4  AC1 4 HOH E .   ? HOH 1 205 . ? 1_555 ? 
5  AC2 6 GLN A 37  ? GLN 1 39  . ? 1_555 ? 
6  AC2 6 ARG A 45  ? ARG 1 47  . ? 1_555 ? 
7  AC2 6 PRO A 63  ? PRO 1 65  . ? 1_555 ? 
8  AC2 6 HOH E .   ? HOH 1 136 . ? 1_555 ? 
9  AC2 6 HOH E .   ? HOH 1 201 . ? 1_555 ? 
10 AC2 6 HOH E .   ? HOH 1 224 . ? 1_555 ? 
11 AC3 5 PRO A 6   ? PRO 1 8   . ? 1_555 ? 
12 AC3 5 SER A 106 ? SER 1 108 . ? 1_555 ? 
13 AC3 5 GLY A 107 ? GLY 1 109 . ? 1_555 ? 
14 AC3 5 HOH E .   ? HOH 1 199 . ? 1_555 ? 
15 AC3 5 HOH E .   ? HOH 1 231 . ? 1_555 ? 
# 
_pdbx_entry_details.sequence_details           
;THE 14 RESIDUES: THVFGSGTQLTVLS BELONG TO THE "J-SEGMENT, FUSED 
TO THE IG DOMAIN OF VPREB"
;
_pdbx_entry_details.entry_id                   3BJ9 
_pdbx_entry_details.compound_details           ? 
_pdbx_entry_details.source_details             ? 
_pdbx_entry_details.nonpolymer_details         ? 
_pdbx_entry_details.has_ligand_of_interest     ? 
_pdbx_entry_details.has_protein_modification   Y 
# 
loop_
_pdbx_validate_close_contact.id 
_pdbx_validate_close_contact.PDB_model_num 
_pdbx_validate_close_contact.auth_atom_id_1 
_pdbx_validate_close_contact.auth_asym_id_1 
_pdbx_validate_close_contact.auth_comp_id_1 
_pdbx_validate_close_contact.auth_seq_id_1 
_pdbx_validate_close_contact.PDB_ins_code_1 
_pdbx_validate_close_contact.label_alt_id_1 
_pdbx_validate_close_contact.auth_atom_id_2 
_pdbx_validate_close_contact.auth_asym_id_2 
_pdbx_validate_close_contact.auth_comp_id_2 
_pdbx_validate_close_contact.auth_seq_id_2 
_pdbx_validate_close_contact.PDB_ins_code_2 
_pdbx_validate_close_contact.label_alt_id_2 
_pdbx_validate_close_contact.dist 
1 1 NE2 1 GLN 87  ? ? OE1 1 GLU 89  ? A 2.08 
2 1 O   1 HOH 140 ? ? O   1 HOH 230 ? ? 2.09 
# 
loop_
_pdbx_validate_rmsd_angle.id 
_pdbx_validate_rmsd_angle.PDB_model_num 
_pdbx_validate_rmsd_angle.auth_atom_id_1 
_pdbx_validate_rmsd_angle.auth_asym_id_1 
_pdbx_validate_rmsd_angle.auth_comp_id_1 
_pdbx_validate_rmsd_angle.auth_seq_id_1 
_pdbx_validate_rmsd_angle.PDB_ins_code_1 
_pdbx_validate_rmsd_angle.label_alt_id_1 
_pdbx_validate_rmsd_angle.auth_atom_id_2 
_pdbx_validate_rmsd_angle.auth_asym_id_2 
_pdbx_validate_rmsd_angle.auth_comp_id_2 
_pdbx_validate_rmsd_angle.auth_seq_id_2 
_pdbx_validate_rmsd_angle.PDB_ins_code_2 
_pdbx_validate_rmsd_angle.label_alt_id_2 
_pdbx_validate_rmsd_angle.auth_atom_id_3 
_pdbx_validate_rmsd_angle.auth_asym_id_3 
_pdbx_validate_rmsd_angle.auth_comp_id_3 
_pdbx_validate_rmsd_angle.auth_seq_id_3 
_pdbx_validate_rmsd_angle.PDB_ins_code_3 
_pdbx_validate_rmsd_angle.label_alt_id_3 
_pdbx_validate_rmsd_angle.angle_value 
_pdbx_validate_rmsd_angle.angle_target_value 
_pdbx_validate_rmsd_angle.angle_deviation 
_pdbx_validate_rmsd_angle.angle_standard_deviation 
_pdbx_validate_rmsd_angle.linker_flag 
1 1 N   1 THR 23  ? ? CA 1 THR 23  ? ? C   1 THR 23  ? ? 94.46  111.00 -16.54 2.70 N 
2 1 CB  1 ASP 27  ? A CG 1 ASP 27  ? A OD2 1 ASP 27  ? A 124.40 118.30 6.10   0.90 N 
3 1 CB  1 ASP 73  ? ? CG 1 ASP 73  ? ? OD2 1 ASP 73  ? ? 123.84 118.30 5.54   0.90 N 
4 1 NH1 1 ARG 101 ? A CZ 1 ARG 101 ? A NH2 1 ARG 101 ? A 138.50 119.40 19.10  1.10 N 
5 1 NE  1 ARG 101 ? A CZ 1 ARG 101 ? A NH2 1 ARG 101 ? A 101.71 120.30 -18.59 0.50 N 
# 
loop_
_pdbx_validate_torsion.id 
_pdbx_validate_torsion.PDB_model_num 
_pdbx_validate_torsion.auth_comp_id 
_pdbx_validate_torsion.auth_asym_id 
_pdbx_validate_torsion.auth_seq_id 
_pdbx_validate_torsion.PDB_ins_code 
_pdbx_validate_torsion.label_alt_id 
_pdbx_validate_torsion.phi 
_pdbx_validate_torsion.psi 
1 1 ASN 1 26  ? ? -167.47 7.08   
2 1 ASN 1 26  ? ? -167.47 8.40   
3 1 ALA 1 92  ? ? 178.60  174.69 
4 1 ARG 1 101 ? A 114.62  -97.82 
5 1 SER 1 102 ? ? 70.04   -76.93 
6 1 SER 1 102 ? ? 78.63   -76.93 
# 
loop_
_pdbx_validate_peptide_omega.id 
_pdbx_validate_peptide_omega.PDB_model_num 
_pdbx_validate_peptide_omega.auth_comp_id_1 
_pdbx_validate_peptide_omega.auth_asym_id_1 
_pdbx_validate_peptide_omega.auth_seq_id_1 
_pdbx_validate_peptide_omega.PDB_ins_code_1 
_pdbx_validate_peptide_omega.label_alt_id_1 
_pdbx_validate_peptide_omega.auth_comp_id_2 
_pdbx_validate_peptide_omega.auth_asym_id_2 
_pdbx_validate_peptide_omega.auth_seq_id_2 
_pdbx_validate_peptide_omega.PDB_ins_code_2 
_pdbx_validate_peptide_omega.label_alt_id_2 
_pdbx_validate_peptide_omega.omega 
1 1 CYS 1 22  ? ? THR 1 23  ? ? -140.23 
2 1 ALA 1 100 ? ? ARG 1 101 ? B -132.02 
3 1 ARG 1 101 ? A SER 1 102 ? ? 53.01   
# 
_pdbx_struct_special_symmetry.id              1 
_pdbx_struct_special_symmetry.PDB_model_num   1 
_pdbx_struct_special_symmetry.auth_asym_id    1 
_pdbx_struct_special_symmetry.auth_comp_id    ARG 
_pdbx_struct_special_symmetry.auth_seq_id     101 
_pdbx_struct_special_symmetry.PDB_ins_code    ? 
_pdbx_struct_special_symmetry.label_asym_id   A 
_pdbx_struct_special_symmetry.label_comp_id   ARG 
_pdbx_struct_special_symmetry.label_seq_id    99 
# 
_phasing.method   MR 
# 
loop_
_chem_comp_atom.comp_id 
_chem_comp_atom.atom_id 
_chem_comp_atom.type_symbol 
_chem_comp_atom.pdbx_aromatic_flag 
_chem_comp_atom.pdbx_stereo_config 
_chem_comp_atom.pdbx_ordinal 
ALA N    N N N 1   
ALA CA   C N S 2   
ALA C    C N N 3   
ALA O    O N N 4   
ALA CB   C N N 5   
ALA OXT  O N N 6   
ALA H    H N N 7   
ALA H2   H N N 8   
ALA HA   H N N 9   
ALA HB1  H N N 10  
ALA HB2  H N N 11  
ALA HB3  H N N 12  
ALA HXT  H N N 13  
ARG N    N N N 14  
ARG CA   C N S 15  
ARG C    C N N 16  
ARG O    O N N 17  
ARG CB   C N N 18  
ARG CG   C N N 19  
ARG CD   C N N 20  
ARG NE   N N N 21  
ARG CZ   C N N 22  
ARG NH1  N N N 23  
ARG NH2  N N N 24  
ARG OXT  O N N 25  
ARG H    H N N 26  
ARG H2   H N N 27  
ARG HA   H N N 28  
ARG HB2  H N N 29  
ARG HB3  H N N 30  
ARG HG2  H N N 31  
ARG HG3  H N N 32  
ARG HD2  H N N 33  
ARG HD3  H N N 34  
ARG HE   H N N 35  
ARG HH11 H N N 36  
ARG HH12 H N N 37  
ARG HH21 H N N 38  
ARG HH22 H N N 39  
ARG HXT  H N N 40  
ASN N    N N N 41  
ASN CA   C N S 42  
ASN C    C N N 43  
ASN O    O N N 44  
ASN CB   C N N 45  
ASN CG   C N N 46  
ASN OD1  O N N 47  
ASN ND2  N N N 48  
ASN OXT  O N N 49  
ASN H    H N N 50  
ASN H2   H N N 51  
ASN HA   H N N 52  
ASN HB2  H N N 53  
ASN HB3  H N N 54  
ASN HD21 H N N 55  
ASN HD22 H N N 56  
ASN HXT  H N N 57  
ASP N    N N N 58  
ASP CA   C N S 59  
ASP C    C N N 60  
ASP O    O N N 61  
ASP CB   C N N 62  
ASP CG   C N N 63  
ASP OD1  O N N 64  
ASP OD2  O N N 65  
ASP OXT  O N N 66  
ASP H    H N N 67  
ASP H2   H N N 68  
ASP HA   H N N 69  
ASP HB2  H N N 70  
ASP HB3  H N N 71  
ASP HD2  H N N 72  
ASP HXT  H N N 73  
CYS N    N N N 74  
CYS CA   C N R 75  
CYS C    C N N 76  
CYS O    O N N 77  
CYS CB   C N N 78  
CYS SG   S N N 79  
CYS OXT  O N N 80  
CYS H    H N N 81  
CYS H2   H N N 82  
CYS HA   H N N 83  
CYS HB2  H N N 84  
CYS HB3  H N N 85  
CYS HG   H N N 86  
CYS HXT  H N N 87  
EDO C1   C N N 88  
EDO O1   O N N 89  
EDO C2   C N N 90  
EDO O2   O N N 91  
EDO H11  H N N 92  
EDO H12  H N N 93  
EDO HO1  H N N 94  
EDO H21  H N N 95  
EDO H22  H N N 96  
EDO HO2  H N N 97  
GLN N    N N N 98  
GLN CA   C N S 99  
GLN C    C N N 100 
GLN O    O N N 101 
GLN CB   C N N 102 
GLN CG   C N N 103 
GLN CD   C N N 104 
GLN OE1  O N N 105 
GLN NE2  N N N 106 
GLN OXT  O N N 107 
GLN H    H N N 108 
GLN H2   H N N 109 
GLN HA   H N N 110 
GLN HB2  H N N 111 
GLN HB3  H N N 112 
GLN HG2  H N N 113 
GLN HG3  H N N 114 
GLN HE21 H N N 115 
GLN HE22 H N N 116 
GLN HXT  H N N 117 
GLU N    N N N 118 
GLU CA   C N S 119 
GLU C    C N N 120 
GLU O    O N N 121 
GLU CB   C N N 122 
GLU CG   C N N 123 
GLU CD   C N N 124 
GLU OE1  O N N 125 
GLU OE2  O N N 126 
GLU OXT  O N N 127 
GLU H    H N N 128 
GLU H2   H N N 129 
GLU HA   H N N 130 
GLU HB2  H N N 131 
GLU HB3  H N N 132 
GLU HG2  H N N 133 
GLU HG3  H N N 134 
GLU HE2  H N N 135 
GLU HXT  H N N 136 
GLY N    N N N 137 
GLY CA   C N N 138 
GLY C    C N N 139 
GLY O    O N N 140 
GLY OXT  O N N 141 
GLY H    H N N 142 
GLY H2   H N N 143 
GLY HA2  H N N 144 
GLY HA3  H N N 145 
GLY HXT  H N N 146 
HIS N    N N N 147 
HIS CA   C N S 148 
HIS C    C N N 149 
HIS O    O N N 150 
HIS CB   C N N 151 
HIS CG   C Y N 152 
HIS ND1  N Y N 153 
HIS CD2  C Y N 154 
HIS CE1  C Y N 155 
HIS NE2  N Y N 156 
HIS OXT  O N N 157 
HIS H    H N N 158 
HIS H2   H N N 159 
HIS HA   H N N 160 
HIS HB2  H N N 161 
HIS HB3  H N N 162 
HIS HD1  H N N 163 
HIS HD2  H N N 164 
HIS HE1  H N N 165 
HIS HE2  H N N 166 
HIS HXT  H N N 167 
HOH O    O N N 168 
HOH H1   H N N 169 
HOH H2   H N N 170 
ILE N    N N N 171 
ILE CA   C N S 172 
ILE C    C N N 173 
ILE O    O N N 174 
ILE CB   C N S 175 
ILE CG1  C N N 176 
ILE CG2  C N N 177 
ILE CD1  C N N 178 
ILE OXT  O N N 179 
ILE H    H N N 180 
ILE H2   H N N 181 
ILE HA   H N N 182 
ILE HB   H N N 183 
ILE HG12 H N N 184 
ILE HG13 H N N 185 
ILE HG21 H N N 186 
ILE HG22 H N N 187 
ILE HG23 H N N 188 
ILE HD11 H N N 189 
ILE HD12 H N N 190 
ILE HD13 H N N 191 
ILE HXT  H N N 192 
LEU N    N N N 193 
LEU CA   C N S 194 
LEU C    C N N 195 
LEU O    O N N 196 
LEU CB   C N N 197 
LEU CG   C N N 198 
LEU CD1  C N N 199 
LEU CD2  C N N 200 
LEU OXT  O N N 201 
LEU H    H N N 202 
LEU H2   H N N 203 
LEU HA   H N N 204 
LEU HB2  H N N 205 
LEU HB3  H N N 206 
LEU HG   H N N 207 
LEU HD11 H N N 208 
LEU HD12 H N N 209 
LEU HD13 H N N 210 
LEU HD21 H N N 211 
LEU HD22 H N N 212 
LEU HD23 H N N 213 
LEU HXT  H N N 214 
LYS N    N N N 215 
LYS CA   C N S 216 
LYS C    C N N 217 
LYS O    O N N 218 
LYS CB   C N N 219 
LYS CG   C N N 220 
LYS CD   C N N 221 
LYS CE   C N N 222 
LYS NZ   N N N 223 
LYS OXT  O N N 224 
LYS H    H N N 225 
LYS H2   H N N 226 
LYS HA   H N N 227 
LYS HB2  H N N 228 
LYS HB3  H N N 229 
LYS HG2  H N N 230 
LYS HG3  H N N 231 
LYS HD2  H N N 232 
LYS HD3  H N N 233 
LYS HE2  H N N 234 
LYS HE3  H N N 235 
LYS HZ1  H N N 236 
LYS HZ2  H N N 237 
LYS HZ3  H N N 238 
LYS HXT  H N N 239 
MET N    N N N 240 
MET CA   C N S 241 
MET C    C N N 242 
MET O    O N N 243 
MET CB   C N N 244 
MET CG   C N N 245 
MET SD   S N N 246 
MET CE   C N N 247 
MET OXT  O N N 248 
MET H    H N N 249 
MET H2   H N N 250 
MET HA   H N N 251 
MET HB2  H N N 252 
MET HB3  H N N 253 
MET HG2  H N N 254 
MET HG3  H N N 255 
MET HE1  H N N 256 
MET HE2  H N N 257 
MET HE3  H N N 258 
MET HXT  H N N 259 
PHE N    N N N 260 
PHE CA   C N S 261 
PHE C    C N N 262 
PHE O    O N N 263 
PHE CB   C N N 264 
PHE CG   C Y N 265 
PHE CD1  C Y N 266 
PHE CD2  C Y N 267 
PHE CE1  C Y N 268 
PHE CE2  C Y N 269 
PHE CZ   C Y N 270 
PHE OXT  O N N 271 
PHE H    H N N 272 
PHE H2   H N N 273 
PHE HA   H N N 274 
PHE HB2  H N N 275 
PHE HB3  H N N 276 
PHE HD1  H N N 277 
PHE HD2  H N N 278 
PHE HE1  H N N 279 
PHE HE2  H N N 280 
PHE HZ   H N N 281 
PHE HXT  H N N 282 
PRO N    N N N 283 
PRO CA   C N S 284 
PRO C    C N N 285 
PRO O    O N N 286 
PRO CB   C N N 287 
PRO CG   C N N 288 
PRO CD   C N N 289 
PRO OXT  O N N 290 
PRO H    H N N 291 
PRO HA   H N N 292 
PRO HB2  H N N 293 
PRO HB3  H N N 294 
PRO HG2  H N N 295 
PRO HG3  H N N 296 
PRO HD2  H N N 297 
PRO HD3  H N N 298 
PRO HXT  H N N 299 
SER N    N N N 300 
SER CA   C N S 301 
SER C    C N N 302 
SER O    O N N 303 
SER CB   C N N 304 
SER OG   O N N 305 
SER OXT  O N N 306 
SER H    H N N 307 
SER H2   H N N 308 
SER HA   H N N 309 
SER HB2  H N N 310 
SER HB3  H N N 311 
SER HG   H N N 312 
SER HXT  H N N 313 
THR N    N N N 314 
THR CA   C N S 315 
THR C    C N N 316 
THR O    O N N 317 
THR CB   C N R 318 
THR OG1  O N N 319 
THR CG2  C N N 320 
THR OXT  O N N 321 
THR H    H N N 322 
THR H2   H N N 323 
THR HA   H N N 324 
THR HB   H N N 325 
THR HG1  H N N 326 
THR HG21 H N N 327 
THR HG22 H N N 328 
THR HG23 H N N 329 
THR HXT  H N N 330 
TRP N    N N N 331 
TRP CA   C N S 332 
TRP C    C N N 333 
TRP O    O N N 334 
TRP CB   C N N 335 
TRP CG   C Y N 336 
TRP CD1  C Y N 337 
TRP CD2  C Y N 338 
TRP NE1  N Y N 339 
TRP CE2  C Y N 340 
TRP CE3  C Y N 341 
TRP CZ2  C Y N 342 
TRP CZ3  C Y N 343 
TRP CH2  C Y N 344 
TRP OXT  O N N 345 
TRP H    H N N 346 
TRP H2   H N N 347 
TRP HA   H N N 348 
TRP HB2  H N N 349 
TRP HB3  H N N 350 
TRP HD1  H N N 351 
TRP HE1  H N N 352 
TRP HE3  H N N 353 
TRP HZ2  H N N 354 
TRP HZ3  H N N 355 
TRP HH2  H N N 356 
TRP HXT  H N N 357 
TYR N    N N N 358 
TYR CA   C N S 359 
TYR C    C N N 360 
TYR O    O N N 361 
TYR CB   C N N 362 
TYR CG   C Y N 363 
TYR CD1  C Y N 364 
TYR CD2  C Y N 365 
TYR CE1  C Y N 366 
TYR CE2  C Y N 367 
TYR CZ   C Y N 368 
TYR OH   O N N 369 
TYR OXT  O N N 370 
TYR H    H N N 371 
TYR H2   H N N 372 
TYR HA   H N N 373 
TYR HB2  H N N 374 
TYR HB3  H N N 375 
TYR HD1  H N N 376 
TYR HD2  H N N 377 
TYR HE1  H N N 378 
TYR HE2  H N N 379 
TYR HH   H N N 380 
TYR HXT  H N N 381 
VAL N    N N N 382 
VAL CA   C N S 383 
VAL C    C N N 384 
VAL O    O N N 385 
VAL CB   C N N 386 
VAL CG1  C N N 387 
VAL CG2  C N N 388 
VAL OXT  O N N 389 
VAL H    H N N 390 
VAL H2   H N N 391 
VAL HA   H N N 392 
VAL HB   H N N 393 
VAL HG11 H N N 394 
VAL HG12 H N N 395 
VAL HG13 H N N 396 
VAL HG21 H N N 397 
VAL HG22 H N N 398 
VAL HG23 H N N 399 
VAL HXT  H N N 400 
# 
loop_
_chem_comp_bond.comp_id 
_chem_comp_bond.atom_id_1 
_chem_comp_bond.atom_id_2 
_chem_comp_bond.value_order 
_chem_comp_bond.pdbx_aromatic_flag 
_chem_comp_bond.pdbx_stereo_config 
_chem_comp_bond.pdbx_ordinal 
ALA N   CA   sing N N 1   
ALA N   H    sing N N 2   
ALA N   H2   sing N N 3   
ALA CA  C    sing N N 4   
ALA CA  CB   sing N N 5   
ALA CA  HA   sing N N 6   
ALA C   O    doub N N 7   
ALA C   OXT  sing N N 8   
ALA CB  HB1  sing N N 9   
ALA CB  HB2  sing N N 10  
ALA CB  HB3  sing N N 11  
ALA OXT HXT  sing N N 12  
ARG N   CA   sing N N 13  
ARG N   H    sing N N 14  
ARG N   H2   sing N N 15  
ARG CA  C    sing N N 16  
ARG CA  CB   sing N N 17  
ARG CA  HA   sing N N 18  
ARG C   O    doub N N 19  
ARG C   OXT  sing N N 20  
ARG CB  CG   sing N N 21  
ARG CB  HB2  sing N N 22  
ARG CB  HB3  sing N N 23  
ARG CG  CD   sing N N 24  
ARG CG  HG2  sing N N 25  
ARG CG  HG3  sing N N 26  
ARG CD  NE   sing N N 27  
ARG CD  HD2  sing N N 28  
ARG CD  HD3  sing N N 29  
ARG NE  CZ   sing N N 30  
ARG NE  HE   sing N N 31  
ARG CZ  NH1  sing N N 32  
ARG CZ  NH2  doub N N 33  
ARG NH1 HH11 sing N N 34  
ARG NH1 HH12 sing N N 35  
ARG NH2 HH21 sing N N 36  
ARG NH2 HH22 sing N N 37  
ARG OXT HXT  sing N N 38  
ASN N   CA   sing N N 39  
ASN N   H    sing N N 40  
ASN N   H2   sing N N 41  
ASN CA  C    sing N N 42  
ASN CA  CB   sing N N 43  
ASN CA  HA   sing N N 44  
ASN C   O    doub N N 45  
ASN C   OXT  sing N N 46  
ASN CB  CG   sing N N 47  
ASN CB  HB2  sing N N 48  
ASN CB  HB3  sing N N 49  
ASN CG  OD1  doub N N 50  
ASN CG  ND2  sing N N 51  
ASN ND2 HD21 sing N N 52  
ASN ND2 HD22 sing N N 53  
ASN OXT HXT  sing N N 54  
ASP N   CA   sing N N 55  
ASP N   H    sing N N 56  
ASP N   H2   sing N N 57  
ASP CA  C    sing N N 58  
ASP CA  CB   sing N N 59  
ASP CA  HA   sing N N 60  
ASP C   O    doub N N 61  
ASP C   OXT  sing N N 62  
ASP CB  CG   sing N N 63  
ASP CB  HB2  sing N N 64  
ASP CB  HB3  sing N N 65  
ASP CG  OD1  doub N N 66  
ASP CG  OD2  sing N N 67  
ASP OD2 HD2  sing N N 68  
ASP OXT HXT  sing N N 69  
CYS N   CA   sing N N 70  
CYS N   H    sing N N 71  
CYS N   H2   sing N N 72  
CYS CA  C    sing N N 73  
CYS CA  CB   sing N N 74  
CYS CA  HA   sing N N 75  
CYS C   O    doub N N 76  
CYS C   OXT  sing N N 77  
CYS CB  SG   sing N N 78  
CYS CB  HB2  sing N N 79  
CYS CB  HB3  sing N N 80  
CYS SG  HG   sing N N 81  
CYS OXT HXT  sing N N 82  
EDO C1  O1   sing N N 83  
EDO C1  C2   sing N N 84  
EDO C1  H11  sing N N 85  
EDO C1  H12  sing N N 86  
EDO O1  HO1  sing N N 87  
EDO C2  O2   sing N N 88  
EDO C2  H21  sing N N 89  
EDO C2  H22  sing N N 90  
EDO O2  HO2  sing N N 91  
GLN N   CA   sing N N 92  
GLN N   H    sing N N 93  
GLN N   H2   sing N N 94  
GLN CA  C    sing N N 95  
GLN CA  CB   sing N N 96  
GLN CA  HA   sing N N 97  
GLN C   O    doub N N 98  
GLN C   OXT  sing N N 99  
GLN CB  CG   sing N N 100 
GLN CB  HB2  sing N N 101 
GLN CB  HB3  sing N N 102 
GLN CG  CD   sing N N 103 
GLN CG  HG2  sing N N 104 
GLN CG  HG3  sing N N 105 
GLN CD  OE1  doub N N 106 
GLN CD  NE2  sing N N 107 
GLN NE2 HE21 sing N N 108 
GLN NE2 HE22 sing N N 109 
GLN OXT HXT  sing N N 110 
GLU N   CA   sing N N 111 
GLU N   H    sing N N 112 
GLU N   H2   sing N N 113 
GLU CA  C    sing N N 114 
GLU CA  CB   sing N N 115 
GLU CA  HA   sing N N 116 
GLU C   O    doub N N 117 
GLU C   OXT  sing N N 118 
GLU CB  CG   sing N N 119 
GLU CB  HB2  sing N N 120 
GLU CB  HB3  sing N N 121 
GLU CG  CD   sing N N 122 
GLU CG  HG2  sing N N 123 
GLU CG  HG3  sing N N 124 
GLU CD  OE1  doub N N 125 
GLU CD  OE2  sing N N 126 
GLU OE2 HE2  sing N N 127 
GLU OXT HXT  sing N N 128 
GLY N   CA   sing N N 129 
GLY N   H    sing N N 130 
GLY N   H2   sing N N 131 
GLY CA  C    sing N N 132 
GLY CA  HA2  sing N N 133 
GLY CA  HA3  sing N N 134 
GLY C   O    doub N N 135 
GLY C   OXT  sing N N 136 
GLY OXT HXT  sing N N 137 
HIS N   CA   sing N N 138 
HIS N   H    sing N N 139 
HIS N   H2   sing N N 140 
HIS CA  C    sing N N 141 
HIS CA  CB   sing N N 142 
HIS CA  HA   sing N N 143 
HIS C   O    doub N N 144 
HIS C   OXT  sing N N 145 
HIS CB  CG   sing N N 146 
HIS CB  HB2  sing N N 147 
HIS CB  HB3  sing N N 148 
HIS CG  ND1  sing Y N 149 
HIS CG  CD2  doub Y N 150 
HIS ND1 CE1  doub Y N 151 
HIS ND1 HD1  sing N N 152 
HIS CD2 NE2  sing Y N 153 
HIS CD2 HD2  sing N N 154 
HIS CE1 NE2  sing Y N 155 
HIS CE1 HE1  sing N N 156 
HIS NE2 HE2  sing N N 157 
HIS OXT HXT  sing N N 158 
HOH O   H1   sing N N 159 
HOH O   H2   sing N N 160 
ILE N   CA   sing N N 161 
ILE N   H    sing N N 162 
ILE N   H2   sing N N 163 
ILE CA  C    sing N N 164 
ILE CA  CB   sing N N 165 
ILE CA  HA   sing N N 166 
ILE C   O    doub N N 167 
ILE C   OXT  sing N N 168 
ILE CB  CG1  sing N N 169 
ILE CB  CG2  sing N N 170 
ILE CB  HB   sing N N 171 
ILE CG1 CD1  sing N N 172 
ILE CG1 HG12 sing N N 173 
ILE CG1 HG13 sing N N 174 
ILE CG2 HG21 sing N N 175 
ILE CG2 HG22 sing N N 176 
ILE CG2 HG23 sing N N 177 
ILE CD1 HD11 sing N N 178 
ILE CD1 HD12 sing N N 179 
ILE CD1 HD13 sing N N 180 
ILE OXT HXT  sing N N 181 
LEU N   CA   sing N N 182 
LEU N   H    sing N N 183 
LEU N   H2   sing N N 184 
LEU CA  C    sing N N 185 
LEU CA  CB   sing N N 186 
LEU CA  HA   sing N N 187 
LEU C   O    doub N N 188 
LEU C   OXT  sing N N 189 
LEU CB  CG   sing N N 190 
LEU CB  HB2  sing N N 191 
LEU CB  HB3  sing N N 192 
LEU CG  CD1  sing N N 193 
LEU CG  CD2  sing N N 194 
LEU CG  HG   sing N N 195 
LEU CD1 HD11 sing N N 196 
LEU CD1 HD12 sing N N 197 
LEU CD1 HD13 sing N N 198 
LEU CD2 HD21 sing N N 199 
LEU CD2 HD22 sing N N 200 
LEU CD2 HD23 sing N N 201 
LEU OXT HXT  sing N N 202 
LYS N   CA   sing N N 203 
LYS N   H    sing N N 204 
LYS N   H2   sing N N 205 
LYS CA  C    sing N N 206 
LYS CA  CB   sing N N 207 
LYS CA  HA   sing N N 208 
LYS C   O    doub N N 209 
LYS C   OXT  sing N N 210 
LYS CB  CG   sing N N 211 
LYS CB  HB2  sing N N 212 
LYS CB  HB3  sing N N 213 
LYS CG  CD   sing N N 214 
LYS CG  HG2  sing N N 215 
LYS CG  HG3  sing N N 216 
LYS CD  CE   sing N N 217 
LYS CD  HD2  sing N N 218 
LYS CD  HD3  sing N N 219 
LYS CE  NZ   sing N N 220 
LYS CE  HE2  sing N N 221 
LYS CE  HE3  sing N N 222 
LYS NZ  HZ1  sing N N 223 
LYS NZ  HZ2  sing N N 224 
LYS NZ  HZ3  sing N N 225 
LYS OXT HXT  sing N N 226 
MET N   CA   sing N N 227 
MET N   H    sing N N 228 
MET N   H2   sing N N 229 
MET CA  C    sing N N 230 
MET CA  CB   sing N N 231 
MET CA  HA   sing N N 232 
MET C   O    doub N N 233 
MET C   OXT  sing N N 234 
MET CB  CG   sing N N 235 
MET CB  HB2  sing N N 236 
MET CB  HB3  sing N N 237 
MET CG  SD   sing N N 238 
MET CG  HG2  sing N N 239 
MET CG  HG3  sing N N 240 
MET SD  CE   sing N N 241 
MET CE  HE1  sing N N 242 
MET CE  HE2  sing N N 243 
MET CE  HE3  sing N N 244 
MET OXT HXT  sing N N 245 
PHE N   CA   sing N N 246 
PHE N   H    sing N N 247 
PHE N   H2   sing N N 248 
PHE CA  C    sing N N 249 
PHE CA  CB   sing N N 250 
PHE CA  HA   sing N N 251 
PHE C   O    doub N N 252 
PHE C   OXT  sing N N 253 
PHE CB  CG   sing N N 254 
PHE CB  HB2  sing N N 255 
PHE CB  HB3  sing N N 256 
PHE CG  CD1  doub Y N 257 
PHE CG  CD2  sing Y N 258 
PHE CD1 CE1  sing Y N 259 
PHE CD1 HD1  sing N N 260 
PHE CD2 CE2  doub Y N 261 
PHE CD2 HD2  sing N N 262 
PHE CE1 CZ   doub Y N 263 
PHE CE1 HE1  sing N N 264 
PHE CE2 CZ   sing Y N 265 
PHE CE2 HE2  sing N N 266 
PHE CZ  HZ   sing N N 267 
PHE OXT HXT  sing N N 268 
PRO N   CA   sing N N 269 
PRO N   CD   sing N N 270 
PRO N   H    sing N N 271 
PRO CA  C    sing N N 272 
PRO CA  CB   sing N N 273 
PRO CA  HA   sing N N 274 
PRO C   O    doub N N 275 
PRO C   OXT  sing N N 276 
PRO CB  CG   sing N N 277 
PRO CB  HB2  sing N N 278 
PRO CB  HB3  sing N N 279 
PRO CG  CD   sing N N 280 
PRO CG  HG2  sing N N 281 
PRO CG  HG3  sing N N 282 
PRO CD  HD2  sing N N 283 
PRO CD  HD3  sing N N 284 
PRO OXT HXT  sing N N 285 
SER N   CA   sing N N 286 
SER N   H    sing N N 287 
SER N   H2   sing N N 288 
SER CA  C    sing N N 289 
SER CA  CB   sing N N 290 
SER CA  HA   sing N N 291 
SER C   O    doub N N 292 
SER C   OXT  sing N N 293 
SER CB  OG   sing N N 294 
SER CB  HB2  sing N N 295 
SER CB  HB3  sing N N 296 
SER OG  HG   sing N N 297 
SER OXT HXT  sing N N 298 
THR N   CA   sing N N 299 
THR N   H    sing N N 300 
THR N   H2   sing N N 301 
THR CA  C    sing N N 302 
THR CA  CB   sing N N 303 
THR CA  HA   sing N N 304 
THR C   O    doub N N 305 
THR C   OXT  sing N N 306 
THR CB  OG1  sing N N 307 
THR CB  CG2  sing N N 308 
THR CB  HB   sing N N 309 
THR OG1 HG1  sing N N 310 
THR CG2 HG21 sing N N 311 
THR CG2 HG22 sing N N 312 
THR CG2 HG23 sing N N 313 
THR OXT HXT  sing N N 314 
TRP N   CA   sing N N 315 
TRP N   H    sing N N 316 
TRP N   H2   sing N N 317 
TRP CA  C    sing N N 318 
TRP CA  CB   sing N N 319 
TRP CA  HA   sing N N 320 
TRP C   O    doub N N 321 
TRP C   OXT  sing N N 322 
TRP CB  CG   sing N N 323 
TRP CB  HB2  sing N N 324 
TRP CB  HB3  sing N N 325 
TRP CG  CD1  doub Y N 326 
TRP CG  CD2  sing Y N 327 
TRP CD1 NE1  sing Y N 328 
TRP CD1 HD1  sing N N 329 
TRP CD2 CE2  doub Y N 330 
TRP CD2 CE3  sing Y N 331 
TRP NE1 CE2  sing Y N 332 
TRP NE1 HE1  sing N N 333 
TRP CE2 CZ2  sing Y N 334 
TRP CE3 CZ3  doub Y N 335 
TRP CE3 HE3  sing N N 336 
TRP CZ2 CH2  doub Y N 337 
TRP CZ2 HZ2  sing N N 338 
TRP CZ3 CH2  sing Y N 339 
TRP CZ3 HZ3  sing N N 340 
TRP CH2 HH2  sing N N 341 
TRP OXT HXT  sing N N 342 
TYR N   CA   sing N N 343 
TYR N   H    sing N N 344 
TYR N   H2   sing N N 345 
TYR CA  C    sing N N 346 
TYR CA  CB   sing N N 347 
TYR CA  HA   sing N N 348 
TYR C   O    doub N N 349 
TYR C   OXT  sing N N 350 
TYR CB  CG   sing N N 351 
TYR CB  HB2  sing N N 352 
TYR CB  HB3  sing N N 353 
TYR CG  CD1  doub Y N 354 
TYR CG  CD2  sing Y N 355 
TYR CD1 CE1  sing Y N 356 
TYR CD1 HD1  sing N N 357 
TYR CD2 CE2  doub Y N 358 
TYR CD2 HD2  sing N N 359 
TYR CE1 CZ   doub Y N 360 
TYR CE1 HE1  sing N N 361 
TYR CE2 CZ   sing Y N 362 
TYR CE2 HE2  sing N N 363 
TYR CZ  OH   sing N N 364 
TYR OH  HH   sing N N 365 
TYR OXT HXT  sing N N 366 
VAL N   CA   sing N N 367 
VAL N   H    sing N N 368 
VAL N   H2   sing N N 369 
VAL CA  C    sing N N 370 
VAL CA  CB   sing N N 371 
VAL CA  HA   sing N N 372 
VAL C   O    doub N N 373 
VAL C   OXT  sing N N 374 
VAL CB  CG1  sing N N 375 
VAL CB  CG2  sing N N 376 
VAL CB  HB   sing N N 377 
VAL CG1 HG11 sing N N 378 
VAL CG1 HG12 sing N N 379 
VAL CG1 HG13 sing N N 380 
VAL CG2 HG21 sing N N 381 
VAL CG2 HG22 sing N N 382 
VAL CG2 HG23 sing N N 383 
VAL OXT HXT  sing N N 384 
# 
_atom_sites.entry_id                    3BJ9 
_atom_sites.fract_transf_matrix[1][1]   -0.00539716 
_atom_sites.fract_transf_matrix[1][2]   -0.01634814 
_atom_sites.fract_transf_matrix[1][3]   0.01498632 
_atom_sites.fract_transf_matrix[2][1]   0.01361162 
_atom_sites.fract_transf_matrix[2][2]   -0.00584364 
_atom_sites.fract_transf_matrix[2][3]   -0.00147258 
_atom_sites.fract_transf_matrix[3][1]   0.00329157 
_atom_sites.fract_transf_matrix[3][2]   0.00577956 
_atom_sites.fract_transf_matrix[3][3]   0.00749017 
_atom_sites.fract_transf_vector[1]      0.106850 
_atom_sites.fract_transf_vector[2]      0.169310 
_atom_sites.fract_transf_vector[3]      0.165232 
# 
loop_
_atom_type.symbol 
C 
N 
O 
S 
# 
loop_
_atom_site.group_PDB 
_atom_site.id 
_atom_site.type_symbol 
_atom_site.label_atom_id 
_atom_site.label_alt_id 
_atom_site.label_comp_id 
_atom_site.label_asym_id 
_atom_site.label_entity_id 
_atom_site.label_seq_id 
_atom_site.pdbx_PDB_ins_code 
_atom_site.Cartn_x 
_atom_site.Cartn_y 
_atom_site.Cartn_z 
_atom_site.occupancy 
_atom_site.B_iso_or_equiv 
_atom_site.pdbx_formal_charge 
_atom_site.auth_seq_id 
_atom_site.auth_comp_id 
_atom_site.auth_asym_id 
_atom_site.auth_atom_id 
_atom_site.pdbx_PDB_model_num 
ATOM   1    N N   . VAL A 1 1   ? -12.770 -4.479  8.073   1.00 20.16 ? 3   VAL 1 N   1 
ATOM   2    C CA  . VAL A 1 1   ? -12.583 -5.374  6.882   1.00 19.05 ? 3   VAL 1 CA  1 
ATOM   3    C C   . VAL A 1 1   ? -11.128 -5.310  6.353   1.00 17.79 ? 3   VAL 1 C   1 
ATOM   4    O O   . VAL A 1 1   ? -10.552 -6.343  6.045   1.00 17.57 ? 3   VAL 1 O   1 
ATOM   5    C CB  . VAL A 1 1   ? -13.708 -5.212  5.766   1.00 19.95 ? 3   VAL 1 CB  1 
ATOM   6    C CG1 . VAL A 1 1   ? -13.637 -3.896  5.029   1.00 19.26 ? 3   VAL 1 CG1 1 
ATOM   7    C CG2 . VAL A 1 1   ? -13.644 -6.348  4.761   1.00 20.35 ? 3   VAL 1 CG2 1 
ATOM   8    N N   . LEU A 1 2   ? -10.522 -4.119  6.308   1.00 16.28 ? 4   LEU 1 N   1 
ATOM   9    C CA  . LEU A 1 2   ? -9.120  -4.004  5.910   1.00 14.33 ? 4   LEU 1 CA  1 
ATOM   10   C C   . LEU A 1 2   ? -8.243  -3.511  7.064   1.00 14.41 ? 4   LEU 1 C   1 
ATOM   11   O O   . LEU A 1 2   ? -8.365  -2.361  7.475   1.00 14.84 ? 4   LEU 1 O   1 
ATOM   12   C CB  . LEU A 1 2   ? -8.968  -3.073  4.706   1.00 14.32 ? 4   LEU 1 CB  1 
ATOM   13   C CG  . LEU A 1 2   ? -9.641  -3.440  3.379   1.00 12.76 ? 4   LEU 1 CG  1 
ATOM   14   C CD1 . LEU A 1 2   ? -9.413  -2.348  2.338   1.00 11.53 ? 4   LEU 1 CD1 1 
ATOM   15   C CD2 . LEU A 1 2   ? -9.061  -4.754  2.880   1.00 11.72 ? 4   LEU 1 CD2 1 
ATOM   16   N N   . HIS A 1 3   ? -7.356  -4.366  7.575   1.00 12.36 ? 5   HIS 1 N   1 
ATOM   17   C CA  . HIS A 1 3   ? -6.441  -3.944  8.637   1.00 10.32 ? 5   HIS 1 CA  1 
ATOM   18   C C   . HIS A 1 3   ? -5.161  -3.375  8.033   1.00 9.31  ? 5   HIS 1 C   1 
ATOM   19   O O   . HIS A 1 3   ? -4.596  -3.949  7.105   1.00 9.21  ? 5   HIS 1 O   1 
ATOM   20   C CB  . HIS A 1 3   ? -6.073  -5.101  9.585   1.00 10.04 ? 5   HIS 1 CB  1 
ATOM   21   C CG  . HIS A 1 3   ? -5.071  -4.703  10.636  1.00 9.65  ? 5   HIS 1 CG  1 
ATOM   22   N ND1 . HIS A 1 3   ? -3.707  -4.731  10.417  1.00 9.74  ? 5   HIS 1 ND1 1 
ATOM   23   C CD2 . HIS A 1 3   ? -5.241  -4.206  11.889  1.00 8.53  ? 5   HIS 1 CD2 1 
ATOM   24   C CE1 . HIS A 1 3   ? -3.077  -4.295  11.498  1.00 8.34  ? 5   HIS 1 CE1 1 
ATOM   25   N NE2 . HIS A 1 3   ? -3.984  -3.984  12.409  1.00 9.16  ? 5   HIS 1 NE2 1 
ATOM   26   N N   . GLN A 1 4   ? -4.714  -2.252  8.573   1.00 7.85  ? 6   GLN 1 N   1 
ATOM   27   C CA  . GLN A 1 4   ? -3.370  -1.756  8.331   1.00 8.22  ? 6   GLN 1 CA  1 
ATOM   28   C C   . GLN A 1 4   ? -2.748  -1.366  9.668   1.00 8.64  ? 6   GLN 1 C   1 
ATOM   29   O O   . GLN A 1 4   ? -3.403  -0.747  10.494  1.00 8.31  ? 6   GLN 1 O   1 
ATOM   30   C CB  . GLN A 1 4   ? -3.390  -0.531  7.419   1.00 8.01  ? 6   GLN 1 CB  1 
ATOM   31   C CG  . GLN A 1 4   ? -3.944  -0.775  6.023   1.00 5.80  ? 6   GLN 1 CG  1 
ATOM   32   C CD  . GLN A 1 4   ? -3.805  0.466   5.159   1.00 7.80  ? 6   GLN 1 CD  1 
ATOM   33   O OE1 . GLN A 1 4   ? -4.764  1.210   5.002   1.00 4.46  ? 6   GLN 1 OE1 1 
ATOM   34   N NE2 . GLN A 1 4   ? -2.598  0.714   4.642   1.00 3.91  ? 6   GLN 1 NE2 1 
ATOM   35   N N   . PRO A 1 5   ? -1.477  -1.700  9.875   1.00 9.52  ? 7   PRO 1 N   1 
ATOM   36   C CA  . PRO A 1 5   ? -0.782  -1.269  11.103  1.00 9.87  ? 7   PRO 1 CA  1 
ATOM   37   C C   . PRO A 1 5   ? -0.749  0.267   11.138  1.00 9.47  ? 7   PRO 1 C   1 
ATOM   38   O O   . PRO A 1 5   ? -0.529  0.883   10.092  1.00 9.58  ? 7   PRO 1 O   1 
ATOM   39   C CB  . PRO A 1 5   ? 0.638   -1.821  10.922  1.00 10.83 ? 7   PRO 1 CB  1 
ATOM   40   C CG  . PRO A 1 5   ? 0.761   -2.167  9.473   1.00 11.42 ? 7   PRO 1 CG  1 
ATOM   41   C CD  . PRO A 1 5   ? -0.618  -2.472  8.966   1.00 8.87  ? 7   PRO 1 CD  1 
ATOM   42   N N   . PRO A 1 6   ? -0.980  0.879   12.302  1.00 9.52  ? 8   PRO 1 N   1 
ATOM   43   C CA  . PRO A 1 6   ? -0.970  2.346   12.434  1.00 9.38  ? 8   PRO 1 CA  1 
ATOM   44   C C   . PRO A 1 6   ? 0.309   3.046   11.951  1.00 9.14  ? 8   PRO 1 C   1 
ATOM   45   O O   . PRO A 1 6   ? 0.242   4.120   11.329  1.00 8.98  ? 8   PRO 1 O   1 
ATOM   46   C CB  . PRO A 1 6   ? -1.166  2.560   13.944  1.00 9.78  ? 8   PRO 1 CB  1 
ATOM   47   C CG  . PRO A 1 6   ? -1.940  1.342   14.374  1.00 10.37 ? 8   PRO 1 CG  1 
ATOM   48   C CD  . PRO A 1 6   ? -1.320  0.214   13.576  1.00 9.30  ? 8   PRO 1 CD  1 
ATOM   49   N N   . ALA A 1 7   ? 1.460   2.454   12.229  1.00 8.84  ? 9   ALA 1 N   1 
ATOM   50   C CA  . ALA A 1 7   ? 2.714   3.172   12.025  1.00 9.29  ? 9   ALA 1 CA  1 
ATOM   51   C C   . ALA A 1 7   ? 3.844   2.216   11.754  1.00 9.45  ? 9   ALA 1 C   1 
ATOM   52   O O   . ALA A 1 7   ? 3.933   1.152   12.353  1.00 9.67  ? 9   ALA 1 O   1 
ATOM   53   C CB  . ALA A 1 7   ? 3.032   4.083   13.238  1.00 9.20  ? 9   ALA 1 CB  1 
ATOM   54   N N   . MET A 1 8   ? 4.690   2.589   10.810  1.00 9.55  ? 10  MET 1 N   1 
ATOM   55   C CA  . MET A 1 8   ? 5.932   1.876   10.553  1.00 10.72 ? 10  MET 1 CA  1 
ATOM   56   C C   . MET A 1 8   ? 7.047   2.897   10.337  1.00 10.67 ? 10  MET 1 C   1 
ATOM   57   O O   . MET A 1 8   ? 6.801   4.004   9.854   1.00 10.14 ? 10  MET 1 O   1 
ATOM   58   C CB  . MET A 1 8   ? 5.813   0.976   9.320   1.00 10.09 ? 10  MET 1 CB  1 
ATOM   59   C CG  . MET A 1 8   ? 4.733   -0.094  9.393   1.00 11.44 ? 10  MET 1 CG  1 
ATOM   60   S SD  . MET A 1 8   ? 4.683   -1.081  7.883   1.00 12.95 ? 10  MET 1 SD  1 
ATOM   61   C CE  . MET A 1 8   ? 6.131   -2.118  8.055   1.00 11.46 ? 10  MET 1 CE  1 
ATOM   62   N N   . SER A 1 9   ? 8.270   2.504   10.684  1.00 11.65 ? 11  SER 1 N   1 
ATOM   63   C CA  A SER A 1 9   ? 9.442   3.340   10.470  0.50 11.91 ? 11  SER 1 CA  1 
ATOM   64   C CA  B SER A 1 9   ? 9.457   3.342   10.480  0.50 11.62 ? 11  SER 1 CA  1 
ATOM   65   C C   . SER A 1 9   ? 10.530  2.578   9.717   1.00 11.80 ? 11  SER 1 C   1 
ATOM   66   O O   . SER A 1 9   ? 10.689  1.377   9.896   1.00 11.56 ? 11  SER 1 O   1 
ATOM   67   C CB  A SER A 1 9   ? 9.978   3.808   11.818  0.50 12.07 ? 11  SER 1 CB  1 
ATOM   68   C CB  B SER A 1 9   ? 10.021  3.805   11.827  0.50 11.73 ? 11  SER 1 CB  1 
ATOM   69   O OG  A SER A 1 9   ? 10.857  4.888   11.631  0.50 13.29 ? 11  SER 1 OG  1 
ATOM   70   O OG  B SER A 1 9   ? 9.266   4.879   12.356  0.50 11.19 ? 11  SER 1 OG  1 
ATOM   71   N N   . SER A 1 10  ? 11.270  3.272   8.850   1.00 11.92 ? 12  SER 1 N   1 
ATOM   72   C CA  . SER A 1 10  ? 12.445  2.667   8.218   1.00 11.96 ? 12  SER 1 CA  1 
ATOM   73   C C   . SER A 1 10  ? 13.414  3.755   7.763   1.00 12.04 ? 12  SER 1 C   1 
ATOM   74   O O   . SER A 1 10  ? 13.009  4.900   7.570   1.00 12.66 ? 12  SER 1 O   1 
ATOM   75   C CB  . SER A 1 10  ? 12.050  1.791   7.037   1.00 12.18 ? 12  SER 1 CB  1 
ATOM   76   O OG  . SER A 1 10  ? 13.075  0.850   6.759   1.00 12.63 ? 12  SER 1 OG  1 
ATOM   77   N N   . ALA A 1 11  ? 14.681  3.393   7.578   1.00 11.78 ? 13  ALA 1 N   1 
ATOM   78   C CA  . ALA A 1 11  ? 15.716  4.372   7.258   1.00 11.69 ? 13  ALA 1 CA  1 
ATOM   79   C C   . ALA A 1 11  ? 15.831  4.682   5.770   1.00 11.52 ? 13  ALA 1 C   1 
ATOM   80   O O   . ALA A 1 11  ? 15.465  3.871   4.903   1.00 11.56 ? 13  ALA 1 O   1 
ATOM   81   C CB  . ALA A 1 11  ? 17.061  3.913   7.791   1.00 11.88 ? 13  ALA 1 CB  1 
ATOM   82   N N   . LEU A 1 12  ? 16.342  5.869   5.485   1.00 12.04 ? 14  LEU 1 N   1 
ATOM   83   C CA  . LEU A 1 12  ? 16.699  6.273   4.119   1.00 12.53 ? 14  LEU 1 CA  1 
ATOM   84   C C   . LEU A 1 12  ? 17.409  5.177   3.361   1.00 12.75 ? 14  LEU 1 C   1 
ATOM   85   O O   . LEU A 1 12  ? 18.308  4.534   3.892   1.00 13.32 ? 14  LEU 1 O   1 
ATOM   86   C CB  . LEU A 1 12  ? 17.632  7.483   4.169   1.00 12.56 ? 14  LEU 1 CB  1 
ATOM   87   C CG  . LEU A 1 12  ? 16.993  8.765   4.672   1.00 11.62 ? 14  LEU 1 CG  1 
ATOM   88   C CD1 . LEU A 1 12  ? 18.097  9.743   4.932   1.00 11.25 ? 14  LEU 1 CD1 1 
ATOM   89   C CD2 . LEU A 1 12  ? 16.001  9.310   3.632   1.00 10.50 ? 14  LEU 1 CD2 1 
ATOM   90   N N   . GLY A 1 13  ? 16.997  4.952   2.121   1.00 13.01 ? 15  GLY 1 N   1 
ATOM   91   C CA  . GLY A 1 13  ? 17.647  3.970   1.266   1.00 12.52 ? 15  GLY 1 CA  1 
ATOM   92   C C   . GLY A 1 13  ? 17.179  2.543   1.435   1.00 12.83 ? 15  GLY 1 C   1 
ATOM   93   O O   . GLY A 1 13  ? 17.503  1.683   0.605   1.00 13.09 ? 15  GLY 1 O   1 
ATOM   94   N N   . THR A 1 14  ? 16.407  2.264   2.485   1.00 12.28 ? 16  THR 1 N   1 
ATOM   95   C CA  . THR A 1 14  ? 15.977  0.880   2.706   1.00 12.21 ? 16  THR 1 CA  1 
ATOM   96   C C   . THR A 1 14  ? 14.718  0.565   1.914   1.00 12.25 ? 16  THR 1 C   1 
ATOM   97   O O   . THR A 1 14  ? 14.155  1.429   1.236   1.00 11.06 ? 16  THR 1 O   1 
ATOM   98   C CB  . THR A 1 14  ? 15.732  0.579   4.198   1.00 12.38 ? 16  THR 1 CB  1 
ATOM   99   O OG1 . THR A 1 14  ? 14.638  1.385   4.665   1.00 11.67 ? 16  THR 1 OG1 1 
ATOM   100  C CG2 . THR A 1 14  ? 16.924  1.002   5.051   1.00 11.52 ? 16  THR 1 CG2 1 
ATOM   101  N N   . THR A 1 15  ? 14.297  -0.691  2.045   1.00 13.21 ? 17  THR 1 N   1 
ATOM   102  C CA  . THR A 1 15  ? 13.061  -1.206  1.504   1.00 13.64 ? 17  THR 1 CA  1 
ATOM   103  C C   . THR A 1 15  ? 12.128  -1.528  2.658   1.00 13.56 ? 17  THR 1 C   1 
ATOM   104  O O   . THR A 1 15  ? 12.543  -2.168  3.628   1.00 13.23 ? 17  THR 1 O   1 
ATOM   105  C CB  . THR A 1 15  ? 13.338  -2.475  0.664   1.00 14.00 ? 17  THR 1 CB  1 
ATOM   106  O OG1 . THR A 1 15  ? 14.076  -2.095  -0.500  1.00 14.23 ? 17  THR 1 OG1 1 
ATOM   107  C CG2 . THR A 1 15  ? 12.031  -3.052  0.078   1.00 14.39 ? 17  THR 1 CG2 1 
ATOM   108  N N   . ILE A 1 16  ? 10.875  -1.069  2.553   1.00 12.58 ? 18  ILE 1 N   1 
ATOM   109  C CA  . ILE A 1 16  ? 9.831   -1.405  3.538   1.00 12.28 ? 18  ILE 1 CA  1 
ATOM   110  C C   . ILE A 1 16  ? 8.626   -2.038  2.826   1.00 11.42 ? 18  ILE 1 C   1 
ATOM   111  O O   . ILE A 1 16  ? 8.362   -1.753  1.661   1.00 11.67 ? 18  ILE 1 O   1 
ATOM   112  C CB  . ILE A 1 16  ? 9.403   -0.150  4.369   1.00 11.53 ? 18  ILE 1 CB  1 
ATOM   113  C CG1 . ILE A 1 16  ? 8.605   -0.579  5.618   1.00 13.37 ? 18  ILE 1 CG1 1 
ATOM   114  C CG2 . ILE A 1 16  ? 8.650   0.881   3.476   1.00 11.95 ? 18  ILE 1 CG2 1 
ATOM   115  C CD1 . ILE A 1 16  ? 8.442   0.494   6.685   1.00 14.08 ? 18  ILE 1 CD1 1 
ATOM   116  N N   . ARG A 1 17  ? 7.907   -2.904  3.520   1.00 10.54 ? 19  ARG 1 N   1 
ATOM   117  C CA  . ARG A 1 17  ? 6.736   -3.550  2.932   1.00 10.69 ? 19  ARG 1 CA  1 
ATOM   118  C C   . ARG A 1 17  ? 5.566   -3.301  3.847   1.00 9.85  ? 19  ARG 1 C   1 
ATOM   119  O O   . ARG A 1 17  ? 5.542   -3.765  4.999   1.00 9.59  ? 19  ARG 1 O   1 
ATOM   120  C CB  . ARG A 1 17  ? 6.962   -5.049  2.751   1.00 10.66 ? 19  ARG 1 CB  1 
ATOM   121  C CG  . ARG A 1 17  ? 5.819   -5.787  2.051   1.00 11.63 ? 19  ARG 1 CG  1 
ATOM   122  C CD  . ARG A 1 17  ? 6.170   -7.213  1.641   1.00 12.67 ? 19  ARG 1 CD  1 
ATOM   123  N NE  . ARG A 1 17  ? 6.296   -8.064  2.826   1.00 16.76 ? 19  ARG 1 NE  1 
ATOM   124  C CZ  . ARG A 1 17  ? 6.452   -9.382  2.800   1.00 18.48 ? 19  ARG 1 CZ  1 
ATOM   125  N NH1 . ARG A 1 17  ? 6.501   -10.026 1.646   1.00 20.05 ? 19  ARG 1 NH1 1 
ATOM   126  N NH2 . ARG A 1 17  ? 6.560   -10.057 3.938   1.00 19.50 ? 19  ARG 1 NH2 1 
ATOM   127  N N   . LEU A 1 18  ? 4.614   -2.525  3.343   1.00 10.30 ? 20  LEU 1 N   1 
ATOM   128  C CA  . LEU A 1 18  ? 3.367   -2.237  4.066   1.00 9.70  ? 20  LEU 1 CA  1 
ATOM   129  C C   . LEU A 1 18  ? 2.340   -3.347  3.826   1.00 9.14  ? 20  LEU 1 C   1 
ATOM   130  O O   . LEU A 1 18  ? 2.234   -3.854  2.722   1.00 8.38  ? 20  LEU 1 O   1 
ATOM   131  C CB  . LEU A 1 18  ? 2.805   -0.881  3.631   1.00 9.73  ? 20  LEU 1 CB  1 
ATOM   132  C CG  . LEU A 1 18  ? 3.368   0.333   4.397   1.00 11.10 ? 20  LEU 1 CG  1 
ATOM   133  C CD1 . LEU A 1 18  ? 4.857   0.525   4.203   1.00 12.16 ? 20  LEU 1 CD1 1 
ATOM   134  C CD2 . LEU A 1 18  ? 2.612   1.631   4.063   1.00 11.71 ? 20  LEU 1 CD2 1 
ATOM   135  N N   . THR A 1 19  ? 1.590   -3.709  4.866   1.00 8.56  ? 21  THR 1 N   1 
ATOM   136  C CA  . THR A 1 19  ? 0.641   -4.810  4.772   1.00 8.22  ? 21  THR 1 CA  1 
ATOM   137  C C   . THR A 1 19  ? -0.800  -4.357  4.901   1.00 8.33  ? 21  THR 1 C   1 
ATOM   138  O O   . THR A 1 19  ? -1.140  -3.562  5.763   1.00 8.50  ? 21  THR 1 O   1 
ATOM   139  C CB  . THR A 1 19  ? 0.934   -5.840  5.871   1.00 8.96  ? 21  THR 1 CB  1 
ATOM   140  O OG1 . THR A 1 19  ? 2.285   -6.294  5.723   1.00 8.76  ? 21  THR 1 OG1 1 
ATOM   141  C CG2 . THR A 1 19  ? 0.097   -7.093  5.672   1.00 7.70  ? 21  THR 1 CG2 1 
ATOM   142  N N   . CYS A 1 20  ? -1.642  -4.904  4.040   1.00 7.88  ? 22  CYS 1 N   1 
ATOM   143  C CA  . CYS A 1 20  ? -3.051  -4.670  4.127   1.00 7.84  ? 22  CYS 1 CA  1 
ATOM   144  C C   . CYS A 1 20  ? -3.912  -5.905  4.090   1.00 7.71  ? 22  CYS 1 C   1 
ATOM   145  O O   . CYS A 1 20  ? -3.778  -6.695  3.156   1.00 7.49  ? 22  CYS 1 O   1 
ATOM   146  C CB  . CYS A 1 20  ? -3.476  -3.873  2.869   1.00 7.68  ? 22  CYS 1 CB  1 
ATOM   147  S SG  . CYS A 1 20  ? -5.260  -3.611  2.519   1.00 7.88  ? 22  CYS 1 SG  1 
ATOM   148  N N   . THR A 1 21  ? -4.671  -6.204  5.140   1.00 8.26  ? 23  THR 1 N   1 
ATOM   149  C CA  . THR A 1 21  ? -4.832  -7.550  5.598   1.00 8.69  ? 23  THR 1 CA  1 
ATOM   150  C C   . THR A 1 21  ? -6.369  -7.542  5.454   1.00 9.49  ? 23  THR 1 C   1 
ATOM   151  O O   . THR A 1 21  ? -7.056  -6.779  6.150   1.00 8.15  ? 23  THR 1 O   1 
ATOM   152  C CB  . THR A 1 21  ? -4.476  -7.862  7.036   1.00 8.89  ? 23  THR 1 CB  1 
ATOM   153  O OG1 . THR A 1 21  ? -3.073  -8.069  7.140   1.00 8.53  ? 23  THR 1 OG1 1 
ATOM   154  C CG2 . THR A 1 21  ? -5.042  -9.260  7.339   1.00 9.14  ? 23  THR 1 CG2 1 
ATOM   155  N N   . LEU A 1 22  ? -6.901  -8.342  4.532   1.00 11.17 ? 24  LEU 1 N   1 
ATOM   156  C CA  . LEU A 1 22  ? -8.349  -8.522  4.414   1.00 13.93 ? 24  LEU 1 CA  1 
ATOM   157  C C   . LEU A 1 22  ? -8.824  -9.447  5.544   1.00 16.43 ? 24  LEU 1 C   1 
ATOM   158  O O   . LEU A 1 22  ? -8.548  -10.640 5.539   1.00 15.39 ? 24  LEU 1 O   1 
ATOM   159  C CB  . LEU A 1 22  ? -8.713  -9.146  3.058   1.00 13.64 ? 24  LEU 1 CB  1 
ATOM   160  C CG  . LEU A 1 22  ? -9.976  -8.767  2.262   1.00 13.67 ? 24  LEU 1 CG  1 
ATOM   161  C CD1 . LEU A 1 22  ? -10.233 -9.808  1.179   1.00 8.38  ? 24  LEU 1 CD1 1 
ATOM   162  C CD2 . LEU A 1 22  ? -11.227 -8.534  3.125   1.00 15.20 ? 24  LEU 1 CD2 1 
ATOM   163  N N   . ARG A 1 23  ? -9.517  -8.868  6.514   1.00 20.27 ? 25  ARG 1 N   1 
ATOM   164  C CA  . ARG A 1 23  ? -10.008 -9.593  7.678   1.00 24.33 ? 25  ARG 1 CA  1 
ATOM   165  C C   . ARG A 1 23  ? -11.503 -9.823  7.480   1.00 25.32 ? 25  ARG 1 C   1 
ATOM   166  O O   . ARG A 1 23  ? -12.253 -8.849  7.485   1.00 26.73 ? 25  ARG 1 O   1 
ATOM   167  C CB  . ARG A 1 23  ? -9.742  -8.780  8.967   1.00 24.54 ? 25  ARG 1 CB  1 
ATOM   168  C CG  . ARG A 1 23  ? -8.504  -9.225  9.768   1.00 26.40 ? 25  ARG 1 CG  1 
ATOM   169  C CD  . ARG A 1 23  ? -7.863  -8.143  10.669  1.00 27.14 ? 25  ARG 1 CD  1 
ATOM   170  N NE  . ARG A 1 23  ? -8.317  -8.173  12.066  1.00 33.65 ? 25  ARG 1 NE  1 
ATOM   171  C CZ  . ARG A 1 23  ? -7.833  -8.984  13.014  1.00 34.43 ? 25  ARG 1 CZ  1 
ATOM   172  N NH1 . ARG A 1 23  ? -6.880  -9.863  12.734  1.00 35.92 ? 25  ARG 1 NH1 1 
ATOM   173  N NH2 . ARG A 1 23  ? -8.308  -8.922  14.251  1.00 35.58 ? 25  ARG 1 NH2 1 
ATOM   174  N N   . ASN A 1 24  ? -11.955 -11.052 7.192   1.00 27.11 ? 26  ASN 1 N   1 
ATOM   175  C CA  . ASN A 1 24  ? -11.150 -12.186 6.688   1.00 27.18 ? 26  ASN 1 CA  1 
ATOM   176  C C   . ASN A 1 24  ? -12.076 -13.300 6.195   1.00 26.68 ? 26  ASN 1 C   1 
ATOM   177  O O   . ASN A 1 24  ? -11.625 -14.421 5.879   1.00 27.51 ? 26  ASN 1 O   1 
ATOM   178  C CB  . ASN A 1 24  ? -10.188 -12.732 7.750   1.00 28.57 ? 26  ASN 1 CB  1 
ATOM   179  C CG  . ASN A 1 24  ? -8.847  -13.187 7.167   1.00 30.33 ? 26  ASN 1 CG  1 
ATOM   180  O OD1 . ASN A 1 24  ? -8.760  -14.209 6.478   1.00 36.21 ? 26  ASN 1 OD1 1 
ATOM   181  N ND2 . ASN A 1 24  ? -7.790  -12.441 7.472   1.00 30.27 ? 26  ASN 1 ND2 1 
ATOM   182  N N   A ASP A 1 25  ? -13.377 -13.052 6.149   0.50 25.52 ? 27  ASP 1 N   1 
ATOM   183  N N   B ASP A 1 25  ? -13.366 -12.960 6.153   0.50 25.43 ? 27  ASP 1 N   1 
ATOM   184  C CA  A ASP A 1 25  ? -14.214 -14.026 5.469   0.50 24.43 ? 27  ASP 1 CA  1 
ATOM   185  C CA  B ASP A 1 25  ? -14.439 -13.761 5.573   0.50 24.22 ? 27  ASP 1 CA  1 
ATOM   186  C C   A ASP A 1 25  ? -14.539 -13.576 4.039   0.50 23.58 ? 27  ASP 1 C   1 
ATOM   187  C C   B ASP A 1 25  ? -14.583 -13.504 4.061   0.50 23.46 ? 27  ASP 1 C   1 
ATOM   188  O O   A ASP A 1 25  ? -15.562 -13.937 3.450   0.50 23.36 ? 27  ASP 1 O   1 
ATOM   189  O O   B ASP A 1 25  ? -15.535 -13.961 3.419   0.50 23.24 ? 27  ASP 1 O   1 
ATOM   190  C CB  A ASP A 1 25  ? -15.370 -14.511 6.344   0.50 24.71 ? 27  ASP 1 CB  1 
ATOM   191  C CB  B ASP A 1 25  ? -15.757 -13.430 6.287   0.50 24.41 ? 27  ASP 1 CB  1 
ATOM   192  C CG  A ASP A 1 25  ? -14.872 -15.374 7.516   0.50 24.88 ? 27  ASP 1 CG  1 
ATOM   193  C CG  B ASP A 1 25  ? -15.927 -11.928 6.555   0.50 24.15 ? 27  ASP 1 CG  1 
ATOM   194  O OD1 A ASP A 1 25  ? -14.024 -16.260 7.282   0.50 25.19 ? 27  ASP 1 OD1 1 
ATOM   195  O OD1 B ASP A 1 25  ? -14.943 -11.265 6.962   0.50 23.84 ? 27  ASP 1 OD1 1 
ATOM   196  O OD2 A ASP A 1 25  ? -15.244 -15.239 8.699   0.50 23.93 ? 27  ASP 1 OD2 1 
ATOM   197  O OD2 B ASP A 1 25  ? -17.013 -11.328 6.389   0.50 23.32 ? 27  ASP 1 OD2 1 
ATOM   198  N N   . HIS A 1 26  ? -13.626 -12.764 3.507   1.00 22.29 ? 28  HIS 1 N   1 
ATOM   199  C CA  . HIS A 1 26  ? -13.566 -12.478 2.092   1.00 20.84 ? 28  HIS 1 CA  1 
ATOM   200  C C   . HIS A 1 26  ? -12.220 -12.992 1.592   1.00 18.92 ? 28  HIS 1 C   1 
ATOM   201  O O   . HIS A 1 26  ? -11.294 -13.189 2.376   1.00 18.22 ? 28  HIS 1 O   1 
ATOM   202  C CB  . HIS A 1 26  ? -13.738 -10.984 1.845   1.00 21.06 ? 28  HIS 1 CB  1 
ATOM   203  C CG  . HIS A 1 26  ? -15.079 -10.464 2.267   1.00 22.70 ? 28  HIS 1 CG  1 
ATOM   204  N ND1 . HIS A 1 26  ? -16.197 -10.546 1.463   1.00 25.52 ? 28  HIS 1 ND1 1 
ATOM   205  C CD2 . HIS A 1 26  ? -15.493 -9.903  3.429   1.00 23.58 ? 28  HIS 1 CD2 1 
ATOM   206  C CE1 . HIS A 1 26  ? -17.238 -10.040 2.102   1.00 23.47 ? 28  HIS 1 CE1 1 
ATOM   207  N NE2 . HIS A 1 26  ? -16.834 -9.638  3.295   1.00 24.30 ? 28  HIS 1 NE2 1 
ATOM   208  N N   . ASP A 1 27  ? -12.123 -13.221 0.290   1.00 16.96 ? 29  ASP 1 N   1 
ATOM   209  C CA  . ASP A 1 27  ? -10.937 -13.835 -0.295  1.00 16.30 ? 29  ASP 1 CA  1 
ATOM   210  C C   . ASP A 1 27  ? -10.166 -12.784 -1.092  1.00 15.25 ? 29  ASP 1 C   1 
ATOM   211  O O   . ASP A 1 27  ? -10.674 -12.262 -2.075  1.00 14.55 ? 29  ASP 1 O   1 
ATOM   212  C CB  . ASP A 1 27  ? -11.378 -14.992 -1.198  1.00 16.51 ? 29  ASP 1 CB  1 
ATOM   213  C CG  . ASP A 1 27  ? -10.233 -15.658 -1.928  1.00 17.55 ? 29  ASP 1 CG  1 
ATOM   214  O OD1 . ASP A 1 27  ? -9.042  -15.385 -1.651  1.00 16.54 ? 29  ASP 1 OD1 1 
ATOM   215  O OD2 . ASP A 1 27  ? -10.457 -16.491 -2.815  1.00 21.20 ? 29  ASP 1 OD2 1 
ATOM   216  N N   . ILE A 1 28  ? -8.939  -12.482 -0.666  1.00 14.85 ? 30  ILE 1 N   1 
ATOM   217  C CA  . ILE A 1 28  ? -8.108  -11.494 -1.372  1.00 14.34 ? 30  ILE 1 CA  1 
ATOM   218  C C   . ILE A 1 28  ? -7.692  -11.933 -2.782  1.00 14.22 ? 30  ILE 1 C   1 
ATOM   219  O O   . ILE A 1 28  ? -7.284  -11.106 -3.588  1.00 14.07 ? 30  ILE 1 O   1 
ATOM   220  C CB  . ILE A 1 28  ? -6.876  -11.071 -0.528  1.00 14.41 ? 30  ILE 1 CB  1 
ATOM   221  C CG1 . ILE A 1 28  ? -6.492  -9.620  -0.879  1.00 14.21 ? 30  ILE 1 CG1 1 
ATOM   222  C CG2 . ILE A 1 28  ? -5.707  -12.080 -0.708  1.00 13.20 ? 30  ILE 1 CG2 1 
ATOM   223  C CD1 . ILE A 1 28  ? -5.377  -9.023  -0.014  1.00 14.48 ? 30  ILE 1 CD1 1 
ATOM   224  N N   . GLY A 1 29  ? -7.811  -13.225 -3.050  1.00 20.00 ? 31  GLY 1 N   1 
ATOM   225  C CA  . GLY A 1 29  ? -7.494  -13.776 -4.356  1.00 20.00 ? 31  GLY 1 CA  1 
ATOM   226  C C   . GLY A 1 29  ? -8.438  -13.286 -5.436  1.00 20.00 ? 31  GLY 1 C   1 
ATOM   227  O O   . GLY A 1 29  ? -8.179  -13.460 -6.587  1.00 20.00 ? 31  GLY 1 O   1 
ATOM   228  N N   . VAL A 1 30  ? -9.546  -12.671 -5.026  1.00 13.96 ? 32  VAL 1 N   1 
ATOM   229  C CA  . VAL A 1 30  ? -10.481 -12.158 -5.998  1.00 14.24 ? 32  VAL 1 CA  1 
ATOM   230  C C   . VAL A 1 30  ? -10.617 -10.638 -6.035  1.00 13.77 ? 32  VAL 1 C   1 
ATOM   231  O O   . VAL A 1 30  ? -11.511 -10.129 -6.678  1.00 14.07 ? 32  VAL 1 O   1 
ATOM   232  C CB  . VAL A 1 30  ? -11.864 -12.803 -5.917  1.00 15.15 ? 32  VAL 1 CB  1 
ATOM   233  C CG1 . VAL A 1 30  ? -11.753 -14.291 -5.945  1.00 14.37 ? 32  VAL 1 CG1 1 
ATOM   234  C CG2 . VAL A 1 30  ? -12.626 -12.301 -4.706  1.00 15.52 ? 32  VAL 1 CG2 1 
ATOM   235  N N   . TYR A 1 31  ? -9.725  -9.936  -5.345  1.00 12.28 ? 33  TYR 1 N   1 
ATOM   236  C CA  . TYR A 1 31  ? -9.727  -8.467  -5.309  1.00 12.36 ? 33  TYR 1 CA  1 
ATOM   237  C C   . TYR A 1 31  ? -8.445  -7.851  -5.795  1.00 11.77 ? 33  TYR 1 C   1 
ATOM   238  O O   . TYR A 1 31  ? -7.382  -8.379  -5.524  1.00 11.07 ? 33  TYR 1 O   1 
ATOM   239  C CB  . TYR A 1 31  ? -9.978  -7.948  -3.890  1.00 13.65 ? 33  TYR 1 CB  1 
ATOM   240  C CG  . TYR A 1 31  ? -11.375 -8.212  -3.435  1.00 13.90 ? 33  TYR 1 CG  1 
ATOM   241  C CD1 . TYR A 1 31  ? -11.658 -9.285  -2.611  1.00 14.83 ? 33  TYR 1 CD1 1 
ATOM   242  C CD2 . TYR A 1 31  ? -12.423 -7.399  -3.860  1.00 14.92 ? 33  TYR 1 CD2 1 
ATOM   243  C CE1 . TYR A 1 31  ? -12.957 -9.550  -2.202  1.00 17.25 ? 33  TYR 1 CE1 1 
ATOM   244  C CE2 . TYR A 1 31  ? -13.730 -7.653  -3.456  1.00 17.23 ? 33  TYR 1 CE2 1 
ATOM   245  C CZ  . TYR A 1 31  ? -13.986 -8.725  -2.628  1.00 17.59 ? 33  TYR 1 CZ  1 
ATOM   246  O OH  . TYR A 1 31  ? -15.282 -8.993  -2.217  1.00 19.32 ? 33  TYR 1 OH  1 
ATOM   247  N N   . SER A 1 32  ? -8.569  -6.733  -6.512  1.00 10.69 ? 34  SER 1 N   1 
ATOM   248  C CA  . SER A 1 32  ? -7.451  -5.830  -6.738  1.00 10.54 ? 34  SER 1 CA  1 
ATOM   249  C C   . SER A 1 32  ? -7.215  -5.073  -5.440  1.00 10.33 ? 34  SER 1 C   1 
ATOM   250  O O   . SER A 1 32  ? -8.169  -4.705  -4.750  1.00 9.93  ? 34  SER 1 O   1 
ATOM   251  C CB  . SER A 1 32  ? -7.765  -4.821  -7.857  1.00 9.51  ? 34  SER 1 CB  1 
ATOM   252  O OG  . SER A 1 32  ? -7.623  -5.437  -9.125  1.00 10.10 ? 34  SER 1 OG  1 
ATOM   253  N N   . VAL A 1 33  ? -5.948  -4.854  -5.110  1.00 10.05 ? 35  VAL 1 N   1 
ATOM   254  C CA  . VAL A 1 33  ? -5.602  -4.022  -3.961  1.00 9.58  ? 35  VAL 1 CA  1 
ATOM   255  C C   . VAL A 1 33  ? -5.132  -2.658  -4.488  1.00 9.41  ? 35  VAL 1 C   1 
ATOM   256  O O   . VAL A 1 33  ? -4.162  -2.570  -5.243  1.00 8.63  ? 35  VAL 1 O   1 
ATOM   257  C CB  . VAL A 1 33  ? -4.523  -4.713  -3.055  1.00 9.83  ? 35  VAL 1 CB  1 
ATOM   258  C CG1 . VAL A 1 33  ? -4.255  -3.905  -1.757  1.00 9.39  ? 35  VAL 1 CG1 1 
ATOM   259  C CG2 . VAL A 1 33  ? -4.935  -6.159  -2.732  1.00 10.09 ? 35  VAL 1 CG2 1 
ATOM   260  N N   . TYR A 1 34  ? -5.838  -1.602  -4.094  1.00 10.03 ? 36  TYR 1 N   1 
ATOM   261  C CA  . TYR A 1 34  ? -5.494  -0.224  -4.482  1.00 9.71  ? 36  TYR 1 CA  1 
ATOM   262  C C   . TYR A 1 34  ? -4.687  0.414   -3.359  1.00 9.53  ? 36  TYR 1 C   1 
ATOM   263  O O   . TYR A 1 34  ? -4.966  0.172   -2.191  1.00 8.92  ? 36  TYR 1 O   1 
ATOM   264  C CB  . TYR A 1 34  ? -6.750  0.609   -4.720  1.00 10.34 ? 36  TYR 1 CB  1 
ATOM   265  C CG  . TYR A 1 34  ? -7.563  0.168   -5.910  1.00 11.64 ? 36  TYR 1 CG  1 
ATOM   266  C CD1 . TYR A 1 34  ? -8.358  -0.976  -5.851  1.00 10.17 ? 36  TYR 1 CD1 1 
ATOM   267  C CD2 . TYR A 1 34  ? -7.531  0.890   -7.093  1.00 11.32 ? 36  TYR 1 CD2 1 
ATOM   268  C CE1 . TYR A 1 34  ? -9.094  -1.398  -6.945  1.00 11.67 ? 36  TYR 1 CE1 1 
ATOM   269  C CE2 . TYR A 1 34  ? -8.264  0.488   -8.190  1.00 13.35 ? 36  TYR 1 CE2 1 
ATOM   270  C CZ  . TYR A 1 34  ? -9.047  -0.658  -8.102  1.00 12.27 ? 36  TYR 1 CZ  1 
ATOM   271  O OH  . TYR A 1 34  ? -9.767  -1.046  -9.182  1.00 15.02 ? 36  TYR 1 OH  1 
ATOM   272  N N   . TRP A 1 35  ? -3.681  1.206   -3.725  1.00 8.99  ? 37  TRP 1 N   1 
ATOM   273  C CA  . TRP A 1 35  ? -2.826  1.879   -2.753  1.00 7.93  ? 37  TRP 1 CA  1 
ATOM   274  C C   . TRP A 1 35  ? -2.781  3.375   -3.035  1.00 8.32  ? 37  TRP 1 C   1 
ATOM   275  O O   . TRP A 1 35  ? -2.733  3.784   -4.202  1.00 8.53  ? 37  TRP 1 O   1 
ATOM   276  C CB  . TRP A 1 35  ? -1.416  1.286   -2.803  1.00 8.04  ? 37  TRP 1 CB  1 
ATOM   277  C CG  . TRP A 1 35  ? -1.332  -0.086  -2.173  1.00 7.01  ? 37  TRP 1 CG  1 
ATOM   278  C CD1 . TRP A 1 35  ? -1.426  -1.304  -2.803  1.00 8.75  ? 37  TRP 1 CD1 1 
ATOM   279  C CD2 . TRP A 1 35  ? -1.134  -0.367  -0.788  1.00 6.83  ? 37  TRP 1 CD2 1 
ATOM   280  N NE1 . TRP A 1 35  ? -1.289  -2.326  -1.887  1.00 6.94  ? 37  TRP 1 NE1 1 
ATOM   281  C CE2 . TRP A 1 35  ? -1.109  -1.776  -0.639  1.00 7.39  ? 37  TRP 1 CE2 1 
ATOM   282  C CE3 . TRP A 1 35  ? -0.956  0.440   0.357   1.00 6.83  ? 37  TRP 1 CE3 1 
ATOM   283  C CZ2 . TRP A 1 35  ? -0.914  -2.403  0.605   1.00 7.44  ? 37  TRP 1 CZ2 1 
ATOM   284  C CZ3 . TRP A 1 35  ? -0.751  -0.196  1.605   1.00 8.65  ? 37  TRP 1 CZ3 1 
ATOM   285  C CH2 . TRP A 1 35  ? -0.742  -1.599  1.710   1.00 7.20  ? 37  TRP 1 CH2 1 
ATOM   286  N N   . TYR A 1 36  ? -2.798  4.178   -1.970  1.00 7.72  ? 38  TYR 1 N   1 
ATOM   287  C CA  . TYR A 1 36  ? -2.816  5.647   -2.077  1.00 8.14  ? 38  TYR 1 CA  1 
ATOM   288  C C   . TYR A 1 36  ? -1.831  6.218   -1.076  1.00 7.58  ? 38  TYR 1 C   1 
ATOM   289  O O   . TYR A 1 36  ? -1.719  5.714   0.035   1.00 7.62  ? 38  TYR 1 O   1 
ATOM   290  C CB  . TYR A 1 36  ? -4.204  6.218   -1.744  1.00 8.26  ? 38  TYR 1 CB  1 
ATOM   291  C CG  . TYR A 1 36  ? -5.299  5.742   -2.683  1.00 9.45  ? 38  TYR 1 CG  1 
ATOM   292  C CD1 . TYR A 1 36  ? -5.568  6.433   -3.877  1.00 10.19 ? 38  TYR 1 CD1 1 
ATOM   293  C CD2 . TYR A 1 36  ? -6.026  4.588   -2.405  1.00 7.73  ? 38  TYR 1 CD2 1 
ATOM   294  C CE1 . TYR A 1 36  ? -6.554  5.995   -4.758  1.00 11.00 ? 38  TYR 1 CE1 1 
ATOM   295  C CE2 . TYR A 1 36  ? -7.000  4.137   -3.286  1.00 9.58  ? 38  TYR 1 CE2 1 
ATOM   296  C CZ  . TYR A 1 36  ? -7.264  4.858   -4.452  1.00 10.64 ? 38  TYR 1 CZ  1 
ATOM   297  O OH  . TYR A 1 36  ? -8.226  4.427   -5.333  1.00 11.00 ? 38  TYR 1 OH  1 
ATOM   298  N N   . GLN A 1 37  ? -1.131  7.269   -1.475  1.00 7.50  ? 39  GLN 1 N   1 
ATOM   299  C CA  . GLN A 1 37  ? -0.259  8.022   -0.573  1.00 7.80  ? 39  GLN 1 CA  1 
ATOM   300  C C   . GLN A 1 37  ? -1.015  9.310   -0.214  1.00 8.02  ? 39  GLN 1 C   1 
ATOM   301  O O   . GLN A 1 37  ? -1.681  9.879   -1.071  1.00 9.31  ? 39  GLN 1 O   1 
ATOM   302  C CB  . GLN A 1 37  ? 1.017   8.390   -1.314  1.00 7.78  ? 39  GLN 1 CB  1 
ATOM   303  C CG  . GLN A 1 37  ? 2.063   9.094   -0.468  1.00 8.87  ? 39  GLN 1 CG  1 
ATOM   304  C CD  . GLN A 1 37  ? 3.259   9.506   -1.287  1.00 11.27 ? 39  GLN 1 CD  1 
ATOM   305  O OE1 . GLN A 1 37  ? 4.384   9.059   -1.042  1.00 14.29 ? 39  GLN 1 OE1 1 
ATOM   306  N NE2 . GLN A 1 37  ? 3.022   10.330  -2.271  1.00 8.94  ? 39  GLN 1 NE2 1 
ATOM   307  N N   . GLN A 1 38  ? -0.908  9.777   1.020   1.00 8.58  ? 40  GLN 1 N   1 
ATOM   308  C CA  . GLN A 1 38  ? -1.495  11.070  1.378   1.00 8.63  ? 40  GLN 1 CA  1 
ATOM   309  C C   . GLN A 1 38  ? -0.579  11.870  2.274   1.00 9.60  ? 40  GLN 1 C   1 
ATOM   310  O O   . GLN A 1 38  ? -0.111  11.381  3.310   1.00 9.78  ? 40  GLN 1 O   1 
ATOM   311  C CB  . GLN A 1 38  ? -2.875  10.942  2.038   1.00 8.98  ? 40  GLN 1 CB  1 
ATOM   312  C CG  . GLN A 1 38  ? -3.543  12.335  2.195   1.00 8.35  ? 40  GLN 1 CG  1 
ATOM   313  C CD  . GLN A 1 38  ? -4.975  12.291  2.708   1.00 8.50  ? 40  GLN 1 CD  1 
ATOM   314  O OE1 . GLN A 1 38  ? -5.818  13.099  2.284   1.00 10.93 ? 40  GLN 1 OE1 1 
ATOM   315  N NE2 . GLN A 1 38  ? -5.260  11.371  3.603   1.00 7.04  ? 40  GLN 1 NE2 1 
ATOM   316  N N   . ARG A 1 39  ? -0.303  13.102  1.854   1.00 9.37  ? 41  ARG 1 N   1 
ATOM   317  C CA  . ARG A 1 39  ? 0.503   13.995  2.666   1.00 10.26 ? 41  ARG 1 CA  1 
ATOM   318  C C   . ARG A 1 39  ? -0.425  15.042  3.275   1.00 10.51 ? 41  ARG 1 C   1 
ATOM   319  O O   . ARG A 1 39  ? -1.421  15.390  2.654   1.00 8.86  ? 41  ARG 1 O   1 
ATOM   320  C CB  . ARG A 1 39  ? 1.589   14.667  1.818   1.00 10.49 ? 41  ARG 1 CB  1 
ATOM   321  C CG  . ARG A 1 39  ? 2.596   13.696  1.250   1.00 11.38 ? 41  ARG 1 CG  1 
ATOM   322  C CD  . ARG A 1 39  ? 3.950   14.331  0.902   1.00 16.24 ? 41  ARG 1 CD  1 
ATOM   323  N NE  . ARG A 1 39  ? 4.880   13.377  0.274   1.00 16.37 ? 41  ARG 1 NE  1 
ATOM   324  C CZ  . ARG A 1 39  ? 4.905   13.140  -1.028  1.00 16.62 ? 41  ARG 1 CZ  1 
ATOM   325  N NH1 . ARG A 1 39  ? 4.052   13.767  -1.821  1.00 18.00 ? 41  ARG 1 NH1 1 
ATOM   326  N NH2 . ARG A 1 39  ? 5.764   12.282  -1.548  1.00 16.99 ? 41  ARG 1 NH2 1 
ATOM   327  N N   . PRO A 1 40  ? -0.095  15.529  4.480   1.00 11.41 ? 42  PRO 1 N   1 
ATOM   328  C CA  . PRO A 1 40  ? -0.934  16.490  5.191   1.00 12.19 ? 42  PRO 1 CA  1 
ATOM   329  C C   . PRO A 1 40  ? -1.247  17.719  4.332   1.00 12.84 ? 42  PRO 1 C   1 
ATOM   330  O O   . PRO A 1 40  ? -0.336  18.304  3.739   1.00 12.84 ? 42  PRO 1 O   1 
ATOM   331  C CB  . PRO A 1 40  ? -0.070  16.887  6.412   1.00 12.49 ? 42  PRO 1 CB  1 
ATOM   332  C CG  . PRO A 1 40  ? 0.850   15.701  6.632   1.00 13.34 ? 42  PRO 1 CG  1 
ATOM   333  C CD  . PRO A 1 40  ? 1.134   15.202  5.232   1.00 12.14 ? 42  PRO 1 CD  1 
ATOM   334  N N   . GLY A 1 41  ? -2.531  18.082  4.270   1.00 13.58 ? 43  GLY 1 N   1 
ATOM   335  C CA  . GLY A 1 41  ? -3.009  19.194  3.439   1.00 14.39 ? 43  GLY 1 CA  1 
ATOM   336  C C   . GLY A 1 41  ? -3.073  18.928  1.943   1.00 14.82 ? 43  GLY 1 C   1 
ATOM   337  O O   . GLY A 1 41  ? -3.190  19.868  1.134   1.00 15.60 ? 43  GLY 1 O   1 
ATOM   338  N N   . HIS A 1 42  ? -2.968  17.655  1.564   1.00 13.72 ? 44  HIS 1 N   1 
ATOM   339  C CA  . HIS A 1 42  ? -3.084  17.252  0.172   1.00 13.37 ? 44  HIS 1 CA  1 
ATOM   340  C C   . HIS A 1 42  ? -4.063  16.099  0.045   1.00 12.23 ? 44  HIS 1 C   1 
ATOM   341  O O   . HIS A 1 42  ? -4.297  15.389  1.032   1.00 11.43 ? 44  HIS 1 O   1 
ATOM   342  C CB  . HIS A 1 42  ? -1.711  16.871  -0.377  1.00 13.65 ? 44  HIS 1 CB  1 
ATOM   343  C CG  . HIS A 1 42  ? -0.804  18.048  -0.534  1.00 17.32 ? 44  HIS 1 CG  1 
ATOM   344  N ND1 . HIS A 1 42  ? -0.154  18.628  0.532   1.00 21.47 ? 44  HIS 1 ND1 1 
ATOM   345  C CD2 . HIS A 1 42  ? -0.494  18.795  -1.617  1.00 19.46 ? 44  HIS 1 CD2 1 
ATOM   346  C CE1 . HIS A 1 42  ? 0.540   19.669  0.110   1.00 21.38 ? 44  HIS 1 CE1 1 
ATOM   347  N NE2 . HIS A 1 42  ? 0.361   19.783  -1.193  1.00 22.25 ? 44  HIS 1 NE2 1 
ATOM   348  N N   . PRO A 1 43  ? -4.655  15.937  -1.149  1.00 12.00 ? 45  PRO 1 N   1 
ATOM   349  C CA  . PRO A 1 43  ? -5.531  14.808  -1.422  1.00 11.47 ? 45  PRO 1 CA  1 
ATOM   350  C C   . PRO A 1 43  ? -4.743  13.500  -1.515  1.00 11.09 ? 45  PRO 1 C   1 
ATOM   351  O O   . PRO A 1 43  ? -3.524  13.524  -1.677  1.00 11.80 ? 45  PRO 1 O   1 
ATOM   352  C CB  . PRO A 1 43  ? -6.146  15.159  -2.794  1.00 11.38 ? 45  PRO 1 CB  1 
ATOM   353  C CG  . PRO A 1 43  ? -5.190  16.078  -3.434  1.00 12.20 ? 45  PRO 1 CG  1 
ATOM   354  C CD  . PRO A 1 43  ? -4.563  16.853  -2.311  1.00 12.22 ? 45  PRO 1 CD  1 
ATOM   355  N N   . PRO A 1 44  ? -5.430  12.367  -1.438  1.00 11.05 ? 46  PRO 1 N   1 
ATOM   356  C CA  . PRO A 1 44  ? -4.779  11.084  -1.714  1.00 10.43 ? 46  PRO 1 CA  1 
ATOM   357  C C   . PRO A 1 44  ? -4.249  11.068  -3.141  1.00 10.16 ? 46  PRO 1 C   1 
ATOM   358  O O   . PRO A 1 44  ? -4.815  11.728  -4.032  1.00 9.68  ? 46  PRO 1 O   1 
ATOM   359  C CB  . PRO A 1 44  ? -5.924  10.070  -1.599  1.00 10.31 ? 46  PRO 1 CB  1 
ATOM   360  C CG  . PRO A 1 44  ? -6.967  10.753  -0.765  1.00 10.48 ? 46  PRO 1 CG  1 
ATOM   361  C CD  . PRO A 1 44  ? -6.870  12.209  -1.122  1.00 9.98  ? 46  PRO 1 CD  1 
ATOM   362  N N   . ARG A 1 45  ? -3.184  10.308  -3.342  1.00 9.09  ? 47  ARG 1 N   1 
ATOM   363  C CA  . ARG A 1 45  ? -2.586  10.132  -4.662  1.00 9.75  ? 47  ARG 1 CA  1 
ATOM   364  C C   . ARG A 1 45  ? -2.528  8.645   -4.977  1.00 8.71  ? 47  ARG 1 C   1 
ATOM   365  O O   . ARG A 1 45  ? -1.909  7.883   -4.256  1.00 8.21  ? 47  ARG 1 O   1 
ATOM   366  C CB  . ARG A 1 45  ? -1.162  10.716  -4.676  1.00 9.82  ? 47  ARG 1 CB  1 
ATOM   367  C CG  . ARG A 1 45  ? -0.431  10.523  -5.999  1.00 14.16 ? 47  ARG 1 CG  1 
ATOM   368  C CD  . ARG A 1 45  ? 1.078   10.603  -5.894  1.00 19.04 ? 47  ARG 1 CD  1 
ATOM   369  N NE  . ARG A 1 45  ? 1.666   10.351  -7.211  1.00 23.95 ? 47  ARG 1 NE  1 
ATOM   370  C CZ  . ARG A 1 45  ? 2.337   11.241  -7.934  1.00 25.72 ? 47  ARG 1 CZ  1 
ATOM   371  N NH1 . ARG A 1 45  ? 2.566   12.470  -7.463  1.00 27.80 ? 47  ARG 1 NH1 1 
ATOM   372  N NH2 . ARG A 1 45  ? 2.814   10.895  -9.121  1.00 24.25 ? 47  ARG 1 NH2 1 
ATOM   373  N N   . PHE A 1 46  ? -3.157  8.247   -6.074  1.00 9.32  ? 48  PHE 1 N   1 
ATOM   374  C CA  . PHE A 1 46  ? -3.120  6.854   -6.518  1.00 9.09  ? 48  PHE 1 CA  1 
ATOM   375  C C   . PHE A 1 46  ? -1.679  6.419   -6.803  1.00 8.35  ? 48  PHE 1 C   1 
ATOM   376  O O   . PHE A 1 46  ? -1.001  7.048   -7.612  1.00 7.38  ? 48  PHE 1 O   1 
ATOM   377  C CB  . PHE A 1 46  ? -3.991  6.692   -7.779  1.00 9.71  ? 48  PHE 1 CB  1 
ATOM   378  C CG  . PHE A 1 46  ? -3.973  5.312   -8.372  1.00 11.16 ? 48  PHE 1 CG  1 
ATOM   379  C CD1 . PHE A 1 46  ? -3.331  5.068   -9.587  1.00 11.55 ? 48  PHE 1 CD1 1 
ATOM   380  C CD2 . PHE A 1 46  ? -4.610  4.257   -7.732  1.00 13.35 ? 48  PHE 1 CD2 1 
ATOM   381  C CE1 . PHE A 1 46  ? -3.323  3.808   -10.144 1.00 11.27 ? 48  PHE 1 CE1 1 
ATOM   382  C CE2 . PHE A 1 46  ? -4.589  2.970   -8.291  1.00 13.23 ? 48  PHE 1 CE2 1 
ATOM   383  C CZ  . PHE A 1 46  ? -3.967  2.758   -9.501  1.00 11.72 ? 48  PHE 1 CZ  1 
ATOM   384  N N   . LEU A 1 47  ? -1.238  5.339   -6.153  1.00 6.95  ? 49  LEU 1 N   1 
ATOM   385  C CA  . LEU A 1 47  ? 0.080   4.745   -6.418  1.00 7.96  ? 49  LEU 1 CA  1 
ATOM   386  C C   . LEU A 1 47  ? 0.054   3.594   -7.427  1.00 8.36  ? 49  LEU 1 C   1 
ATOM   387  O O   . LEU A 1 47  ? 0.826   3.586   -8.398  1.00 8.01  ? 49  LEU 1 O   1 
ATOM   388  C CB  . LEU A 1 47  ? 0.721   4.230   -5.120  1.00 7.50  ? 49  LEU 1 CB  1 
ATOM   389  C CG  . LEU A 1 47  ? 1.010   5.309   -4.066  1.00 8.44  ? 49  LEU 1 CG  1 
ATOM   390  C CD1 . LEU A 1 47  ? 1.430   4.640   -2.762  1.00 7.36  ? 49  LEU 1 CD1 1 
ATOM   391  C CD2 . LEU A 1 47  ? 2.068   6.275   -4.562  1.00 10.03 ? 49  LEU 1 CD2 1 
ATOM   392  N N   . LEU A 1 48  ? -0.798  2.606   -7.159  1.00 7.75  ? 50  LEU 1 N   1 
ATOM   393  C CA  . LEU A 1 48  ? -0.884  1.402   -7.994  1.00 8.39  ? 50  LEU 1 CA  1 
ATOM   394  C C   . LEU A 1 48  ? -2.078  0.548   -7.578  1.00 8.40  ? 50  LEU 1 C   1 
ATOM   395  O O   . LEU A 1 48  ? -2.577  0.662   -6.441  1.00 8.14  ? 50  LEU 1 O   1 
ATOM   396  C CB  . LEU A 1 48  ? 0.443   0.591   -7.940  1.00 8.39  ? 50  LEU 1 CB  1 
ATOM   397  C CG  . LEU A 1 48  ? 0.928   0.034   -6.590  1.00 9.13  ? 50  LEU 1 CG  1 
ATOM   398  C CD1 . LEU A 1 48  ? 0.360   -1.380  -6.377  1.00 11.08 ? 50  LEU 1 CD1 1 
ATOM   399  C CD2 . LEU A 1 48  ? 2.456   -0.011  -6.525  1.00 8.61  ? 50  LEU 1 CD2 1 
ATOM   400  N N   . ARG A 1 49  ? -2.546  -0.267  -8.527  1.00 8.68  ? 51  ARG 1 N   1 
ATOM   401  C CA  . ARG A 1 49  ? -3.566  -1.269  -8.312  1.00 8.94  ? 51  ARG 1 CA  1 
ATOM   402  C C   . ARG A 1 49  ? -2.895  -2.602  -8.547  1.00 9.01  ? 51  ARG 1 C   1 
ATOM   403  O O   . ARG A 1 49  ? -2.262  -2.813  -9.599  1.00 10.20 ? 51  ARG 1 O   1 
ATOM   404  C CB  . ARG A 1 49  ? -4.721  -1.083  -9.316  1.00 8.97  ? 51  ARG 1 CB  1 
ATOM   405  C CG  . ARG A 1 49  ? -5.814  -2.148  -9.223  1.00 9.53  ? 51  ARG 1 CG  1 
ATOM   406  C CD  . ARG A 1 49  ? -6.736  -2.194  -10.458 1.00 10.39 ? 51  ARG 1 CD  1 
ATOM   407  N NE  . ARG A 1 49  ? -5.961  -2.375  -11.687 1.00 10.92 ? 51  ARG 1 NE  1 
ATOM   408  C CZ  . ARG A 1 49  ? -5.549  -3.553  -12.143 1.00 12.56 ? 51  ARG 1 CZ  1 
ATOM   409  N NH1 . ARG A 1 49  ? -5.849  -4.668  -11.485 1.00 11.69 ? 51  ARG 1 NH1 1 
ATOM   410  N NH2 . ARG A 1 49  ? -4.846  -3.621  -13.261 1.00 13.24 ? 51  ARG 1 NH2 1 
ATOM   411  N N   . TYR A 1 50  ? -3.029  -3.508  -7.594  1.00 8.34  ? 52  TYR 1 N   1 
ATOM   412  C CA  . TYR A 1 50  ? -2.436  -4.821  -7.738  1.00 9.44  ? 52  TYR 1 CA  1 
ATOM   413  C C   . TYR A 1 50  ? -3.463  -5.948  -7.581  1.00 9.46  ? 52  TYR 1 C   1 
ATOM   414  O O   . TYR A 1 50  ? -4.053  -6.117  -6.512  1.00 8.82  ? 52  TYR 1 O   1 
ATOM   415  C CB  . TYR A 1 50  ? -1.270  -5.025  -6.750  1.00 9.53  ? 52  TYR 1 CB  1 
ATOM   416  C CG  . TYR A 1 50  ? -0.511  -6.322  -6.997  1.00 9.98  ? 52  TYR 1 CG  1 
ATOM   417  C CD1 . TYR A 1 50  ? -0.925  -7.519  -6.408  1.00 9.40  ? 52  TYR 1 CD1 1 
ATOM   418  C CD2 . TYR A 1 50  ? 0.597   -6.349  -7.849  1.00 9.82  ? 52  TYR 1 CD2 1 
ATOM   419  C CE1 . TYR A 1 50  ? -0.252  -8.722  -6.663  1.00 10.66 ? 52  TYR 1 CE1 1 
ATOM   420  C CE2 . TYR A 1 50  ? 1.280   -7.540  -8.094  1.00 11.27 ? 52  TYR 1 CE2 1 
ATOM   421  C CZ  . TYR A 1 50  ? 0.852   -8.714  -7.489  1.00 10.91 ? 52  TYR 1 CZ  1 
ATOM   422  O OH  . TYR A 1 50  ? 1.538   -9.878  -7.734  1.00 11.74 ? 52  TYR 1 OH  1 
ATOM   423  N N   . PHE A 1 51  ? -3.659  -6.706  -8.659  1.00 10.22 ? 53  PHE 1 N   1 
ATOM   424  C CA  . PHE A 1 51  ? -4.393  -7.972  -8.598  1.00 11.24 ? 53  PHE 1 CA  1 
ATOM   425  C C   . PHE A 1 51  ? -3.427  -9.175  -8.646  1.00 11.89 ? 53  PHE 1 C   1 
ATOM   426  O O   . PHE A 1 51  ? -3.524  -10.096 -7.829  1.00 12.79 ? 53  PHE 1 O   1 
ATOM   427  C CB  . PHE A 1 51  ? -5.475  -8.080  -9.710  1.00 11.26 ? 53  PHE 1 CB  1 
ATOM   428  C CG  . PHE A 1 51  ? -6.266  -9.372  -9.648  1.00 12.88 ? 53  PHE 1 CG  1 
ATOM   429  C CD1 . PHE A 1 51  ? -7.358  -9.500  -8.782  1.00 14.19 ? 53  PHE 1 CD1 1 
ATOM   430  C CD2 . PHE A 1 51  ? -5.882  -10.480 -10.413 1.00 14.32 ? 53  PHE 1 CD2 1 
ATOM   431  C CE1 . PHE A 1 51  ? -8.073  -10.713 -8.701  1.00 17.42 ? 53  PHE 1 CE1 1 
ATOM   432  C CE2 . PHE A 1 51  ? -6.579  -11.692 -10.348 1.00 16.31 ? 53  PHE 1 CE2 1 
ATOM   433  C CZ  . PHE A 1 51  ? -7.682  -11.818 -9.492  1.00 15.67 ? 53  PHE 1 CZ  1 
ATOM   434  N N   . SER A 1 52  ? -2.517  -9.175  -9.611  1.00 11.89 ? 54  SER 1 N   1 
ATOM   435  C CA  . SER A 1 52  ? -1.539  -10.261 -9.762  1.00 12.82 ? 54  SER 1 CA  1 
ATOM   436  C C   . SER A 1 52  ? -0.353  -9.708  -10.534 1.00 13.31 ? 54  SER 1 C   1 
ATOM   437  O O   . SER A 1 52  ? -0.420  -8.560  -10.987 1.00 12.76 ? 54  SER 1 O   1 
ATOM   438  C CB  . SER A 1 52  ? -2.158  -11.456 -10.507 1.00 12.70 ? 54  SER 1 CB  1 
ATOM   439  O OG  . SER A 1 52  ? -2.110  -11.221 -11.906 1.00 13.12 ? 54  SER 1 OG  1 
ATOM   440  N N   . GLN A 1 53  ? 0.720   -10.512 -10.697 1.00 13.94 ? 55  GLN 1 N   1 
ATOM   441  C CA  A GLN A 1 53  ? 1.912   -10.042 -11.411 0.50 13.96 ? 55  GLN 1 CA  1 
ATOM   442  C CA  B GLN A 1 53  ? 1.923   -10.096 -11.416 0.50 14.73 ? 55  GLN 1 CA  1 
ATOM   443  C C   . GLN A 1 53  ? 1.609   -9.708  -12.867 1.00 14.18 ? 55  GLN 1 C   1 
ATOM   444  O O   . GLN A 1 53  ? 2.324   -8.930  -13.483 1.00 13.92 ? 55  GLN 1 O   1 
ATOM   445  C CB  A GLN A 1 53  ? 3.086   -11.037 -11.337 0.50 14.30 ? 55  GLN 1 CB  1 
ATOM   446  C CB  B GLN A 1 53  ? 2.994   -11.207 -11.374 0.50 14.96 ? 55  GLN 1 CB  1 
ATOM   447  C CG  A GLN A 1 53  ? 3.934   -10.969 -10.051 0.50 14.30 ? 55  GLN 1 CG  1 
ATOM   448  C CG  B GLN A 1 53  ? 3.455   -11.617 -9.948  0.50 16.63 ? 55  GLN 1 CG  1 
ATOM   449  C CD  A GLN A 1 53  ? 4.613   -9.628  -9.833  0.50 14.32 ? 55  GLN 1 CD  1 
ATOM   450  C CD  B GLN A 1 53  ? 4.316   -12.889 -9.917  0.50 16.73 ? 55  GLN 1 CD  1 
ATOM   451  O OE1 A GLN A 1 53  ? 5.338   -9.138  -10.703 0.50 14.33 ? 55  GLN 1 OE1 1 
ATOM   452  O OE1 B GLN A 1 53  ? 4.241   -13.674 -8.965  0.50 18.22 ? 55  GLN 1 OE1 1 
ATOM   453  N NE2 A GLN A 1 53  ? 4.395   -9.042  -8.662  0.50 12.54 ? 55  GLN 1 NE2 1 
ATOM   454  N NE2 B GLN A 1 53  ? 5.129   -13.088 -10.953 0.50 18.57 ? 55  GLN 1 NE2 1 
ATOM   455  N N   . SER A 1 54  ? 0.541   -10.279 -13.419 1.00 13.86 ? 56  SER 1 N   1 
ATOM   456  C CA  . SER A 1 54  ? 0.139   -9.952  -14.794 1.00 14.17 ? 56  SER 1 CA  1 
ATOM   457  C C   . SER A 1 54  ? -1.165  -9.133  -14.880 1.00 13.27 ? 56  SER 1 C   1 
ATOM   458  O O   . SER A 1 54  ? -1.729  -8.957  -15.964 1.00 13.17 ? 56  SER 1 O   1 
ATOM   459  C CB  . SER A 1 54  ? 0.024   -11.249 -15.614 1.00 14.64 ? 56  SER 1 CB  1 
ATOM   460  O OG  . SER A 1 54  ? -0.959  -12.106 -15.046 1.00 17.77 ? 56  SER 1 OG  1 
ATOM   461  N N   . ASP A 1 55  ? -1.648  -8.630  -13.742 1.00 12.14 ? 57  ASP 1 N   1 
ATOM   462  C CA  . ASP A 1 55  ? -2.841  -7.778  -13.730 1.00 11.09 ? 57  ASP 1 CA  1 
ATOM   463  C C   . ASP A 1 55  ? -2.670  -6.738  -12.642 1.00 10.74 ? 57  ASP 1 C   1 
ATOM   464  O O   . ASP A 1 55  ? -3.031  -6.958  -11.487 1.00 9.47  ? 57  ASP 1 O   1 
ATOM   465  C CB  . ASP A 1 55  ? -4.126  -8.618  -13.563 1.00 10.92 ? 57  ASP 1 CB  1 
ATOM   466  C CG  . ASP A 1 55  ? -5.408  -7.779  -13.555 1.00 10.70 ? 57  ASP 1 CG  1 
ATOM   467  O OD1 . ASP A 1 55  ? -5.385  -6.513  -13.637 1.00 8.65  ? 57  ASP 1 OD1 1 
ATOM   468  O OD2 . ASP A 1 55  ? -6.517  -8.336  -13.430 1.00 10.60 ? 57  ASP 1 OD2 1 
ATOM   469  N N   . LYS A 1 56  ? -2.060  -5.618  -13.032 1.00 10.92 ? 58  LYS 1 N   1 
ATOM   470  C CA  . LYS A 1 56  ? -1.704  -4.527  -12.125 1.00 11.41 ? 58  LYS 1 CA  1 
ATOM   471  C C   . LYS A 1 56  ? -1.619  -3.229  -12.932 1.00 11.32 ? 58  LYS 1 C   1 
ATOM   472  O O   . LYS A 1 56  ? -1.470  -3.274  -14.155 1.00 11.56 ? 58  LYS 1 O   1 
ATOM   473  C CB  . LYS A 1 56  ? -0.363  -4.811  -11.437 1.00 11.40 ? 58  LYS 1 CB  1 
ATOM   474  C CG  . LYS A 1 56  ? 0.829   -4.962  -12.407 1.00 11.69 ? 58  LYS 1 CG  1 
ATOM   475  C CD  . LYS A 1 56  ? 2.062   -5.498  -11.686 1.00 13.22 ? 58  LYS 1 CD  1 
ATOM   476  C CE  . LYS A 1 56  ? 3.207   -5.721  -12.656 1.00 17.27 ? 58  LYS 1 CE  1 
ATOM   477  N NZ  . LYS A 1 56  ? 4.321   -6.451  -11.985 1.00 19.44 ? 58  LYS 1 NZ  1 
ATOM   478  N N   . SER A 1 57  ? -1.740  -2.083  -12.267 1.00 10.84 ? 59  SER 1 N   1 
ATOM   479  C CA  . SER A 1 57  ? -1.633  -0.804  -12.966 1.00 11.08 ? 59  SER 1 CA  1 
ATOM   480  C C   . SER A 1 57  ? -0.851  0.152   -12.094 1.00 11.29 ? 59  SER 1 C   1 
ATOM   481  O O   . SER A 1 57  ? -1.206  0.357   -10.942 1.00 10.63 ? 59  SER 1 O   1 
ATOM   482  C CB  . SER A 1 57  ? -3.014  -0.217  -13.270 1.00 10.57 ? 59  SER 1 CB  1 
ATOM   483  O OG  . SER A 1 57  ? -3.812  -1.111  -14.027 1.00 12.09 ? 59  SER 1 OG  1 
ATOM   484  N N   . GLN A 1 58  ? 0.225   0.711   -12.640 1.00 11.51 ? 60  GLN 1 N   1 
ATOM   485  C CA  . GLN A 1 58  ? 1.022   1.660   -11.918 1.00 12.14 ? 60  GLN 1 CA  1 
ATOM   486  C C   . GLN A 1 58  ? 0.408   3.056   -12.113 1.00 13.80 ? 60  GLN 1 C   1 
ATOM   487  O O   . GLN A 1 58  ? 0.001   3.420   -13.222 1.00 13.08 ? 60  GLN 1 O   1 
ATOM   488  C CB  . GLN A 1 58  ? 2.460   1.587   -12.430 1.00 11.92 ? 60  GLN 1 CB  1 
ATOM   489  C CG  . GLN A 1 58  ? 3.493   2.330   -11.573 1.00 11.44 ? 60  GLN 1 CG  1 
ATOM   490  C CD  . GLN A 1 58  ? 3.944   1.566   -10.352 1.00 10.43 ? 60  GLN 1 CD  1 
ATOM   491  O OE1 . GLN A 1 58  ? 3.455   0.476   -10.080 1.00 10.26 ? 60  GLN 1 OE1 1 
ATOM   492  N NE2 . GLN A 1 58  ? 4.872   2.152   -9.596  1.00 8.42  ? 60  GLN 1 NE2 1 
ATOM   493  N N   . GLY A 1 59  ? 0.346   3.842   -11.040 1.00 13.95 ? 61  GLY 1 N   1 
ATOM   494  C CA  . GLY A 1 59  ? -0.210  5.177   -11.139 1.00 14.98 ? 61  GLY 1 CA  1 
ATOM   495  C C   . GLY A 1 59  ? 0.688   6.062   -11.977 1.00 15.87 ? 61  GLY 1 C   1 
ATOM   496  O O   . GLY A 1 59  ? 1.890   5.801   -12.065 1.00 15.10 ? 61  GLY 1 O   1 
ATOM   497  N N   . PRO A 1 60  ? 0.115   7.110   -12.580 1.00 16.65 ? 62  PRO 1 N   1 
ATOM   498  C CA  . PRO A 1 60  ? 0.891   8.048   -13.389 1.00 17.24 ? 62  PRO 1 CA  1 
ATOM   499  C C   . PRO A 1 60  ? 2.036   8.637   -12.594 1.00 17.24 ? 62  PRO 1 C   1 
ATOM   500  O O   . PRO A 1 60  ? 1.833   9.130   -11.471 1.00 17.90 ? 62  PRO 1 O   1 
ATOM   501  C CB  . PRO A 1 60  ? -0.117  9.158   -13.719 1.00 17.50 ? 62  PRO 1 CB  1 
ATOM   502  C CG  . PRO A 1 60  ? -1.456  8.521   -13.579 1.00 17.85 ? 62  PRO 1 CG  1 
ATOM   503  C CD  . PRO A 1 60  ? -1.314  7.475   -12.519 1.00 16.35 ? 62  PRO 1 CD  1 
ATOM   504  N N   . GLN A 1 61  ? 3.235   8.556   -13.164 1.00 16.98 ? 63  GLN 1 N   1 
ATOM   505  C CA  . GLN A 1 61  ? 4.419   9.194   -12.599 1.00 17.20 ? 63  GLN 1 CA  1 
ATOM   506  C C   . GLN A 1 61  ? 4.877   8.609   -11.235 1.00 16.21 ? 63  GLN 1 C   1 
ATOM   507  O O   . GLN A 1 61  ? 5.743   9.170   -10.568 1.00 16.67 ? 63  GLN 1 O   1 
ATOM   508  C CB  . GLN A 1 61  ? 4.239   10.722  -12.570 1.00 17.49 ? 63  GLN 1 CB  1 
ATOM   509  C CG  . GLN A 1 61  ? 3.984   11.336  -13.967 1.00 19.34 ? 63  GLN 1 CG  1 
ATOM   510  C CD  . GLN A 1 61  ? 3.701   12.818  -13.930 1.00 20.11 ? 63  GLN 1 CD  1 
ATOM   511  O OE1 . GLN A 1 61  ? 3.556   13.403  -12.851 1.00 25.54 ? 63  GLN 1 OE1 1 
ATOM   512  N NE2 . GLN A 1 61  ? 3.638   13.445  -15.113 1.00 24.33 ? 63  GLN 1 NE2 1 
ATOM   513  N N   . VAL A 1 62  ? 4.323   7.456   -10.852 1.00 14.90 ? 64  VAL 1 N   1 
ATOM   514  C CA  . VAL A 1 62  ? 4.748   6.738   -9.651  1.00 13.53 ? 64  VAL 1 CA  1 
ATOM   515  C C   . VAL A 1 62  ? 5.897   5.802   -10.055 1.00 13.34 ? 64  VAL 1 C   1 
ATOM   516  O O   . VAL A 1 62  ? 5.693   4.889   -10.847 1.00 12.34 ? 64  VAL 1 O   1 
ATOM   517  C CB  . VAL A 1 62  ? 3.570   5.919   -9.029  1.00 13.67 ? 64  VAL 1 CB  1 
ATOM   518  C CG1 . VAL A 1 62  ? 4.042   5.087   -7.804  1.00 12.20 ? 64  VAL 1 CG1 1 
ATOM   519  C CG2 . VAL A 1 62  ? 2.387   6.836   -8.690  1.00 12.62 ? 64  VAL 1 CG2 1 
ATOM   520  N N   . PRO A 1 63  ? 7.100   6.016   -9.520  1.00 13.68 ? 65  PRO 1 N   1 
ATOM   521  C CA  . PRO A 1 63  ? 8.278   5.240   -9.957  1.00 13.82 ? 65  PRO 1 CA  1 
ATOM   522  C C   . PRO A 1 63  ? 8.152   3.754   -9.587  1.00 14.05 ? 65  PRO 1 C   1 
ATOM   523  O O   . PRO A 1 63  ? 7.405   3.416   -8.658  1.00 14.06 ? 65  PRO 1 O   1 
ATOM   524  C CB  . PRO A 1 63  ? 9.432   5.911   -9.209  1.00 14.08 ? 65  PRO 1 CB  1 
ATOM   525  C CG  . PRO A 1 63  ? 8.793   6.510   -8.014  1.00 14.02 ? 65  PRO 1 CG  1 
ATOM   526  C CD  . PRO A 1 63  ? 7.434   6.972   -8.449  1.00 13.34 ? 65  PRO 1 CD  1 
ATOM   527  N N   . PRO A 1 64  ? 8.875   2.875   -10.288 1.00 14.25 ? 66  PRO 1 N   1 
ATOM   528  C CA  . PRO A 1 64  ? 8.692   1.430   -10.103 1.00 14.25 ? 66  PRO 1 CA  1 
ATOM   529  C C   . PRO A 1 64  ? 9.196   0.915   -8.750  1.00 13.23 ? 66  PRO 1 C   1 
ATOM   530  O O   . PRO A 1 64  ? 8.879   -0.212  -8.371  1.00 13.01 ? 66  PRO 1 O   1 
ATOM   531  C CB  . PRO A 1 64  ? 9.470   0.797   -11.267 1.00 14.29 ? 66  PRO 1 CB  1 
ATOM   532  C CG  . PRO A 1 64  ? 10.140  1.918   -12.004 1.00 14.77 ? 66  PRO 1 CG  1 
ATOM   533  C CD  . PRO A 1 64  ? 9.937   3.190   -11.263 1.00 14.69 ? 66  PRO 1 CD  1 
ATOM   534  N N   . ARG A 1 65  ? 9.940   1.736   -8.013  1.00 12.90 ? 67  ARG 1 N   1 
ATOM   535  C CA  . ARG A 1 65  ? 10.273  1.391   -6.615  1.00 12.36 ? 67  ARG 1 CA  1 
ATOM   536  C C   . ARG A 1 65  ? 9.043   1.232   -5.678  1.00 11.59 ? 67  ARG 1 C   1 
ATOM   537  O O   . ARG A 1 65  ? 9.177   0.672   -4.594  1.00 11.43 ? 67  ARG 1 O   1 
ATOM   538  C CB  . ARG A 1 65  ? 11.318  2.359   -6.020  1.00 13.04 ? 67  ARG 1 CB  1 
ATOM   539  C CG  . ARG A 1 65  ? 10.845  3.781   -5.834  1.00 12.41 ? 67  ARG 1 CG  1 
ATOM   540  C CD  . ARG A 1 65  ? 11.966  4.767   -5.457  1.00 12.08 ? 67  ARG 1 CD  1 
ATOM   541  N NE  . ARG A 1 65  ? 11.425  6.084   -5.165  1.00 12.07 ? 67  ARG 1 NE  1 
ATOM   542  C CZ  . ARG A 1 65  ? 10.955  6.461   -3.981  1.00 12.40 ? 67  ARG 1 CZ  1 
ATOM   543  N NH1 . ARG A 1 65  ? 10.967  5.613   -2.955  1.00 10.83 ? 67  ARG 1 NH1 1 
ATOM   544  N NH2 . ARG A 1 65  ? 10.465  7.693   -3.832  1.00 10.27 ? 67  ARG 1 NH2 1 
ATOM   545  N N   . PHE A 1 66  ? 7.869   1.707   -6.106  1.00 10.26 ? 68  PHE 1 N   1 
ATOM   546  C CA  . PHE A 1 66  ? 6.586   1.363   -5.471  1.00 10.11 ? 68  PHE 1 CA  1 
ATOM   547  C C   . PHE A 1 66  ? 6.012   0.148   -6.209  1.00 9.91  ? 68  PHE 1 C   1 
ATOM   548  O O   . PHE A 1 66  ? 5.717   0.233   -7.406  1.00 9.16  ? 68  PHE 1 O   1 
ATOM   549  C CB  . PHE A 1 66  ? 5.584   2.530   -5.576  1.00 9.06  ? 68  PHE 1 CB  1 
ATOM   550  C CG  . PHE A 1 66  ? 5.964   3.741   -4.776  1.00 10.59 ? 68  PHE 1 CG  1 
ATOM   551  C CD1 . PHE A 1 66  ? 6.862   4.689   -5.288  1.00 11.82 ? 68  PHE 1 CD1 1 
ATOM   552  C CD2 . PHE A 1 66  ? 5.445   3.935   -3.496  1.00 10.99 ? 68  PHE 1 CD2 1 
ATOM   553  C CE1 . PHE A 1 66  ? 7.216   5.802   -4.547  1.00 9.81  ? 68  PHE 1 CE1 1 
ATOM   554  C CE2 . PHE A 1 66  ? 5.802   5.059   -2.749  1.00 10.48 ? 68  PHE 1 CE2 1 
ATOM   555  C CZ  . PHE A 1 66  ? 6.678   5.987   -3.282  1.00 10.04 ? 68  PHE 1 CZ  1 
ATOM   556  N N   . SER A 1 67  ? 5.852   -0.974  -5.511  1.00 10.52 ? 69  SER 1 N   1 
ATOM   557  C CA  . SER A 1 67  ? 5.365   -2.193  -6.151  1.00 11.73 ? 69  SER 1 CA  1 
ATOM   558  C C   . SER A 1 67  ? 4.417   -2.990  -5.261  1.00 11.06 ? 69  SER 1 C   1 
ATOM   559  O O   . SER A 1 67  ? 4.570   -3.028  -4.029  1.00 11.49 ? 69  SER 1 O   1 
ATOM   560  C CB  . SER A 1 67  ? 6.539   -3.072  -6.631  1.00 11.60 ? 69  SER 1 CB  1 
ATOM   561  O OG  . SER A 1 67  ? 7.315   -3.547  -5.545  1.00 15.59 ? 69  SER 1 OG  1 
ATOM   562  N N   . GLY A 1 68  ? 3.426   -3.615  -5.889  1.00 10.89 ? 70  GLY 1 N   1 
ATOM   563  C CA  . GLY A 1 68  ? 2.452   -4.441  -5.155  1.00 10.05 ? 70  GLY 1 CA  1 
ATOM   564  C C   . GLY A 1 68  ? 2.827   -5.909  -5.198  1.00 9.78  ? 70  GLY 1 C   1 
ATOM   565  O O   . GLY A 1 68  ? 3.573   -6.350  -6.083  1.00 9.26  ? 70  GLY 1 O   1 
ATOM   566  N N   . SER A 1 69  ? 2.318   -6.649  -4.224  1.00 8.98  ? 71  SER 1 N   1 
ATOM   567  C CA  . SER A 1 69  ? 2.360   -8.106  -4.188  1.00 9.36  ? 71  SER 1 CA  1 
ATOM   568  C C   . SER A 1 69  ? 1.232   -8.581  -3.269  1.00 9.14  ? 71  SER 1 C   1 
ATOM   569  O O   . SER A 1 69  ? 0.525   -7.764  -2.677  1.00 9.04  ? 71  SER 1 O   1 
ATOM   570  C CB  . SER A 1 69  ? 3.721   -8.614  -3.715  1.00 9.49  ? 71  SER 1 CB  1 
ATOM   571  O OG  . SER A 1 69  ? 4.102   -8.028  -2.475  1.00 9.48  ? 71  SER 1 OG  1 
ATOM   572  N N   . LYS A 1 70  ? 1.051   -9.887  -3.153  1.00 9.02  ? 72  LYS 1 N   1 
ATOM   573  C CA  . LYS A 1 70  ? 0.056   -10.464 -2.241  1.00 9.46  ? 72  LYS 1 CA  1 
ATOM   574  C C   . LYS A 1 70  ? 0.620   -11.697 -1.575  1.00 9.87  ? 72  LYS 1 C   1 
ATOM   575  O O   . LYS A 1 70  ? 1.535   -12.344 -2.106  1.00 9.54  ? 72  LYS 1 O   1 
ATOM   576  C CB  . LYS A 1 70  ? -1.191  -10.927 -2.999  1.00 9.45  ? 72  LYS 1 CB  1 
ATOM   577  C CG  . LYS A 1 70  ? -2.092  -9.834  -3.521  1.00 10.05 ? 72  LYS 1 CG  1 
ATOM   578  C CD  . LYS A 1 70  ? -3.246  -10.484 -4.310  1.00 10.34 ? 72  LYS 1 CD  1 
ATOM   579  C CE  . LYS A 1 70  ? -4.418  -9.533  -4.569  1.00 13.34 ? 72  LYS 1 CE  1 
ATOM   580  N NZ  . LYS A 1 70  ? -5.353  -10.162 -5.575  1.00 10.02 ? 72  LYS 1 NZ  1 
ATOM   581  N N   . ASP A 1 71  ? 0.062   -12.023 -0.420  1.00 9.54  ? 73  ASP 1 N   1 
ATOM   582  C CA  . ASP A 1 71  ? 0.147   -13.378 0.100   1.00 10.26 ? 73  ASP 1 CA  1 
ATOM   583  C C   . ASP A 1 71  ? -1.285  -13.859 0.264   1.00 10.56 ? 73  ASP 1 C   1 
ATOM   584  O O   . ASP A 1 71  ? -1.946  -13.564 1.264   1.00 9.01  ? 73  ASP 1 O   1 
ATOM   585  C CB  . ASP A 1 71  ? 0.878   -13.389 1.432   1.00 10.89 ? 73  ASP 1 CB  1 
ATOM   586  C CG  . ASP A 1 71  ? 1.086   -14.798 1.977   1.00 13.18 ? 73  ASP 1 CG  1 
ATOM   587  O OD1 . ASP A 1 71  ? 1.988   -14.943 2.821   1.00 12.11 ? 73  ASP 1 OD1 1 
ATOM   588  O OD2 . ASP A 1 71  ? 0.404   -15.791 1.624   1.00 13.93 ? 73  ASP 1 OD2 1 
ATOM   589  N N   . VAL A 1 72  ? -1.772  -14.607 -0.725  1.00 10.74 ? 74  VAL 1 N   1 
ATOM   590  C CA  . VAL A 1 72  ? -3.188  -14.972 -0.755  1.00 11.52 ? 74  VAL 1 CA  1 
ATOM   591  C C   . VAL A 1 72  ? -3.571  -15.874 0.426   1.00 11.79 ? 74  VAL 1 C   1 
ATOM   592  O O   . VAL A 1 72  ? -4.607  -15.664 1.056   1.00 11.62 ? 74  VAL 1 O   1 
ATOM   593  C CB  . VAL A 1 72  ? -3.597  -15.566 -2.150  1.00 12.12 ? 74  VAL 1 CB  1 
ATOM   594  C CG1 . VAL A 1 72  ? -5.015  -16.074 -2.137  1.00 13.51 ? 74  VAL 1 CG1 1 
ATOM   595  C CG2 . VAL A 1 72  ? -3.477  -14.496 -3.212  1.00 12.77 ? 74  VAL 1 CG2 1 
ATOM   596  N N   . ALA A 1 73  ? -2.717  -16.841 0.753   1.00 12.19 ? 75  ALA 1 N   1 
ATOM   597  C CA  . ALA A 1 73  ? -2.975  -17.736 1.885   1.00 12.61 ? 75  ALA 1 CA  1 
ATOM   598  C C   . ALA A 1 73  ? -3.142  -16.973 3.201   1.00 12.74 ? 75  ALA 1 C   1 
ATOM   599  O O   . ALA A 1 73  ? -3.886  -17.397 4.084   1.00 13.64 ? 75  ALA 1 O   1 
ATOM   600  C CB  . ALA A 1 73  ? -1.868  -18.790 2.000   1.00 13.20 ? 75  ALA 1 CB  1 
ATOM   601  N N   . ARG A 1 74  ? -2.483  -15.832 3.333   1.00 12.13 ? 76  ARG 1 N   1 
ATOM   602  C CA  . ARG A 1 74  ? -2.601  -15.043 4.565   1.00 12.15 ? 76  ARG 1 CA  1 
ATOM   603  C C   . ARG A 1 74  ? -3.597  -13.886 4.421   1.00 11.42 ? 76  ARG 1 C   1 
ATOM   604  O O   . ARG A 1 74  ? -3.788  -13.099 5.357   1.00 11.38 ? 76  ARG 1 O   1 
ATOM   605  C CB  . ARG A 1 74  ? -1.222  -14.556 5.030   1.00 11.91 ? 76  ARG 1 CB  1 
ATOM   606  C CG  . ARG A 1 74  ? -0.242  -15.682 5.331   1.00 12.42 ? 76  ARG 1 CG  1 
ATOM   607  C CD  . ARG A 1 74  ? 0.973   -15.250 6.155   1.00 13.89 ? 76  ARG 1 CD  1 
ATOM   608  N NE  . ARG A 1 74  ? 0.622   -15.050 7.569   1.00 15.53 ? 76  ARG 1 NE  1 
ATOM   609  C CZ  . ARG A 1 74  ? 1.513   -14.899 8.558   1.00 16.09 ? 76  ARG 1 CZ  1 
ATOM   610  N NH1 . ARG A 1 74  ? 2.817   -14.919 8.298   1.00 13.04 ? 76  ARG 1 NH1 1 
ATOM   611  N NH2 . ARG A 1 74  ? 1.099   -14.732 9.808   1.00 15.22 ? 76  ARG 1 NH2 1 
ATOM   612  N N   . ASN A 1 75  ? -4.276  -13.826 3.266   1.00 10.81 ? 77  ASN 1 N   1 
ATOM   613  C CA  . ASN A 1 75  ? -5.210  -12.728 2.950   1.00 9.41  ? 77  ASN 1 CA  1 
ATOM   614  C C   . ASN A 1 75  ? -4.582  -11.348 3.050   1.00 9.52  ? 77  ASN 1 C   1 
ATOM   615  O O   . ASN A 1 75  ? -5.212  -10.401 3.553   1.00 9.33  ? 77  ASN 1 O   1 
ATOM   616  C CB  . ASN A 1 75  ? -6.475  -12.811 3.812   1.00 8.87  ? 77  ASN 1 CB  1 
ATOM   617  C CG  . ASN A 1 75  ? -7.710  -13.017 2.982   1.00 10.94 ? 77  ASN 1 CG  1 
ATOM   618  O OD1 . ASN A 1 75  ? -7.612  -13.446 1.832   1.00 11.30 ? 77  ASN 1 OD1 1 
ATOM   619  N ND2 . ASN A 1 75  ? -8.884  -12.699 3.545   1.00 10.04 ? 77  ASN 1 ND2 1 
ATOM   620  N N   . ARG A 1 76  ? -3.339  -11.237 2.574   1.00 9.05  ? 78  ARG 1 N   1 
ATOM   621  C CA  A ARG A 1 76  ? -2.583  -9.992  2.685   0.50 9.43  ? 78  ARG 1 CA  1 
ATOM   622  C CA  B ARG A 1 76  ? -2.614  -9.975  2.676   0.50 9.26  ? 78  ARG 1 CA  1 
ATOM   623  C C   . ARG A 1 76  ? -2.243  -9.398  1.323   1.00 9.10  ? 78  ARG 1 C   1 
ATOM   624  O O   . ARG A 1 76  ? -1.870  -10.121 0.384   1.00 8.50  ? 78  ARG 1 O   1 
ATOM   625  C CB  A ARG A 1 76  ? -1.299  -10.206 3.507   0.50 9.17  ? 78  ARG 1 CB  1 
ATOM   626  C CB  B ARG A 1 76  ? -1.360  -10.119 3.551   0.50 9.15  ? 78  ARG 1 CB  1 
ATOM   627  C CG  A ARG A 1 76  ? -1.553  -10.485 4.999   0.50 9.28  ? 78  ARG 1 CG  1 
ATOM   628  C CG  B ARG A 1 76  ? -1.598  -10.976 4.789   0.50 9.29  ? 78  ARG 1 CG  1 
ATOM   629  C CD  A ARG A 1 76  ? -0.346  -10.985 5.813   0.50 10.27 ? 78  ARG 1 CD  1 
ATOM   630  C CD  B ARG A 1 76  ? -0.789  -10.637 6.014   0.50 11.15 ? 78  ARG 1 CD  1 
ATOM   631  N NE  A ARG A 1 76  ? -0.720  -11.216 7.218   0.50 10.40 ? 78  ARG 1 NE  1 
ATOM   632  N NE  B ARG A 1 76  ? 0.637   -10.858 5.828   0.50 8.76  ? 78  ARG 1 NE  1 
ATOM   633  C CZ  A ARG A 1 76  ? 0.119   -11.526 8.203   0.50 11.95 ? 78  ARG 1 CZ  1 
ATOM   634  C CZ  B ARG A 1 76  ? 1.513   -11.066 6.806   0.50 6.66  ? 78  ARG 1 CZ  1 
ATOM   635  N NH1 A ARG A 1 76  ? 1.425   -11.643 7.982   0.50 12.78 ? 78  ARG 1 NH1 1 
ATOM   636  N NH1 B ARG A 1 76  ? 1.131   -11.124 8.080   0.50 7.32  ? 78  ARG 1 NH1 1 
ATOM   637  N NH2 A ARG A 1 76  ? -0.358  -11.713 9.430   0.50 13.95 ? 78  ARG 1 NH2 1 
ATOM   638  N NH2 B ARG A 1 76  ? 2.785   -11.236 6.499   0.50 3.22  ? 78  ARG 1 NH2 1 
ATOM   639  N N   . GLY A 1 77  ? -2.356  -8.080  1.239   1.00 8.67  ? 79  GLY 1 N   1 
ATOM   640  C CA  . GLY A 1 77  ? -1.877  -7.333  0.097   1.00 8.85  ? 79  GLY 1 CA  1 
ATOM   641  C C   . GLY A 1 77  ? -0.713  -6.502  0.607   1.00 8.95  ? 79  GLY 1 C   1 
ATOM   642  O O   . GLY A 1 77  ? -0.740  -5.987  1.745   1.00 9.07  ? 79  GLY 1 O   1 
ATOM   643  N N   . TYR A 1 78  ? 0.309   -6.350  -0.231  1.00 8.53  ? 80  TYR 1 N   1 
ATOM   644  C CA  . TYR A 1 78  ? 1.519   -5.648  0.181   1.00 8.50  ? 80  TYR 1 CA  1 
ATOM   645  C C   . TYR A 1 78  ? 1.798   -4.463  -0.725  1.00 8.80  ? 80  TYR 1 C   1 
ATOM   646  O O   . TYR A 1 78  ? 1.510   -4.500  -1.928  1.00 8.58  ? 80  TYR 1 O   1 
ATOM   647  C CB  . TYR A 1 78  ? 2.722   -6.594  0.126   1.00 9.84  ? 80  TYR 1 CB  1 
ATOM   648  C CG  . TYR A 1 78  ? 2.678   -7.758  1.109   1.00 9.11  ? 80  TYR 1 CG  1 
ATOM   649  C CD1 . TYR A 1 78  ? 2.650   -9.071  0.654   1.00 9.64  ? 80  TYR 1 CD1 1 
ATOM   650  C CD2 . TYR A 1 78  ? 2.682   -7.539  2.489   1.00 8.29  ? 80  TYR 1 CD2 1 
ATOM   651  C CE1 . TYR A 1 78  ? 2.637   -10.157 1.560   1.00 9.81  ? 80  TYR 1 CE1 1 
ATOM   652  C CE2 . TYR A 1 78  ? 2.667   -8.611  3.399   1.00 9.29  ? 80  TYR 1 CE2 1 
ATOM   653  C CZ  . TYR A 1 78  ? 2.657   -9.924  2.918   1.00 11.47 ? 80  TYR 1 CZ  1 
ATOM   654  O OH  . TYR A 1 78  ? 2.635   -11.012 3.801   1.00 12.88 ? 80  TYR 1 OH  1 
ATOM   655  N N   . LEU A 1 79  ? 2.355   -3.410  -0.138  1.00 8.58  ? 81  LEU 1 N   1 
ATOM   656  C CA  . LEU A 1 79  ? 2.986   -2.361  -0.920  1.00 8.51  ? 81  LEU 1 CA  1 
ATOM   657  C C   . LEU A 1 79  ? 4.439   -2.309  -0.500  1.00 8.80  ? 81  LEU 1 C   1 
ATOM   658  O O   . LEU A 1 79  ? 4.731   -2.060  0.676   1.00 9.30  ? 81  LEU 1 O   1 
ATOM   659  C CB  . LEU A 1 79  ? 2.315   -0.997  -0.681  1.00 8.43  ? 81  LEU 1 CB  1 
ATOM   660  C CG  . LEU A 1 79  ? 3.040   0.227   -1.265  1.00 8.84  ? 81  LEU 1 CG  1 
ATOM   661  C CD1 . LEU A 1 79  ? 3.069   0.137   -2.794  1.00 10.21 ? 81  LEU 1 CD1 1 
ATOM   662  C CD2 . LEU A 1 79  ? 2.409   1.553   -0.818  1.00 8.47  ? 81  LEU 1 CD2 1 
ATOM   663  N N   . SER A 1 80  ? 5.349   -2.549  -1.447  1.00 8.68  ? 82  SER 1 N   1 
ATOM   664  C CA  . SER A 1 80  ? 6.762   -2.413  -1.158  1.00 8.93  ? 82  SER 1 CA  1 
ATOM   665  C C   . SER A 1 80  ? 7.294   -1.115  -1.702  1.00 9.80  ? 82  SER 1 C   1 
ATOM   666  O O   . SER A 1 80  ? 6.910   -0.677  -2.803  1.00 9.86  ? 82  SER 1 O   1 
ATOM   667  C CB  . SER A 1 80  ? 7.601   -3.595  -1.679  1.00 8.48  ? 82  SER 1 CB  1 
ATOM   668  O OG  . SER A 1 80  ? 7.214   -4.802  -1.048  1.00 8.27  ? 82  SER 1 OG  1 
ATOM   669  N N   . ILE A 1 81  ? 8.154   -0.479  -0.904  1.00 10.07 ? 83  ILE 1 N   1 
ATOM   670  C CA  . ILE A 1 81  ? 8.784   0.776   -1.315  1.00 11.22 ? 83  ILE 1 CA  1 
ATOM   671  C C   . ILE A 1 81  ? 10.277  0.607   -1.093  1.00 12.36 ? 83  ILE 1 C   1 
ATOM   672  O O   . ILE A 1 81  ? 10.733  0.558   0.052   1.00 12.36 ? 83  ILE 1 O   1 
ATOM   673  C CB  . ILE A 1 81  ? 8.276   2.008   -0.507  1.00 11.20 ? 83  ILE 1 CB  1 
ATOM   674  C CG1 . ILE A 1 81  ? 6.736   2.066   -0.440  1.00 10.73 ? 83  ILE 1 CG1 1 
ATOM   675  C CG2 . ILE A 1 81  ? 8.826   3.312   -1.135  1.00 9.77  ? 83  ILE 1 CG2 1 
ATOM   676  C CD1 . ILE A 1 81  ? 6.194   3.189   0.502   1.00 12.31 ? 83  ILE 1 CD1 1 
ATOM   677  N N   . SER A 1 82  ? 11.029  0.511   -2.189  1.00 12.99 ? 84  SER 1 N   1 
ATOM   678  C CA  . SER A 1 82  ? 12.477  0.350   -2.117  1.00 14.05 ? 84  SER 1 CA  1 
ATOM   679  C C   . SER A 1 82  ? 13.166  1.720   -2.232  1.00 14.51 ? 84  SER 1 C   1 
ATOM   680  O O   . SER A 1 82  ? 12.549  2.689   -2.688  1.00 14.19 ? 84  SER 1 O   1 
ATOM   681  C CB  . SER A 1 82  ? 12.947  -0.615  -3.216  1.00 14.16 ? 84  SER 1 CB  1 
ATOM   682  O OG  . SER A 1 82  ? 12.728  -0.017  -4.479  1.00 15.32 ? 84  SER 1 OG  1 
ATOM   683  N N   A GLU A 1 83  ? 14.450  1.796   -1.855  0.50 15.00 ? 85  GLU 1 N   1 
ATOM   684  N N   B GLU A 1 83  ? 14.404  1.798   -1.743  0.50 15.19 ? 85  GLU 1 N   1 
ATOM   685  C CA  A GLU A 1 83  ? 15.218  3.060   -1.873  0.50 14.90 ? 85  GLU 1 CA  1 
ATOM   686  C CA  B GLU A 1 83  ? 15.204  3.006   -1.888  0.50 15.32 ? 85  GLU 1 CA  1 
ATOM   687  C C   A GLU A 1 83  ? 14.439  4.232   -1.270  0.50 14.77 ? 85  GLU 1 C   1 
ATOM   688  C C   B GLU A 1 83  ? 14.464  4.217   -1.273  0.50 15.01 ? 85  GLU 1 C   1 
ATOM   689  O O   A GLU A 1 83  ? 14.282  5.287   -1.901  0.50 14.76 ? 85  GLU 1 O   1 
ATOM   690  O O   B GLU A 1 83  ? 14.361  5.281   -1.899  0.50 15.03 ? 85  GLU 1 O   1 
ATOM   691  C CB  A GLU A 1 83  ? 15.689  3.427   -3.292  0.50 15.35 ? 85  GLU 1 CB  1 
ATOM   692  C CB  B GLU A 1 83  ? 15.538  3.211   -3.380  0.50 15.94 ? 85  GLU 1 CB  1 
ATOM   693  C CG  A GLU A 1 83  ? 17.109  3.007   -3.669  0.50 15.35 ? 85  GLU 1 CG  1 
ATOM   694  C CG  B GLU A 1 83  ? 16.305  2.047   -4.019  0.50 17.20 ? 85  GLU 1 CG  1 
ATOM   695  C CD  A GLU A 1 83  ? 18.215  3.693   -2.865  0.50 15.81 ? 85  GLU 1 CD  1 
ATOM   696  C CD  B GLU A 1 83  ? 15.645  1.477   -5.277  0.50 20.04 ? 85  GLU 1 CD  1 
ATOM   697  O OE1 A GLU A 1 83  ? 19.216  3.005   -2.587  0.50 18.87 ? 85  GLU 1 OE1 1 
ATOM   698  O OE1 B GLU A 1 83  ? 15.358  0.269   -5.289  0.50 21.12 ? 85  GLU 1 OE1 1 
ATOM   699  O OE2 A GLU A 1 83  ? 18.115  4.894   -2.511  0.50 13.70 ? 85  GLU 1 OE2 1 
ATOM   700  O OE2 B GLU A 1 83  ? 15.411  2.209   -6.265  0.50 21.79 ? 85  GLU 1 OE2 1 
ATOM   701  N N   . LEU A 1 84  ? 13.947  4.041   -0.049  1.00 14.54 ? 86  LEU 1 N   1 
ATOM   702  C CA  . LEU A 1 84  ? 13.150  5.061   0.624   1.00 14.13 ? 86  LEU 1 CA  1 
ATOM   703  C C   . LEU A 1 84  ? 13.829  6.408   0.610   1.00 14.25 ? 86  LEU 1 C   1 
ATOM   704  O O   . LEU A 1 84  ? 15.036  6.498   0.868   1.00 12.65 ? 86  LEU 1 O   1 
ATOM   705  C CB  . LEU A 1 84  ? 12.830  4.685   2.079   1.00 14.84 ? 86  LEU 1 CB  1 
ATOM   706  C CG  . LEU A 1 84  ? 11.717  3.659   2.274   1.00 14.07 ? 86  LEU 1 CG  1 
ATOM   707  C CD1 . LEU A 1 84  ? 11.807  3.122   3.673   1.00 13.87 ? 86  LEU 1 CD1 1 
ATOM   708  C CD2 . LEU A 1 84  ? 10.319  4.243   1.974   1.00 13.66 ? 86  LEU 1 CD2 1 
ATOM   709  N N   . GLN A 1 85  ? 13.029  7.427   0.297   1.00 13.49 ? 87  GLN 1 N   1 
ATOM   710  C CA  . GLN A 1 85  ? 13.452  8.809   0.213   1.00 14.96 ? 87  GLN 1 CA  1 
ATOM   711  C C   . GLN A 1 85  ? 12.629  9.596   1.235   1.00 14.76 ? 87  GLN 1 C   1 
ATOM   712  O O   . GLN A 1 85  ? 11.510  9.176   1.582   1.00 14.90 ? 87  GLN 1 O   1 
ATOM   713  C CB  . GLN A 1 85  ? 13.193  9.351   -1.212  1.00 15.17 ? 87  GLN 1 CB  1 
ATOM   714  C CG  . GLN A 1 85  ? 13.832  8.523   -2.358  1.00 16.49 ? 87  GLN 1 CG  1 
ATOM   715  C CD  . GLN A 1 85  ? 13.583  9.068   -3.776  1.00 16.19 ? 87  GLN 1 CD  1 
ATOM   716  O OE1 . GLN A 1 85  ? 14.071  8.485   -4.752  1.00 20.22 ? 87  GLN 1 OE1 1 
ATOM   717  N NE2 . GLN A 1 85  ? 12.868  10.189  -3.890  1.00 13.44 ? 87  GLN 1 NE2 1 
ATOM   718  N N   . PRO A 1 86  ? 13.139  10.743  1.693   1.00 14.82 ? 88  PRO 1 N   1 
ATOM   719  C CA  . PRO A 1 86  ? 12.477  11.516  2.754   1.00 14.45 ? 88  PRO 1 CA  1 
ATOM   720  C C   . PRO A 1 86  ? 11.026  11.874  2.435   1.00 13.79 ? 88  PRO 1 C   1 
ATOM   721  O O   . PRO A 1 86  ? 10.191  11.872  3.338   1.00 14.32 ? 88  PRO 1 O   1 
ATOM   722  C CB  . PRO A 1 86  ? 13.331  12.795  2.855   1.00 15.15 ? 88  PRO 1 CB  1 
ATOM   723  C CG  . PRO A 1 86  ? 14.613  12.464  2.226   1.00 14.28 ? 88  PRO 1 CG  1 
ATOM   724  C CD  . PRO A 1 86  ? 14.374  11.402  1.219   1.00 14.75 ? 88  PRO 1 CD  1 
ATOM   725  N N   . GLU A 1 87  ? 10.724  12.130  1.163   1.00 12.89 ? 89  GLU 1 N   1 
ATOM   726  C CA  A GLU A 1 87  ? 9.376   12.491  0.738   0.50 11.83 ? 89  GLU 1 CA  1 
ATOM   727  C CA  B GLU A 1 87  ? 9.360   12.481  0.742   0.50 12.75 ? 89  GLU 1 CA  1 
ATOM   728  C C   . GLU A 1 87  ? 8.353   11.322  0.789   1.00 12.03 ? 89  GLU 1 C   1 
ATOM   729  O O   . GLU A 1 87  ? 7.127   11.532  0.661   1.00 11.64 ? 89  GLU 1 O   1 
ATOM   730  C CB  A GLU A 1 87  ? 9.447   13.135  -0.658  0.50 12.34 ? 89  GLU 1 CB  1 
ATOM   731  C CB  B GLU A 1 87  ? 9.372   13.114  -0.657  0.50 13.74 ? 89  GLU 1 CB  1 
ATOM   732  C CG  A GLU A 1 87  ? 10.038  12.241  -1.749  0.50 9.57  ? 89  GLU 1 CG  1 
ATOM   733  C CG  B GLU A 1 87  ? 10.147  14.419  -0.737  0.50 15.57 ? 89  GLU 1 CG  1 
ATOM   734  C CD  A GLU A 1 87  ? 11.561  12.331  -1.963  0.50 7.80  ? 89  GLU 1 CD  1 
ATOM   735  C CD  B GLU A 1 87  ? 9.543   15.485  0.148   0.50 18.75 ? 89  GLU 1 CD  1 
ATOM   736  O OE1 A GLU A 1 87  ? 11.982  11.862  -3.039  0.50 5.84  ? 89  GLU 1 OE1 1 
ATOM   737  O OE1 B GLU A 1 87  ? 8.557   16.124  -0.278  0.50 20.88 ? 89  GLU 1 OE1 1 
ATOM   738  O OE2 A GLU A 1 87  ? 12.348  12.824  -1.112  0.50 2.96  ? 89  GLU 1 OE2 1 
ATOM   739  O OE2 B GLU A 1 87  ? 10.054  15.679  1.274   0.50 20.13 ? 89  GLU 1 OE2 1 
ATOM   740  N N   . ASP A 1 88  ? 8.838   10.089  0.982   1.00 11.11 ? 90  ASP 1 N   1 
ATOM   741  C CA  . ASP A 1 88  ? 7.925   8.937   1.108   1.00 10.53 ? 90  ASP 1 CA  1 
ATOM   742  C C   . ASP A 1 88  ? 7.241   8.911   2.461   1.00 10.52 ? 90  ASP 1 C   1 
ATOM   743  O O   . ASP A 1 88  ? 6.316   8.113   2.691   1.00 10.00 ? 90  ASP 1 O   1 
ATOM   744  C CB  . ASP A 1 88  ? 8.625   7.606   0.896   1.00 11.15 ? 90  ASP 1 CB  1 
ATOM   745  C CG  . ASP A 1 88  ? 9.390   7.538   -0.409  1.00 11.37 ? 90  ASP 1 CG  1 
ATOM   746  O OD1 . ASP A 1 88  ? 9.003   8.180   -1.420  1.00 11.95 ? 90  ASP 1 OD1 1 
ATOM   747  O OD2 . ASP A 1 88  ? 10.406  6.846   -0.499  1.00 11.20 ? 90  ASP 1 OD2 1 
ATOM   748  N N   . GLU A 1 89  ? 7.705   9.770   3.367   1.00 8.95  ? 91  GLU 1 N   1 
ATOM   749  C CA  . GLU A 1 89  ? 7.081   9.921   4.668   1.00 9.47  ? 91  GLU 1 CA  1 
ATOM   750  C C   . GLU A 1 89  ? 5.697   10.518  4.471   1.00 8.81  ? 91  GLU 1 C   1 
ATOM   751  O O   . GLU A 1 89  ? 5.549   11.627  3.941   1.00 8.60  ? 91  GLU 1 O   1 
ATOM   752  C CB  . GLU A 1 89  ? 7.950   10.790  5.587   1.00 9.48  ? 91  GLU 1 CB  1 
ATOM   753  C CG  . GLU A 1 89  ? 7.419   10.917  7.003   1.00 10.82 ? 91  GLU 1 CG  1 
ATOM   754  C CD  . GLU A 1 89  ? 8.465   11.449  7.968   1.00 13.12 ? 91  GLU 1 CD  1 
ATOM   755  O OE1 . GLU A 1 89  ? 9.579   10.887  8.009   1.00 13.79 ? 91  GLU 1 OE1 1 
ATOM   756  O OE2 . GLU A 1 89  ? 8.161   12.414  8.695   1.00 14.79 ? 91  GLU 1 OE2 1 
ATOM   757  N N   . ALA A 1 90  ? 4.680   9.753   4.860   1.00 8.53  ? 92  ALA 1 N   1 
ATOM   758  C CA  . ALA A 1 90  ? 3.293   10.031  4.476   1.00 7.77  ? 92  ALA 1 CA  1 
ATOM   759  C C   . ALA A 1 90  ? 2.391   8.965   5.046   1.00 7.92  ? 92  ALA 1 C   1 
ATOM   760  O O   . ALA A 1 90  ? 2.859   7.986   5.611   1.00 7.67  ? 92  ALA 1 O   1 
ATOM   761  C CB  . ALA A 1 90  ? 3.150   10.032  2.935   1.00 7.85  ? 92  ALA 1 CB  1 
ATOM   762  N N   . MET A 1 91  ? 1.088   9.162   4.863   1.00 8.29  ? 93  MET 1 N   1 
ATOM   763  C CA  . MET A 1 91  ? 0.082   8.155   5.172   1.00 8.32  ? 93  MET 1 CA  1 
ATOM   764  C C   . MET A 1 91  ? -0.137  7.299   3.925   1.00 8.58  ? 93  MET 1 C   1 
ATOM   765  O O   . MET A 1 91  ? -0.225  7.821   2.806   1.00 8.73  ? 93  MET 1 O   1 
ATOM   766  C CB  . MET A 1 91  ? -1.230  8.855   5.584   1.00 9.67  ? 93  MET 1 CB  1 
ATOM   767  C CG  . MET A 1 91  ? -2.365  7.925   6.019   1.00 9.93  ? 93  MET 1 CG  1 
ATOM   768  S SD  . MET A 1 91  ? -1.965  7.001   7.512   1.00 14.25 ? 93  MET 1 SD  1 
ATOM   769  C CE  . MET A 1 91  ? -1.603  8.375   8.589   1.00 11.18 ? 93  MET 1 CE  1 
ATOM   770  N N   . TYR A 1 92  ? -0.223  5.985   4.121   1.00 7.92  ? 94  TYR 1 N   1 
ATOM   771  C CA  . TYR A 1 92  ? -0.484  5.040   3.044   1.00 7.98  ? 94  TYR 1 CA  1 
ATOM   772  C C   . TYR A 1 92  ? -1.770  4.297   3.340   1.00 8.29  ? 94  TYR 1 C   1 
ATOM   773  O O   . TYR A 1 92  ? -1.921  3.682   4.400   1.00 7.87  ? 94  TYR 1 O   1 
ATOM   774  C CB  . TYR A 1 92  ? 0.692   4.062   2.903   1.00 7.72  ? 94  TYR 1 CB  1 
ATOM   775  C CG  . TYR A 1 92  ? 1.889   4.757   2.309   1.00 7.14  ? 94  TYR 1 CG  1 
ATOM   776  C CD1 . TYR A 1 92  ? 2.762   5.476   3.122   1.00 7.35  ? 94  TYR 1 CD1 1 
ATOM   777  C CD2 . TYR A 1 92  ? 2.106   4.768   0.927   1.00 7.31  ? 94  TYR 1 CD2 1 
ATOM   778  C CE1 . TYR A 1 92  ? 3.854   6.156   2.579   1.00 8.31  ? 94  TYR 1 CE1 1 
ATOM   779  C CE2 . TYR A 1 92  ? 3.206   5.454   0.369   1.00 6.84  ? 94  TYR 1 CE2 1 
ATOM   780  C CZ  . TYR A 1 92  ? 4.059   6.153   1.221   1.00 8.37  ? 94  TYR 1 CZ  1 
ATOM   781  O OH  . TYR A 1 92  ? 5.141   6.824   0.718   1.00 8.73  ? 94  TYR 1 OH  1 
ATOM   782  N N   . TYR A 1 93  ? -2.703  4.374   2.395   1.00 8.85  ? 95  TYR 1 N   1 
ATOM   783  C CA  . TYR A 1 93  ? -3.986  3.686   2.527   1.00 8.55  ? 95  TYR 1 CA  1 
ATOM   784  C C   . TYR A 1 93  ? -4.085  2.567   1.519   1.00 7.67  ? 95  TYR 1 C   1 
ATOM   785  O O   . TYR A 1 93  ? -3.777  2.771   0.346   1.00 7.52  ? 95  TYR 1 O   1 
ATOM   786  C CB  . TYR A 1 93  ? -5.142  4.654   2.253   1.00 8.12  ? 95  TYR 1 CB  1 
ATOM   787  C CG  . TYR A 1 93  ? -5.301  5.738   3.284   1.00 9.33  ? 95  TYR 1 CG  1 
ATOM   788  C CD1 . TYR A 1 93  ? -5.004  7.070   2.970   1.00 8.10  ? 95  TYR 1 CD1 1 
ATOM   789  C CD2 . TYR A 1 93  ? -5.764  5.439   4.572   1.00 7.53  ? 95  TYR 1 CD2 1 
ATOM   790  C CE1 . TYR A 1 93  ? -5.144  8.074   3.919   1.00 8.25  ? 95  TYR 1 CE1 1 
ATOM   791  C CE2 . TYR A 1 93  ? -5.907  6.435   5.534   1.00 7.72  ? 95  TYR 1 CE2 1 
ATOM   792  C CZ  . TYR A 1 93  ? -5.604  7.757   5.195   1.00 9.64  ? 95  TYR 1 CZ  1 
ATOM   793  O OH  . TYR A 1 93  ? -5.747  8.762   6.142   1.00 9.42  ? 95  TYR 1 OH  1 
ATOM   794  N N   . CYS A 1 94  ? -4.557  1.397   1.943   1.00 7.15  ? 96  CYS 1 N   1 
ATOM   795  C CA  . CYS A 1 94  ? -5.009  0.429   0.946   1.00 7.54  ? 96  CYS 1 CA  1 
ATOM   796  C C   . CYS A 1 94  ? -6.514  0.552   0.795   1.00 7.84  ? 96  CYS 1 C   1 
ATOM   797  O O   . CYS A 1 94  ? -7.184  1.111   1.657   1.00 7.44  ? 96  CYS 1 O   1 
ATOM   798  C CB  . CYS A 1 94  ? -4.616  -1.006  1.303   1.00 7.64  ? 96  CYS 1 CB  1 
ATOM   799  S SG  . CYS A 1 94  ? -5.351  -1.618  2.824   1.00 7.50  ? 96  CYS 1 SG  1 
ATOM   800  N N   . ALA A 1 95  ? -7.041  0.045   -0.316  1.00 8.25  ? 97  ALA 1 N   1 
ATOM   801  C CA  . ALA A 1 95  ? -8.470  0.051   -0.535  1.00 9.26  ? 97  ALA 1 CA  1 
ATOM   802  C C   . ALA A 1 95  ? -8.872  -1.116  -1.432  1.00 10.14 ? 97  ALA 1 C   1 
ATOM   803  O O   . ALA A 1 95  ? -8.091  -1.593  -2.251  1.00 9.22  ? 97  ALA 1 O   1 
ATOM   804  C CB  . ALA A 1 95  ? -8.922  1.391   -1.130  1.00 8.33  ? 97  ALA 1 CB  1 
ATOM   805  N N   . MET A 1 96  ? -10.089 -1.593  -1.234  1.00 11.69 ? 98  MET 1 N   1 
ATOM   806  C CA  . MET A 1 96  ? -10.625 -2.676  -2.053  1.00 14.96 ? 98  MET 1 CA  1 
ATOM   807  C C   . MET A 1 96  ? -12.063 -2.409  -2.432  1.00 16.47 ? 98  MET 1 C   1 
ATOM   808  O O   . MET A 1 96  ? -12.795 -1.749  -1.687  1.00 14.98 ? 98  MET 1 O   1 
ATOM   809  C CB  . MET A 1 96  ? -10.552 -4.008  -1.308  1.00 14.28 ? 98  MET 1 CB  1 
ATOM   810  C CG  . MET A 1 96  ? -9.175  -4.574  -1.252  1.00 15.85 ? 98  MET 1 CG  1 
ATOM   811  S SD  . MET A 1 96  ? -9.219  -6.197  -0.479  1.00 16.76 ? 98  MET 1 SD  1 
ATOM   812  C CE  . MET A 1 96  ? -7.585  -6.214  0.252   1.00 16.48 ? 98  MET 1 CE  1 
ATOM   813  N N   . GLY A 1 97  ? -12.448 -2.979  -3.573  1.00 19.02 ? 99  GLY 1 N   1 
ATOM   814  C CA  . GLY A 1 97  ? -13.772 -2.803  -4.172  1.00 22.67 ? 99  GLY 1 CA  1 
ATOM   815  C C   . GLY A 1 97  ? -13.686 -1.780  -5.299  1.00 24.92 ? 99  GLY 1 C   1 
ATOM   816  O O   . GLY A 1 97  ? -12.836 -0.874  -5.278  1.00 25.61 ? 99  GLY 1 O   1 
ATOM   817  N N   . ALA A 1 98  ? -14.574 -1.905  -6.278  1.00 26.69 ? 100 ALA 1 N   1 
ATOM   818  C CA  . ALA A 1 98  ? -14.579 -1.006  -7.437  1.00 28.50 ? 100 ALA 1 CA  1 
ATOM   819  C C   . ALA A 1 98  ? -16.032 -0.602  -7.738  1.00 29.01 ? 100 ALA 1 C   1 
ATOM   820  O O   . ALA A 1 98  ? -16.917 -1.454  -7.785  1.00 29.74 ? 100 ALA 1 O   1 
ATOM   821  C CB  . ALA A 1 98  ? -13.887 -1.672  -8.644  1.00 28.24 ? 100 ALA 1 CB  1 
ATOM   822  N N   A ARG A 1 99  ? -16.276 0.695   -7.943  0.50 29.22 ? 101 ARG 1 N   1 
ATOM   823  N N   B ARG A 1 99  ? -16.228 0.705   -7.888  0.50 29.73 ? 101 ARG 1 N   1 
ATOM   824  C CA  A ARG A 1 99  ? -17.502 1.233   -8.624  0.50 29.08 ? 101 ARG 1 CA  1 
ATOM   825  C CA  B ARG A 1 99  ? -17.332 1.387   -7.189  0.50 30.28 ? 101 ARG 1 CA  1 
ATOM   826  C C   A ARG A 1 99  ? -18.591 2.119   -7.903  0.50 29.45 ? 101 ARG 1 C   1 
ATOM   827  C C   B ARG A 1 99  ? -18.552 1.904   -7.943  0.50 30.17 ? 101 ARG 1 C   1 
ATOM   828  O O   A ARG A 1 99  ? -18.333 3.304   -7.750  0.50 29.63 ? 101 ARG 1 O   1 
ATOM   829  O O   B ARG A 1 99  ? -18.419 2.480   -9.018  0.50 30.84 ? 101 ARG 1 O   1 
ATOM   830  C CB  A ARG A 1 99  ? -18.093 0.273   -9.682  0.50 29.03 ? 101 ARG 1 CB  1 
ATOM   831  C CB  B ARG A 1 99  ? -16.789 2.505   -6.275  0.50 30.04 ? 101 ARG 1 CB  1 
ATOM   832  C CG  A ARG A 1 99  ? -19.012 0.964   -10.691 0.50 28.58 ? 101 ARG 1 CG  1 
ATOM   833  C CG  B ARG A 1 99  ? -15.544 3.220   -6.743  0.50 30.47 ? 101 ARG 1 CG  1 
ATOM   834  C CD  A ARG A 1 99  ? -19.328 0.151   -11.936 0.50 28.71 ? 101 ARG 1 CD  1 
ATOM   835  C CD  B ARG A 1 99  ? -14.277 2.420   -6.681  0.50 29.62 ? 101 ARG 1 CD  1 
ATOM   836  N NE  A ARG A 1 99  ? -20.338 0.805   -12.768 0.50 27.71 ? 101 ARG 1 NE  1 
ATOM   837  N NE  B ARG A 1 99  ? -13.124 3.169   -7.166  0.50 30.21 ? 101 ARG 1 NE  1 
ATOM   838  C CZ  A ARG A 1 99  ? -21.649 0.666   -12.601 0.50 26.46 ? 101 ARG 1 CZ  1 
ATOM   839  C CZ  B ARG A 1 99  ? -11.977 2.611   -7.525  0.50 29.50 ? 101 ARG 1 CZ  1 
ATOM   840  N NH1 A ARG A 1 99  ? -22.112 -0.108  -11.621 0.50 24.44 ? 101 ARG 1 NH1 1 
ATOM   841  N NH1 B ARG A 1 99  ? -11.831 1.295   -7.474  0.50 28.07 ? 101 ARG 1 NH1 1 
ATOM   842  N NH2 A ARG A 1 99  ? -22.127 1.382   -13.612 0.00 31.46 ? 101 ARG 1 NH2 1 
ATOM   843  N NH2 B ARG A 1 99  ? -10.975 3.371   -7.945  0.50 30.02 ? 101 ARG 1 NH2 1 
ATOM   844  N N   . SER A 1 100 ? -19.748 1.651   -7.405  1.00 30.11 ? 102 SER 1 N   1 
ATOM   845  C CA  . SER A 1 100 ? -20.028 0.527   -6.446  1.00 29.44 ? 102 SER 1 CA  1 
ATOM   846  C C   . SER A 1 100 ? -19.608 0.719   -4.962  1.00 28.92 ? 102 SER 1 C   1 
ATOM   847  O O   . SER A 1 100 ? -20.457 0.951   -4.087  1.00 28.35 ? 102 SER 1 O   1 
ATOM   848  C CB  . SER A 1 100 ? -19.705 -0.876  -6.982  1.00 30.07 ? 102 SER 1 CB  1 
ATOM   849  O OG  . SER A 1 100 ? -20.326 -1.863  -6.169  1.00 29.89 ? 102 SER 1 OG  1 
ATOM   850  N N   . THR A 1 101 ? -18.312 0.577   -4.690  1.00 27.92 ? 103 THR 1 N   1 
ATOM   851  C CA  . THR A 1 101 ? -17.736 0.874   -3.386  1.00 27.31 ? 103 THR 1 CA  1 
ATOM   852  C C   . THR A 1 101 ? -16.214 0.905   -3.512  1.00 25.93 ? 103 THR 1 C   1 
ATOM   853  O O   . THR A 1 101 ? -15.644 0.435   -4.504  1.00 26.22 ? 103 THR 1 O   1 
ATOM   854  C CB  . THR A 1 101 ? -18.193 -0.140  -2.288  1.00 27.67 ? 103 THR 1 CB  1 
ATOM   855  O OG1 . THR A 1 101 ? -17.663 0.260   -1.015  1.00 29.18 ? 103 THR 1 OG1 1 
ATOM   856  C CG2 . THR A 1 101 ? -17.589 -1.545  -2.519  1.00 28.40 ? 103 THR 1 CG2 1 
ATOM   857  N N   . HIS A 1 102 ? -15.576 1.497   -2.519  1.00 23.72 ? 104 HIS 1 N   1 
ATOM   858  C CA  . HIS A 1 102 ? -14.131 1.510   -2.402  1.00 21.65 ? 104 HIS 1 CA  1 
ATOM   859  C C   . HIS A 1 102 ? -13.966 1.659   -0.912  1.00 20.22 ? 104 HIS 1 C   1 
ATOM   860  O O   . HIS A 1 102 ? -14.158 2.759   -0.377  1.00 19.25 ? 104 HIS 1 O   1 
ATOM   861  C CB  . HIS A 1 102 ? -13.544 2.733   -3.121  1.00 21.70 ? 104 HIS 1 CB  1 
ATOM   862  C CG  . HIS A 1 102 ? -12.181 2.505   -3.712  1.00 21.78 ? 104 HIS 1 CG  1 
ATOM   863  N ND1 . HIS A 1 102 ? -11.197 3.475   -3.713  1.00 22.62 ? 104 HIS 1 ND1 1 
ATOM   864  C CD2 . HIS A 1 102 ? -11.651 1.432   -4.344  1.00 21.04 ? 104 HIS 1 CD2 1 
ATOM   865  C CE1 . HIS A 1 102 ? -10.123 3.011   -4.328  1.00 20.88 ? 104 HIS 1 CE1 1 
ATOM   866  N NE2 . HIS A 1 102 ? -10.369 1.770   -4.712  1.00 23.12 ? 104 HIS 1 NE2 1 
ATOM   867  N N   . VAL A 1 103 ? -13.679 0.548   -0.237  1.00 17.92 ? 105 VAL 1 N   1 
ATOM   868  C CA  . VAL A 1 103 ? -13.475 0.577   1.200   1.00 17.20 ? 105 VAL 1 CA  1 
ATOM   869  C C   . VAL A 1 103 ? -11.981 0.777   1.521   1.00 15.63 ? 105 VAL 1 C   1 
ATOM   870  O O   . VAL A 1 103 ? -11.134 0.058   1.009   1.00 15.12 ? 105 VAL 1 O   1 
ATOM   871  C CB  . VAL A 1 103 ? -14.084 -0.692  1.906   1.00 17.35 ? 105 VAL 1 CB  1 
ATOM   872  C CG1 . VAL A 1 103 ? -13.415 -1.983  1.430   1.00 18.67 ? 105 VAL 1 CG1 1 
ATOM   873  C CG2 . VAL A 1 103 ? -13.987 -0.574  3.411   1.00 18.58 ? 105 VAL 1 CG2 1 
ATOM   874  N N   . PHE A 1 104 ? -11.670 1.759   2.358   1.00 14.18 ? 106 PHE 1 N   1 
ATOM   875  C CA  . PHE A 1 104 ? -10.282 2.054   2.725   1.00 13.42 ? 106 PHE 1 CA  1 
ATOM   876  C C   . PHE A 1 104 ? -9.884  1.404   4.060   1.00 13.00 ? 106 PHE 1 C   1 
ATOM   877  O O   . PHE A 1 104 ? -10.680 1.372   5.000   1.00 12.31 ? 106 PHE 1 O   1 
ATOM   878  C CB  . PHE A 1 104 ? -10.047 3.570   2.825   1.00 13.29 ? 106 PHE 1 CB  1 
ATOM   879  C CG  . PHE A 1 104 ? -10.022 4.287   1.493   1.00 13.67 ? 106 PHE 1 CG  1 
ATOM   880  C CD1 . PHE A 1 104 ? -11.200 4.490   0.771   1.00 12.60 ? 106 PHE 1 CD1 1 
ATOM   881  C CD2 . PHE A 1 104 ? -8.830  4.795   0.986   1.00 13.04 ? 106 PHE 1 CD2 1 
ATOM   882  C CE1 . PHE A 1 104 ? -11.179 5.172   -0.459  1.00 13.58 ? 106 PHE 1 CE1 1 
ATOM   883  C CE2 . PHE A 1 104 ? -8.800  5.472   -0.251  1.00 15.03 ? 106 PHE 1 CE2 1 
ATOM   884  C CZ  . PHE A 1 104 ? -9.983  5.661   -0.964  1.00 13.83 ? 106 PHE 1 CZ  1 
ATOM   885  N N   . GLY A 1 105 ? -8.644  0.913   4.132   1.00 12.26 ? 107 GLY 1 N   1 
ATOM   886  C CA  . GLY A 1 105 ? -8.015  0.579   5.417   1.00 11.29 ? 107 GLY 1 CA  1 
ATOM   887  C C   . GLY A 1 105 ? -7.772  1.842   6.235   1.00 11.87 ? 107 GLY 1 C   1 
ATOM   888  O O   . GLY A 1 105 ? -7.914  2.969   5.713   1.00 10.77 ? 107 GLY 1 O   1 
ATOM   889  N N   . SER A 1 106 ? -7.381  1.665   7.499   1.00 11.45 ? 108 SER 1 N   1 
ATOM   890  C CA  . SER A 1 106 ? -7.231  2.795   8.419   1.00 11.84 ? 108 SER 1 CA  1 
ATOM   891  C C   . SER A 1 106 ? -5.968  3.616   8.175   1.00 11.05 ? 108 SER 1 C   1 
ATOM   892  O O   . SER A 1 106 ? -5.830  4.703   8.740   1.00 10.59 ? 108 SER 1 O   1 
ATOM   893  C CB  . SER A 1 106 ? -7.290  2.347   9.889   1.00 11.96 ? 108 SER 1 CB  1 
ATOM   894  O OG  . SER A 1 106 ? -6.525  1.173   10.072  1.00 15.02 ? 108 SER 1 OG  1 
ATOM   895  N N   . GLY A 1 107 ? -5.061  3.096   7.332   1.00 10.53 ? 109 GLY 1 N   1 
ATOM   896  C CA  . GLY A 1 107 ? -3.854  3.829   6.921   1.00 9.55  ? 109 GLY 1 CA  1 
ATOM   897  C C   . GLY A 1 107 ? -2.641  3.543   7.804   1.00 9.62  ? 109 GLY 1 C   1 
ATOM   898  O O   . GLY A 1 107 ? -2.764  3.387   9.022   1.00 9.44  ? 109 GLY 1 O   1 
ATOM   899  N N   . THR A 1 108 ? -1.470  3.435   7.176   1.00 8.56  ? 110 THR 1 N   1 
ATOM   900  C CA  . THR A 1 108 ? -0.193  3.319   7.900   1.00 7.55  ? 110 THR 1 CA  1 
ATOM   901  C C   . THR A 1 108 ? 0.587   4.623   7.748   1.00 7.49  ? 110 THR 1 C   1 
ATOM   902  O O   . THR A 1 108 ? 0.873   5.038   6.631   1.00 7.47  ? 110 THR 1 O   1 
ATOM   903  C CB  . THR A 1 108 ? 0.638   2.166   7.294   1.00 7.45  ? 110 THR 1 CB  1 
ATOM   904  O OG1 . THR A 1 108 ? -0.011  0.910   7.547   1.00 5.97  ? 110 THR 1 OG1 1 
ATOM   905  C CG2 . THR A 1 108 ? 2.038   2.054   7.971   1.00 5.27  ? 110 THR 1 CG2 1 
ATOM   906  N N   . GLN A 1 109 ? 0.909   5.271   8.860   1.00 7.48  ? 111 GLN 1 N   1 
ATOM   907  C CA  . GLN A 1 109 ? 1.833   6.402   8.840   1.00 8.30  ? 111 GLN 1 CA  1 
ATOM   908  C C   . GLN A 1 109 ? 3.259   5.883   8.740   1.00 7.66  ? 111 GLN 1 C   1 
ATOM   909  O O   . GLN A 1 109 ? 3.743   5.208   9.646   1.00 8.18  ? 111 GLN 1 O   1 
ATOM   910  C CB  . GLN A 1 109 ? 1.678   7.277   10.100  1.00 7.49  ? 111 GLN 1 CB  1 
ATOM   911  C CG  . GLN A 1 109 ? 2.611   8.529   10.165  1.00 9.05  ? 111 GLN 1 CG  1 
ATOM   912  C CD  . GLN A 1 109 ? 2.431   9.517   9.002   1.00 11.95 ? 111 GLN 1 CD  1 
ATOM   913  O OE1 . GLN A 1 109 ? 3.416   9.997   8.416   1.00 15.19 ? 111 GLN 1 OE1 1 
ATOM   914  N NE2 . GLN A 1 109 ? 1.195   9.829   8.681   1.00 10.92 ? 111 GLN 1 NE2 1 
ATOM   915  N N   . LEU A 1 110 ? 3.934   6.207   7.643   1.00 8.81  ? 112 LEU 1 N   1 
ATOM   916  C CA  . LEU A 1 110 ? 5.308   5.777   7.436   1.00 8.97  ? 112 LEU 1 CA  1 
ATOM   917  C C   . LEU A 1 110 ? 6.270   6.901   7.806   1.00 10.19 ? 112 LEU 1 C   1 
ATOM   918  O O   . LEU A 1 110 ? 6.155   8.002   7.281   1.00 9.80  ? 112 LEU 1 O   1 
ATOM   919  C CB  . LEU A 1 110 ? 5.546   5.364   5.983   1.00 9.25  ? 112 LEU 1 CB  1 
ATOM   920  C CG  . LEU A 1 110 ? 7.007   5.088   5.594   1.00 9.51  ? 112 LEU 1 CG  1 
ATOM   921  C CD1 . LEU A 1 110 ? 7.529   3.899   6.372   1.00 6.98  ? 112 LEU 1 CD1 1 
ATOM   922  C CD2 . LEU A 1 110 ? 7.137   4.849   4.093   1.00 9.22  ? 112 LEU 1 CD2 1 
ATOM   923  N N   . THR A 1 111 ? 7.232   6.601   8.687   1.00 10.56 ? 113 THR 1 N   1 
ATOM   924  C CA  . THR A 1 111 ? 8.262   7.571   9.052   1.00 10.62 ? 113 THR 1 CA  1 
ATOM   925  C C   . THR A 1 111 ? 9.537   7.143   8.386   1.00 10.90 ? 113 THR 1 C   1 
ATOM   926  O O   . THR A 1 111 ? 9.926   5.985   8.480   1.00 10.11 ? 113 THR 1 O   1 
ATOM   927  C CB  . THR A 1 111 ? 8.459   7.617   10.574  1.00 10.44 ? 113 THR 1 CB  1 
ATOM   928  O OG1 . THR A 1 111 ? 7.247   8.061   11.184  1.00 10.41 ? 113 THR 1 OG1 1 
ATOM   929  C CG2 . THR A 1 111 ? 9.491   8.704   10.961  1.00 11.86 ? 113 THR 1 CG2 1 
ATOM   930  N N   . VAL A 1 112 ? 10.187  8.073   7.699   1.00 11.21 ? 114 VAL 1 N   1 
ATOM   931  C CA  . VAL A 1 112 ? 11.449  7.761   7.063   1.00 11.97 ? 114 VAL 1 CA  1 
ATOM   932  C C   . VAL A 1 112 ? 12.556  8.363   7.926   1.00 12.72 ? 114 VAL 1 C   1 
ATOM   933  O O   . VAL A 1 112 ? 12.657  9.576   8.065   1.00 12.28 ? 114 VAL 1 O   1 
ATOM   934  C CB  . VAL A 1 112 ? 11.518  8.244   5.584   1.00 12.06 ? 114 VAL 1 CB  1 
ATOM   935  C CG1 . VAL A 1 112 ? 12.885  7.904   4.977   1.00 10.72 ? 114 VAL 1 CG1 1 
ATOM   936  C CG2 . VAL A 1 112 ? 10.381  7.616   4.754   1.00 10.64 ? 114 VAL 1 CG2 1 
ATOM   937  N N   . LEU A 1 113 ? 13.370  7.492   8.508   1.00 13.93 ? 115 LEU 1 N   1 
ATOM   938  C CA  . LEU A 1 113 ? 14.376  7.934   9.457   1.00 15.90 ? 115 LEU 1 CA  1 
ATOM   939  C C   . LEU A 1 113 ? 15.651  8.339   8.774   1.00 17.21 ? 115 LEU 1 C   1 
ATOM   940  O O   . LEU A 1 113 ? 16.088  7.697   7.810   1.00 17.28 ? 115 LEU 1 O   1 
ATOM   941  C CB  . LEU A 1 113 ? 14.673  6.840   10.475  1.00 15.73 ? 115 LEU 1 CB  1 
ATOM   942  C CG  . LEU A 1 113 ? 13.423  6.310   11.185  1.00 15.85 ? 115 LEU 1 CG  1 
ATOM   943  C CD1 . LEU A 1 113 ? 13.703  4.973   11.827  1.00 19.48 ? 115 LEU 1 CD1 1 
ATOM   944  C CD2 . LEU A 1 113 ? 12.876  7.308   12.177  1.00 17.05 ? 115 LEU 1 CD2 1 
ATOM   945  N N   . SER A 1 114 ? 16.267  9.386   9.315   1.00 18.55 ? 116 SER 1 N   1 
ATOM   946  C CA  . SER A 1 114 ? 17.566  9.840   8.844   1.00 20.17 ? 116 SER 1 CA  1 
ATOM   947  C C   . SER A 1 114 ? 18.620  8.752   9.046   1.00 22.10 ? 116 SER 1 C   1 
ATOM   948  O O   . SER A 1 114 ? 19.523  8.612   8.231   1.00 22.27 ? 116 SER 1 O   1 
ATOM   949  C CB  . SER A 1 114 ? 17.968  11.133  9.546   1.00 19.53 ? 116 SER 1 CB  1 
ATOM   950  O OG  . SER A 1 114 ? 17.066  12.181  9.208   1.00 17.83 ? 116 SER 1 OG  1 
ATOM   951  N N   . ALA A 1 115 ? 18.476  7.954   10.100  1.00 24.11 ? 117 ALA 1 N   1 
ATOM   952  C CA  . ALA A 1 115 ? 19.452  6.905   10.409  1.00 26.03 ? 117 ALA 1 CA  1 
ATOM   953  C C   . ALA A 1 115 ? 18.792  5.672   10.972  1.00 27.39 ? 117 ALA 1 C   1 
ATOM   954  O O   . ALA A 1 115 ? 17.964  5.769   11.879  1.00 27.90 ? 117 ALA 1 O   1 
ATOM   955  C CB  . ALA A 1 115 ? 20.502  7.415   11.391  1.00 26.39 ? 117 ALA 1 CB  1 
ATOM   956  N N   . ALA A 1 116 ? 19.197  4.521   10.442  1.00 28.77 ? 118 ALA 1 N   1 
ATOM   957  C CA  . ALA A 1 116 ? 18.662  3.212   10.816  1.00 30.24 ? 118 ALA 1 CA  1 
ATOM   958  C C   . ALA A 1 116 ? 18.876  2.859   12.283  1.00 31.07 ? 118 ALA 1 C   1 
ATOM   959  O O   . ALA A 1 116 ? 18.350  1.843   12.761  1.00 32.33 ? 118 ALA 1 O   1 
ATOM   960  C CB  . ALA A 1 116 ? 19.267  2.118   9.917   1.00 30.73 ? 118 ALA 1 CB  1 
HETATM 961  C C1  . EDO B 2 .   ? 4.168   4.309   -14.612 1.00 37.93 ? 1   EDO 1 C1  1 
HETATM 962  O O1  . EDO B 2 .   ? 2.971   5.089   -14.495 1.00 37.20 ? 1   EDO 1 O1  1 
HETATM 963  C C2  . EDO B 2 .   ? 5.264   5.018   -13.826 1.00 37.71 ? 1   EDO 1 C2  1 
HETATM 964  O O2  . EDO B 2 .   ? 6.216   4.079   -13.301 1.00 37.87 ? 1   EDO 1 O2  1 
HETATM 965  C C1  . EDO C 2 .   ? 4.350   9.073   -5.446  1.00 30.63 ? 119 EDO 1 C1  1 
HETATM 966  O O1  . EDO C 2 .   ? 4.172   10.371  -4.852  1.00 30.21 ? 119 EDO 1 O1  1 
HETATM 967  C C2  . EDO C 2 .   ? 5.584   9.066   -6.341  1.00 29.94 ? 119 EDO 1 C2  1 
HETATM 968  O O2  . EDO C 2 .   ? 6.745   9.356   -5.548  1.00 30.51 ? 119 EDO 1 O2  1 
HETATM 969  C C1  . EDO D 2 .   ? -2.852  5.421   11.426  1.00 34.01 ? 120 EDO 1 C1  1 
HETATM 970  O O1  . EDO D 2 .   ? -1.651  5.966   11.961  1.00 32.53 ? 120 EDO 1 O1  1 
HETATM 971  C C2  . EDO D 2 .   ? -3.952  6.458   11.522  1.00 36.56 ? 120 EDO 1 C2  1 
HETATM 972  O O2  . EDO D 2 .   ? -4.831  6.214   10.424  1.00 39.23 ? 120 EDO 1 O2  1 
HETATM 973  O O   . HOH E 3 .   ? -0.821  13.673  -0.905  1.00 9.36  ? 121 HOH 1 O   1 
HETATM 974  O O   . HOH E 3 .   ? 3.568   7.622   13.258  1.00 15.81 ? 122 HOH 1 O   1 
HETATM 975  O O   . HOH E 3 .   ? -2.360  -10.315 8.474   1.00 35.57 ? 123 HOH 1 O   1 
HETATM 976  O O   . HOH E 3 .   ? -0.269  -0.722  5.495   1.00 7.50  ? 124 HOH 1 O   1 
HETATM 977  O O   . HOH E 3 .   ? 12.234  3.587   -9.236  1.00 17.09 ? 125 HOH 1 O   1 
HETATM 978  O O   . HOH E 3 .   ? -6.241  15.855  8.922   1.00 23.14 ? 126 HOH 1 O   1 
HETATM 979  O O   . HOH E 3 .   ? 12.901  -2.038  6.253   1.00 32.55 ? 127 HOH 1 O   1 
HETATM 980  O O   . HOH E 3 .   ? -0.835  -5.131  -3.199  1.00 13.35 ? 128 HOH 1 O   1 
HETATM 981  O O   . HOH E 3 .   ? 5.689   10.290  10.383  1.00 23.89 ? 129 HOH 1 O   1 
HETATM 982  O O   . HOH E 3 .   ? -6.898  -10.818 -14.097 1.00 19.82 ? 130 HOH 1 O   1 
HETATM 983  O O   . HOH E 3 .   ? 3.596   -13.452 3.410   1.00 17.62 ? 131 HOH 1 O   1 
HETATM 984  O O   . HOH E 3 .   ? 3.853   13.439  4.464   1.00 15.74 ? 132 HOH 1 O   1 
HETATM 985  O O   . HOH E 3 .   ? 5.205   -5.660  -2.946  1.00 16.35 ? 133 HOH 1 O   1 
HETATM 986  O O   . HOH E 3 .   ? -5.210  3.130   13.150  1.00 22.20 ? 134 HOH 1 O   1 
HETATM 987  O O   . HOH E 3 .   ? 2.971   -3.514  -8.682  1.00 13.13 ? 135 HOH 1 O   1 
HETATM 988  O O   . HOH E 3 .   ? 7.061   9.674   -2.493  1.00 12.75 ? 136 HOH 1 O   1 
HETATM 989  O O   . HOH E 3 .   ? 11.037  12.081  5.820   1.00 24.91 ? 137 HOH 1 O   1 
HETATM 990  O O   . HOH E 3 .   ? -0.590  -17.881 -0.815  1.00 23.30 ? 138 HOH 1 O   1 
HETATM 991  O O   . HOH E 3 .   ? -11.132 -5.953  -7.447  1.00 16.25 ? 139 HOH 1 O   1 
HETATM 992  O O   . HOH E 3 .   ? 2.383   -11.733 -5.368  1.00 16.47 ? 140 HOH 1 O   1 
HETATM 993  O O   . HOH E 3 .   ? 0.671   -2.663  -15.662 1.00 18.86 ? 141 HOH 1 O   1 
HETATM 994  O O   . HOH E 3 .   ? 11.504  -2.326  -5.944  1.00 33.80 ? 142 HOH 1 O   1 
HETATM 995  O O   . HOH E 3 .   ? -4.499  15.754  3.990   1.00 15.03 ? 143 HOH 1 O   1 
HETATM 996  O O   . HOH E 3 .   ? -4.822  11.443  6.481   1.00 19.63 ? 144 HOH 1 O   1 
HETATM 997  O O   . HOH E 3 .   ? 17.258  -1.133  -2.777  1.00 30.68 ? 145 HOH 1 O   1 
HETATM 998  O O   . HOH E 3 .   ? 20.126  1.847   -0.750  1.00 27.17 ? 146 HOH 1 O   1 
HETATM 999  O O   . HOH E 3 .   ? 3.011   -2.100  -13.308 1.00 20.74 ? 147 HOH 1 O   1 
HETATM 1000 O O   . HOH E 3 .   ? 15.616  6.130   -8.535  1.00 30.18 ? 148 HOH 1 O   1 
HETATM 1001 O O   . HOH E 3 .   ? 6.912   -6.292  -4.793  1.00 18.29 ? 149 HOH 1 O   1 
HETATM 1002 O O   . HOH E 3 .   ? 5.894   -1.141  -9.769  1.00 20.93 ? 150 HOH 1 O   1 
HETATM 1003 O O   . HOH E 3 .   ? 3.438   12.737  7.074   1.00 19.71 ? 151 HOH 1 O   1 
HETATM 1004 O O   . HOH E 3 .   ? 2.547   18.052  3.459   1.00 17.75 ? 152 HOH 1 O   1 
HETATM 1005 O O   . HOH E 3 .   ? 0.524   -13.077 -9.315  1.00 23.55 ? 153 HOH 1 O   1 
HETATM 1006 O O   . HOH E 3 .   ? -4.086  1.955   10.897  1.00 14.63 ? 154 HOH 1 O   1 
HETATM 1007 O O   . HOH E 3 .   ? 5.402   6.340   11.674  1.00 8.71  ? 155 HOH 1 O   1 
HETATM 1008 O O   . HOH E 3 .   ? -1.061  12.511  5.656   1.00 10.00 ? 156 HOH 1 O   1 
HETATM 1009 O O   . HOH E 3 .   ? 1.971   -1.967  -10.537 1.00 15.92 ? 157 HOH 1 O   1 
HETATM 1010 O O   . HOH E 3 .   ? 1.968   16.355  9.965   1.00 35.79 ? 158 HOH 1 O   1 
HETATM 1011 O O   . HOH E 3 .   ? 1.490   19.081  8.562   1.00 31.14 ? 159 HOH 1 O   1 
HETATM 1012 O O   . HOH E 3 .   ? -3.666  13.816  5.772   1.00 11.54 ? 160 HOH 1 O   1 
HETATM 1013 O O   . HOH E 3 .   ? 3.782   10.194  13.361  1.00 35.01 ? 161 HOH 1 O   1 
HETATM 1014 O O   . HOH E 3 .   ? 6.898   4.505   13.204  1.00 17.52 ? 162 HOH 1 O   1 
HETATM 1015 O O   . HOH E 3 .   ? 16.109  -0.110  -0.809  1.00 19.25 ? 163 HOH 1 O   1 
HETATM 1016 O O   . HOH E 3 .   ? -3.953  11.575  8.988   1.00 25.73 ? 164 HOH 1 O   1 
HETATM 1017 O O   . HOH E 3 .   ? -14.574 -5.743  0.862   1.00 43.62 ? 165 HOH 1 O   1 
HETATM 1018 O O   . HOH E 3 .   ? 13.006  6.264   -9.205  1.00 27.66 ? 166 HOH 1 O   1 
HETATM 1019 O O   . HOH E 3 .   ? 15.706  4.555   -6.707  1.00 23.90 ? 167 HOH 1 O   1 
HETATM 1020 O O   . HOH E 3 .   ? 12.250  7.951   -7.184  1.00 16.85 ? 168 HOH 1 O   1 
HETATM 1021 O O   . HOH E 3 .   ? 7.036   -2.203  12.399  1.00 36.02 ? 169 HOH 1 O   1 
HETATM 1022 O O   . HOH E 3 .   ? 4.005   -8.416  6.970   1.00 48.84 ? 170 HOH 1 O   1 
HETATM 1023 O O   . HOH E 3 .   ? -4.934  9.565   10.058  1.00 29.00 ? 171 HOH 1 O   1 
HETATM 1024 O O   . HOH E 3 .   ? -12.777 -16.901 -3.486  1.00 40.28 ? 172 HOH 1 O   1 
HETATM 1025 O O   . HOH E 3 .   ? -2.151  -5.702  8.085   1.00 5.96  ? 173 HOH 1 O   1 
HETATM 1026 O O   . HOH E 3 .   ? 16.387  9.254   12.497  1.00 29.41 ? 174 HOH 1 O   1 
HETATM 1027 O O   . HOH E 3 .   ? 14.718  -3.980  -2.255  1.00 22.05 ? 175 HOH 1 O   1 
HETATM 1028 O O   . HOH E 3 .   ? 9.153   -2.258  -4.555  1.00 15.78 ? 176 HOH 1 O   1 
HETATM 1029 O O   . HOH E 3 .   ? 10.549  -4.056  -3.494  1.00 30.94 ? 177 HOH 1 O   1 
HETATM 1030 O O   . HOH E 3 .   ? 5.799   -7.259  5.623   1.00 36.42 ? 178 HOH 1 O   1 
HETATM 1031 O O   . HOH E 3 .   ? 16.132  -2.592  3.078   1.00 16.29 ? 179 HOH 1 O   1 
HETATM 1032 O O   . HOH E 3 .   ? 7.980   6.500   -13.892 1.00 38.24 ? 180 HOH 1 O   1 
HETATM 1033 O O   . HOH E 3 .   ? -17.721 2.437   2.415   1.00 28.54 ? 181 HOH 1 O   1 
HETATM 1034 O O   . HOH E 3 .   ? 10.870  -6.182  -2.232  1.00 39.34 ? 182 HOH 1 O   1 
HETATM 1035 O O   . HOH E 3 .   ? -5.259  -2.240  14.438  1.00 37.91 ? 183 HOH 1 O   1 
HETATM 1036 O O   . HOH E 3 .   ? -18.406 -1.777  0.973   1.00 27.85 ? 184 HOH 1 O   1 
HETATM 1037 O O   . HOH E 3 .   ? 7.315   14.799  6.045   1.00 27.44 ? 185 HOH 1 O   1 
HETATM 1038 O O   . HOH E 3 .   ? -16.047 -11.158 -0.990  1.00 32.65 ? 186 HOH 1 O   1 
HETATM 1039 O O   . HOH E 3 .   ? 4.180   -12.966 -0.640  1.00 37.88 ? 187 HOH 1 O   1 
HETATM 1040 O O   . HOH E 3 .   ? 14.578  11.338  11.363  1.00 7.66  ? 188 HOH 1 O   1 
HETATM 1041 O O   . HOH E 3 .   ? -15.517 3.781   1.829   1.00 9.97  ? 189 HOH 1 O   1 
HETATM 1042 O O   . HOH E 3 .   ? -0.399  8.778   -9.469  1.00 17.64 ? 190 HOH 1 O   1 
HETATM 1043 O O   . HOH E 3 .   ? 0.110   -15.495 -2.834  1.00 15.30 ? 191 HOH 1 O   1 
HETATM 1044 O O   . HOH E 3 .   ? -0.171  10.086  11.215  1.00 25.24 ? 192 HOH 1 O   1 
HETATM 1045 O O   . HOH E 3 .   ? 0.986   12.298  -2.330  1.00 20.86 ? 193 HOH 1 O   1 
HETATM 1046 O O   . HOH E 3 .   ? 9.450   -6.209  -0.302  1.00 26.28 ? 194 HOH 1 O   1 
HETATM 1047 O O   . HOH E 3 .   ? 8.423   -0.348  11.445  1.00 22.14 ? 195 HOH 1 O   1 
HETATM 1048 O O   . HOH E 3 .   ? -10.840 -4.148  -5.273  1.00 9.42  ? 196 HOH 1 O   1 
HETATM 1049 O O   . HOH E 3 .   ? 17.028  6.951   -1.176  1.00 19.84 ? 197 HOH 1 O   1 
HETATM 1050 O O   . HOH E 3 .   ? -15.909 -9.215  -5.975  1.00 35.18 ? 198 HOH 1 O   1 
HETATM 1051 O O   . HOH E 3 .   ? -6.120  7.823   8.445   1.00 17.59 ? 199 HOH 1 O   1 
HETATM 1052 O O   . HOH E 3 .   ? -7.735  -16.142 0.957   1.00 24.85 ? 200 HOH 1 O   1 
HETATM 1053 O O   . HOH E 3 .   ? 3.870   13.140  -4.516  1.00 31.84 ? 201 HOH 1 O   1 
HETATM 1054 O O   . HOH E 3 .   ? 5.788   -9.627  -1.177  1.00 29.28 ? 202 HOH 1 O   1 
HETATM 1055 O O   . HOH E 3 .   ? 1.255   15.597  -1.825  1.00 29.34 ? 203 HOH 1 O   1 
HETATM 1056 O O   . HOH E 3 .   ? 15.696  1.102   9.019   1.00 24.00 ? 204 HOH 1 O   1 
HETATM 1057 O O   . HOH E 3 .   ? 6.160   1.494   -14.064 1.00 36.09 ? 205 HOH 1 O   1 
HETATM 1058 O O   . HOH E 3 .   ? 14.932  5.929   -4.641  1.00 18.73 ? 206 HOH 1 O   1 
HETATM 1059 O O   . HOH E 3 .   ? 0.657   12.131  7.637   1.00 20.20 ? 207 HOH 1 O   1 
HETATM 1060 O O   . HOH E 3 .   ? -4.795  -12.754 -6.631  1.00 29.48 ? 208 HOH 1 O   1 
HETATM 1061 O O   . HOH E 3 .   ? 1.608   -18.044 0.718   1.00 29.60 ? 209 HOH 1 O   1 
HETATM 1062 O O   . HOH E 3 .   ? 7.064   13.630  3.179   1.00 22.04 ? 210 HOH 1 O   1 
HETATM 1063 O O   . HOH E 3 .   ? -7.113  -1.212  10.975  1.00 26.37 ? 211 HOH 1 O   1 
HETATM 1064 O O   . HOH E 3 .   ? -19.326 -4.172  -1.740  1.00 28.76 ? 212 HOH 1 O   1 
HETATM 1065 O O   . HOH E 3 .   ? -11.759 -1.376  6.444   1.00 21.92 ? 213 HOH 1 O   1 
HETATM 1066 O O   . HOH E 3 .   ? -2.081  2.888   -14.789 1.00 23.87 ? 214 HOH 1 O   1 
HETATM 1067 O O   . HOH E 3 .   ? -14.555 -13.079 -1.163  1.00 25.29 ? 215 HOH 1 O   1 
HETATM 1068 O O   . HOH E 3 .   ? 6.677   2.148   14.645  1.00 25.01 ? 216 HOH 1 O   1 
HETATM 1069 O O   . HOH E 3 .   ? -4.738  12.606  -7.022  1.00 17.49 ? 217 HOH 1 O   1 
HETATM 1070 O O   . HOH E 3 .   ? -5.257  -0.532  12.805  1.00 23.42 ? 218 HOH 1 O   1 
HETATM 1071 O O   . HOH E 3 .   ? -15.393 -12.283 10.792  1.00 32.41 ? 219 HOH 1 O   1 
HETATM 1072 O O   . HOH E 3 .   ? 3.925   -4.665  7.165   1.00 18.70 ? 220 HOH 1 O   1 
HETATM 1073 O O   . HOH E 3 .   ? 4.212   -8.847  -15.337 1.00 26.02 ? 221 HOH 1 O   1 
HETATM 1074 O O   . HOH E 3 .   ? 8.793   8.346   -12.151 1.00 27.80 ? 222 HOH 1 O   1 
HETATM 1075 O O   . HOH E 3 .   ? -14.136 -9.005  9.104   1.00 36.42 ? 223 HOH 1 O   1 
HETATM 1076 O O   . HOH E 3 .   ? 9.612   9.557   -5.817  1.00 25.50 ? 224 HOH 1 O   1 
HETATM 1077 O O   . HOH E 3 .   ? -7.373  -3.800  14.786  1.00 28.17 ? 225 HOH 1 O   1 
HETATM 1078 O O   . HOH E 3 .   ? -18.294 -5.884  2.799   1.00 35.07 ? 226 HOH 1 O   1 
HETATM 1079 O O   . HOH E 3 .   ? 9.074   -4.296  5.828   1.00 13.62 ? 227 HOH 1 O   1 
HETATM 1080 O O   . HOH E 3 .   ? 2.462   -3.013  7.387   1.00 37.68 ? 228 HOH 1 O   1 
HETATM 1081 O O   . HOH E 3 .   ? 10.803  -6.119  1.893   1.00 30.98 ? 229 HOH 1 O   1 
HETATM 1082 O O   . HOH E 3 .   ? 0.481   -12.245 -6.080  1.00 33.73 ? 230 HOH 1 O   1 
HETATM 1083 O O   . HOH E 3 .   ? -7.551  5.753   10.870  1.00 36.21 ? 231 HOH 1 O   1 
# 
